data_8JEN
#
_entry.id   8JEN
#
_cell.length_a   100.320
_cell.length_b   79.350
_cell.length_c   173.690
_cell.angle_alpha   90.00
_cell.angle_beta   101.67
_cell.angle_gamma   90.00
#
_symmetry.space_group_name_H-M   'P 1 21 1'
#
loop_
_entity.id
_entity.type
_entity.pdbx_description
1 polymer 'antibody heavy chain'
2 polymer 'antibody light chain'
3 polymer 'T-cell immunoreceptor with Ig and ITIM domains'
4 water water
#
loop_
_entity_poly.entity_id
_entity_poly.type
_entity_poly.pdbx_seq_one_letter_code
_entity_poly.pdbx_strand_id
1 'polypeptide(L)'
;EVQLVESGGGLVQPGGSLRLSCAASGFTFSDYYMYWVRQAPGKGLEWVAYITKGGGSTYYPDSVKGRFTISRDNAKNTLY
LQMNSLRAEDTAVYYCARQTNYDFTMDYWGQGTLVTVSSASTKGPSVFPLAPSSKSTSGGTAALGCLVKDYFPEPVTVSW
NSGALTSGVHTFPAVLQSSGLYSLSSVVTVPSSSLGTQTYICNVNHKPSNTKVDKKVEPKSC
;
A,C,E,G
2 'polypeptide(L)'
;EIVMTQSPATLSVSPGERATLSCKASQDVGTSVAWYQQKPGQAPRLLIYWASARHTGIPARFSGSGSGTEFTLTISSLQS
EDFAVYYCQQYSSYPLTFGGGTKVEIKRTVAAPSVFIFPPSDEQLKSGTASVVCLLNNFYPREAKVQWKVDNALQSGNSQ
ESVTEQDSKDSTYSLSSTLTLSKADYEKHKVYACEVTHQGLSSPVTKSFNRGEC
;
B,D,F,H
3 'polypeptide(L)'
;MMTGTIETTGNISAEKGGSIILQCHLSSTTAQVTQVNWEQQDQLLAICNADLGWHISPSFKDRVAPGPGLGLTLQSLTVN
DTGEYFCIYHTYPDGTYTGRIFLEVLELEHHHHHH
;
I,J,M,P
#
# COMPACT_ATOMS: atom_id res chain seq x y z
N GLU A 1 36.05 -15.74 -11.84
CA GLU A 1 34.73 -16.15 -11.38
C GLU A 1 34.82 -16.76 -9.99
N VAL A 2 34.11 -16.17 -9.02
CA VAL A 2 34.11 -16.70 -7.67
C VAL A 2 33.46 -18.08 -7.63
N GLN A 3 34.12 -19.02 -6.92
CA GLN A 3 33.70 -20.42 -6.83
C GLN A 3 33.76 -20.91 -5.38
N LEU A 4 32.69 -21.55 -4.92
CA LEU A 4 32.64 -22.15 -3.59
C LEU A 4 32.07 -23.56 -3.73
N VAL A 5 32.80 -24.55 -3.21
CA VAL A 5 32.39 -25.94 -3.29
C VAL A 5 32.30 -26.53 -1.90
N GLU A 6 31.10 -26.96 -1.53
CA GLU A 6 30.81 -27.62 -0.27
C GLU A 6 30.96 -29.13 -0.40
N SER A 7 31.37 -29.76 0.70
CA SER A 7 31.64 -31.18 0.76
C SER A 7 31.53 -31.66 2.20
N GLY A 8 31.09 -32.91 2.35
CA GLY A 8 31.01 -33.53 3.67
C GLY A 8 29.62 -33.97 4.05
N GLY A 9 28.60 -33.70 3.22
CA GLY A 9 27.24 -34.04 3.58
C GLY A 9 26.99 -35.53 3.48
N GLY A 10 26.05 -35.99 4.30
CA GLY A 10 25.64 -37.38 4.27
C GLY A 10 24.84 -37.70 5.52
N LEU A 11 24.50 -38.98 5.66
CA LEU A 11 23.72 -39.38 6.82
C LEU A 11 24.59 -39.48 8.05
N VAL A 12 24.04 -39.05 9.18
CA VAL A 12 24.68 -39.16 10.48
C VAL A 12 23.60 -39.40 11.50
N GLN A 13 23.89 -40.26 12.48
CA GLN A 13 22.95 -40.57 13.53
C GLN A 13 22.86 -39.42 14.52
N PRO A 14 21.68 -39.20 15.10
CA PRO A 14 21.55 -38.18 16.14
C PRO A 14 22.60 -38.34 17.23
N GLY A 15 23.05 -37.21 17.76
CA GLY A 15 24.14 -37.18 18.72
C GLY A 15 25.51 -37.24 18.12
N GLY A 16 25.63 -37.67 16.86
CA GLY A 16 26.91 -37.84 16.20
C GLY A 16 27.64 -36.56 15.86
N SER A 17 28.60 -36.66 14.94
CA SER A 17 29.39 -35.51 14.54
C SER A 17 29.70 -35.61 13.05
N LEU A 18 29.83 -34.45 12.41
CA LEU A 18 30.16 -34.37 10.99
C LEU A 18 30.97 -33.10 10.78
N ARG A 19 31.68 -33.03 9.66
CA ARG A 19 32.57 -31.90 9.39
C ARG A 19 32.45 -31.50 7.93
N LEU A 20 32.14 -30.24 7.66
CA LEU A 20 31.86 -29.78 6.31
C LEU A 20 33.02 -28.93 5.78
N SER A 21 33.07 -28.82 4.46
CA SER A 21 34.20 -28.19 3.79
C SER A 21 33.69 -27.31 2.67
N CYS A 22 34.28 -26.14 2.58
CA CYS A 22 34.05 -25.24 1.48
C CYS A 22 35.39 -24.95 0.86
N ALA A 23 35.49 -25.15 -0.44
CA ALA A 23 36.73 -24.98 -1.19
C ALA A 23 36.57 -23.77 -2.08
N ALA A 24 37.39 -22.75 -1.83
CA ALA A 24 37.30 -21.48 -2.53
C ALA A 24 38.27 -21.45 -3.70
N SER A 25 37.98 -20.55 -4.65
CA SER A 25 38.86 -20.25 -5.77
C SER A 25 38.36 -18.96 -6.46
N GLY A 26 39.28 -18.29 -7.15
CA GLY A 26 38.89 -17.11 -7.91
C GLY A 26 38.83 -15.81 -7.11
N PHE A 27 39.34 -15.80 -5.88
CA PHE A 27 39.33 -14.61 -5.06
C PHE A 27 40.26 -14.85 -3.87
N THR A 28 40.91 -13.78 -3.41
CA THR A 28 41.81 -13.94 -2.29
C THR A 28 41.07 -14.34 -1.02
N PHE A 29 40.92 -15.65 -0.82
CA PHE A 29 40.13 -16.20 0.28
C PHE A 29 40.45 -15.55 1.64
N SER A 30 41.69 -15.06 1.83
CA SER A 30 42.17 -14.57 3.12
C SER A 30 41.73 -13.13 3.42
N ASP A 31 41.26 -12.41 2.42
CA ASP A 31 40.79 -11.06 2.62
C ASP A 31 39.33 -11.01 3.04
N TYR A 32 38.61 -12.12 2.88
CA TYR A 32 37.15 -12.13 2.95
C TYR A 32 36.64 -12.81 4.22
N TYR A 33 35.57 -12.23 4.78
CA TYR A 33 34.82 -12.81 5.88
C TYR A 33 33.84 -13.85 5.33
N MET A 34 33.61 -14.91 6.10
CA MET A 34 32.94 -16.08 5.58
C MET A 34 31.77 -16.44 6.48
N TYR A 35 30.74 -17.02 5.86
CA TYR A 35 29.55 -17.47 6.57
C TYR A 35 29.23 -18.91 6.20
N TRP A 36 28.50 -19.57 7.12
CA TRP A 36 27.68 -20.73 6.81
C TRP A 36 26.19 -20.39 6.97
N VAL A 37 25.37 -20.83 6.01
CA VAL A 37 23.92 -20.67 6.09
C VAL A 37 23.29 -22.02 5.78
N ARG A 38 22.15 -22.33 6.42
CA ARG A 38 21.48 -23.62 6.22
C ARG A 38 20.00 -23.44 5.88
N GLN A 39 19.44 -24.49 5.25
CA GLN A 39 18.11 -24.46 4.65
C GLN A 39 17.51 -25.87 4.66
N ALA A 40 16.52 -26.08 5.53
CA ALA A 40 15.79 -27.33 5.55
C ALA A 40 15.05 -27.53 4.24
N PRO A 41 14.86 -28.77 3.80
CA PRO A 41 14.10 -29.02 2.57
C PRO A 41 12.73 -28.36 2.65
N GLY A 42 12.43 -27.52 1.66
CA GLY A 42 11.17 -26.80 1.60
C GLY A 42 11.06 -25.60 2.53
N LYS A 43 11.89 -25.50 3.55
CA LYS A 43 11.83 -24.36 4.44
C LYS A 43 12.77 -23.26 3.95
N GLY A 44 13.03 -22.26 4.79
CA GLY A 44 13.73 -21.04 4.43
C GLY A 44 15.21 -21.11 4.74
N LEU A 45 15.81 -19.92 4.95
CA LEU A 45 17.23 -19.77 5.19
C LEU A 45 17.49 -19.36 6.63
N GLU A 46 18.52 -19.94 7.22
CA GLU A 46 18.85 -19.68 8.61
C GLU A 46 20.37 -19.49 8.73
N TRP A 47 20.80 -18.31 9.17
CA TRP A 47 22.21 -18.08 9.39
C TRP A 47 22.71 -19.01 10.49
N VAL A 48 23.86 -19.67 10.26
CA VAL A 48 24.38 -20.62 11.25
C VAL A 48 25.77 -20.29 11.77
N ALA A 49 26.63 -19.64 10.97
CA ALA A 49 27.99 -19.39 11.44
C ALA A 49 28.69 -18.25 10.68
N TYR A 50 29.41 -17.41 11.44
CA TYR A 50 30.19 -16.29 10.90
C TYR A 50 31.60 -16.34 11.47
N ILE A 51 32.58 -15.94 10.66
CA ILE A 51 33.99 -15.93 11.06
C ILE A 51 34.72 -14.79 10.39
N THR A 52 35.74 -14.26 11.08
CA THR A 52 36.54 -13.13 10.58
C THR A 52 37.52 -13.59 9.49
N LYS A 53 38.12 -12.62 8.81
CA LYS A 53 39.02 -12.93 7.70
C LYS A 53 40.21 -13.78 8.14
N GLY A 54 40.70 -13.59 9.36
CA GLY A 54 41.86 -14.34 9.79
C GLY A 54 41.50 -15.42 10.78
N GLY A 55 40.20 -15.50 11.11
CA GLY A 55 39.72 -16.49 12.05
C GLY A 55 39.73 -16.09 13.50
N GLY A 56 40.01 -14.81 13.81
CA GLY A 56 40.13 -14.40 15.21
C GLY A 56 38.83 -14.40 15.97
N SER A 57 37.72 -14.13 15.30
CA SER A 57 36.42 -14.01 15.94
C SER A 57 35.39 -14.85 15.18
N THR A 58 34.47 -15.42 15.95
CA THR A 58 33.45 -16.32 15.43
C THR A 58 32.13 -15.96 16.10
N TYR A 59 31.03 -16.07 15.37
CA TYR A 59 29.75 -15.71 15.94
C TYR A 59 28.73 -16.76 15.52
N TYR A 60 27.92 -17.22 16.46
CA TYR A 60 26.91 -18.22 16.23
C TYR A 60 25.55 -17.77 16.76
N PRO A 61 24.45 -18.25 16.18
CA PRO A 61 23.15 -18.10 16.83
C PRO A 61 22.99 -19.06 18.00
N ASP A 62 22.04 -18.75 18.88
CA ASP A 62 21.77 -19.63 20.01
C ASP A 62 21.43 -21.06 19.56
N SER A 63 20.79 -21.22 18.40
CA SER A 63 20.34 -22.54 17.98
C SER A 63 21.48 -23.55 17.98
N VAL A 64 22.63 -23.15 17.47
CA VAL A 64 23.74 -24.07 17.29
C VAL A 64 24.89 -23.78 18.24
N LYS A 65 24.77 -22.77 19.09
CA LYS A 65 25.92 -22.31 19.87
C LYS A 65 26.37 -23.39 20.85
N GLY A 66 27.67 -23.65 20.85
CA GLY A 66 28.24 -24.67 21.71
C GLY A 66 28.27 -26.05 21.13
N ARG A 67 27.83 -26.22 19.90
CA ARG A 67 27.79 -27.48 19.17
C ARG A 67 28.46 -27.38 17.80
N PHE A 68 28.27 -26.26 17.09
CA PHE A 68 28.94 -26.01 15.82
C PHE A 68 30.17 -25.15 16.04
N THR A 69 31.20 -25.35 15.21
CA THR A 69 32.43 -24.56 15.30
C THR A 69 32.90 -24.19 13.90
N ILE A 70 32.87 -22.93 13.58
CA ILE A 70 33.33 -22.47 12.28
C ILE A 70 34.83 -22.25 12.36
N SER A 71 35.51 -22.43 11.24
CA SER A 71 36.96 -22.33 11.25
C SER A 71 37.42 -22.16 9.81
N ARG A 72 38.67 -21.74 9.66
CA ARG A 72 39.27 -21.69 8.34
C ARG A 72 40.74 -22.10 8.45
N ASP A 73 41.26 -22.60 7.34
CA ASP A 73 42.69 -22.75 7.11
C ASP A 73 42.97 -21.91 5.90
N ASN A 74 43.73 -20.82 6.10
CA ASN A 74 43.84 -19.88 5.00
C ASN A 74 44.73 -20.39 3.89
N ALA A 75 45.69 -21.27 4.18
CA ALA A 75 46.53 -21.78 3.09
C ALA A 75 45.86 -22.88 2.29
N LYS A 76 44.88 -23.57 2.87
CA LYS A 76 44.15 -24.59 2.13
C LYS A 76 43.01 -24.00 1.31
N ASN A 77 42.78 -22.69 1.41
CA ASN A 77 41.64 -22.00 0.79
C ASN A 77 40.34 -22.72 1.14
N THR A 78 40.19 -23.04 2.42
CA THR A 78 39.14 -23.92 2.90
C THR A 78 38.51 -23.35 4.15
N LEU A 79 37.19 -23.42 4.20
CA LEU A 79 36.39 -23.12 5.38
C LEU A 79 35.70 -24.39 5.85
N TYR A 80 35.64 -24.58 7.18
CA TYR A 80 35.17 -25.80 7.80
C TYR A 80 34.05 -25.51 8.78
N LEU A 81 33.13 -26.46 8.89
CA LEU A 81 32.09 -26.42 9.91
C LEU A 81 32.08 -27.74 10.64
N GLN A 82 32.34 -27.72 11.95
CA GLN A 82 32.40 -28.92 12.77
C GLN A 82 31.10 -29.04 13.56
N MET A 83 30.27 -30.02 13.20
CA MET A 83 28.94 -30.18 13.78
C MET A 83 28.95 -31.30 14.81
N ASN A 84 28.92 -30.93 16.07
CA ASN A 84 28.91 -31.87 17.18
C ASN A 84 27.52 -31.96 17.78
N SER A 85 27.26 -33.09 18.44
CA SER A 85 26.02 -33.37 19.15
C SER A 85 24.79 -33.05 18.29
N LEU A 86 24.73 -33.75 17.16
CA LEU A 86 23.74 -33.41 16.15
C LEU A 86 22.32 -33.80 16.59
N ARG A 87 21.35 -33.00 16.13
CA ARG A 87 19.93 -33.13 16.41
C ARG A 87 19.17 -33.41 15.11
N ALA A 88 17.95 -33.91 15.23
CA ALA A 88 17.17 -34.21 14.05
C ALA A 88 16.93 -32.97 13.20
N GLU A 89 16.51 -31.88 13.84
CA GLU A 89 16.16 -30.65 13.15
C GLU A 89 17.38 -29.91 12.61
N ASP A 90 18.58 -30.47 12.75
CA ASP A 90 19.74 -29.96 12.05
C ASP A 90 19.76 -30.36 10.58
N THR A 91 18.79 -31.12 10.10
CA THR A 91 18.83 -31.61 8.73
C THR A 91 18.58 -30.45 7.76
N ALA A 92 19.51 -30.22 6.83
CA ALA A 92 19.37 -29.12 5.90
C ALA A 92 20.43 -29.21 4.81
N VAL A 93 20.23 -28.44 3.75
CA VAL A 93 21.33 -28.13 2.84
C VAL A 93 22.16 -27.05 3.49
N TYR A 94 23.46 -27.26 3.58
CA TYR A 94 24.34 -26.29 4.20
C TYR A 94 25.16 -25.57 3.13
N TYR A 95 25.07 -24.25 3.10
CA TYR A 95 25.83 -23.41 2.18
C TYR A 95 26.91 -22.64 2.94
N CYS A 96 28.12 -22.55 2.37
CA CYS A 96 29.06 -21.53 2.79
C CYS A 96 28.86 -20.30 1.91
N ALA A 97 29.14 -19.11 2.49
CA ALA A 97 28.96 -17.84 1.79
C ALA A 97 30.09 -16.89 2.12
N ARG A 98 30.42 -16.05 1.14
CA ARG A 98 31.39 -14.99 1.27
C ARG A 98 30.70 -13.66 1.55
N GLN A 99 31.27 -12.90 2.48
CA GLN A 99 30.76 -11.58 2.77
C GLN A 99 31.21 -10.58 1.71
N THR A 100 30.35 -9.62 1.41
CA THR A 100 30.75 -8.46 0.62
C THR A 100 31.82 -7.71 1.38
N ASN A 101 32.88 -7.31 0.68
CA ASN A 101 33.85 -6.43 1.30
C ASN A 101 33.48 -4.97 1.09
N TYR A 102 32.27 -4.69 0.64
CA TYR A 102 31.77 -3.34 0.57
C TYR A 102 30.50 -3.13 1.41
N ASP A 103 30.04 -4.17 2.10
CA ASP A 103 28.89 -4.10 3.00
C ASP A 103 29.06 -5.22 4.02
N PHE A 104 28.00 -5.49 4.79
CA PHE A 104 28.08 -6.61 5.74
C PHE A 104 27.10 -7.75 5.42
N THR A 105 27.09 -8.26 4.20
CA THR A 105 26.35 -9.52 3.98
C THR A 105 27.01 -10.36 2.91
N MET A 106 26.20 -11.25 2.35
CA MET A 106 26.62 -12.37 1.56
C MET A 106 26.43 -12.07 0.09
N ASP A 107 27.50 -12.19 -0.69
CA ASP A 107 27.37 -12.04 -2.12
C ASP A 107 27.35 -13.39 -2.84
N TYR A 108 28.26 -14.30 -2.53
CA TYR A 108 28.35 -15.55 -3.27
C TYR A 108 28.23 -16.75 -2.35
N TRP A 109 27.41 -17.72 -2.79
CA TRP A 109 27.12 -18.94 -2.07
C TRP A 109 27.59 -20.12 -2.92
N GLY A 110 28.00 -21.19 -2.27
CA GLY A 110 28.25 -22.42 -3.02
C GLY A 110 26.95 -23.09 -3.42
N GLN A 111 27.05 -24.27 -4.02
CA GLN A 111 25.83 -24.96 -4.42
C GLN A 111 25.16 -25.68 -3.27
N GLY A 112 25.92 -26.04 -2.25
CA GLY A 112 25.42 -26.65 -1.04
C GLY A 112 25.84 -28.11 -0.93
N THR A 113 25.82 -28.61 0.31
CA THR A 113 25.92 -30.03 0.60
C THR A 113 24.88 -30.37 1.65
N LEU A 114 24.25 -31.54 1.50
CA LEU A 114 23.05 -31.91 2.26
C LEU A 114 23.41 -32.84 3.40
N VAL A 115 23.02 -32.45 4.62
CA VAL A 115 23.18 -33.25 5.82
C VAL A 115 21.83 -33.86 6.19
N THR A 116 21.84 -35.13 6.60
CA THR A 116 20.62 -35.80 7.02
C THR A 116 20.85 -36.46 8.37
N VAL A 117 20.04 -36.06 9.36
CA VAL A 117 20.17 -36.57 10.72
C VAL A 117 18.95 -37.44 11.00
N SER A 118 19.18 -38.76 11.06
CA SER A 118 18.11 -39.70 11.33
C SER A 118 18.71 -40.98 11.90
N SER A 119 17.95 -41.62 12.78
CA SER A 119 18.33 -42.96 13.22
C SER A 119 18.21 -43.98 12.08
N ALA A 120 17.50 -43.63 11.00
CA ALA A 120 17.15 -44.59 9.96
C ALA A 120 18.39 -45.13 9.28
N SER A 121 18.20 -46.23 8.56
CA SER A 121 19.28 -46.92 7.86
C SER A 121 19.31 -46.51 6.39
N THR A 122 20.51 -46.42 5.84
CA THR A 122 20.63 -46.27 4.40
C THR A 122 19.96 -47.44 3.70
N LYS A 123 19.39 -47.17 2.54
CA LYS A 123 18.86 -48.20 1.67
C LYS A 123 18.72 -47.62 0.28
N GLY A 124 19.12 -48.41 -0.71
CA GLY A 124 19.09 -47.96 -2.07
C GLY A 124 17.75 -48.26 -2.71
N PRO A 125 17.59 -47.77 -3.93
CA PRO A 125 16.30 -47.83 -4.60
C PRO A 125 16.13 -49.10 -5.41
N SER A 126 14.89 -49.57 -5.47
CA SER A 126 14.47 -50.43 -6.55
C SER A 126 13.87 -49.55 -7.63
N VAL A 127 14.04 -49.96 -8.89
CA VAL A 127 13.63 -49.17 -10.04
C VAL A 127 12.71 -50.05 -10.88
N PHE A 128 11.45 -49.66 -10.96
CA PHE A 128 10.48 -50.39 -11.77
C PHE A 128 10.05 -49.53 -12.94
N PRO A 129 9.62 -50.12 -14.05
CA PRO A 129 9.24 -49.31 -15.20
C PRO A 129 7.80 -48.79 -15.12
N LEU A 130 7.58 -47.74 -15.91
CA LEU A 130 6.27 -47.19 -16.20
C LEU A 130 6.11 -47.34 -17.71
N ALA A 131 5.56 -48.47 -18.14
CA ALA A 131 5.64 -48.87 -19.53
C ALA A 131 4.61 -48.14 -20.38
N PRO A 132 5.00 -47.71 -21.59
CA PRO A 132 4.07 -46.99 -22.47
C PRO A 132 2.91 -47.87 -22.94
N SER A 133 1.69 -47.35 -22.81
CA SER A 133 0.48 -48.12 -23.15
C SER A 133 -0.17 -47.67 -24.45
N SER A 134 -1.43 -47.22 -24.38
CA SER A 134 -2.26 -47.02 -25.57
C SER A 134 -2.17 -45.62 -26.19
N GLY A 140 0.34 -38.67 -32.73
CA GLY A 140 0.11 -38.87 -31.30
C GLY A 140 1.42 -39.09 -30.57
N THR A 141 1.41 -38.84 -29.25
CA THR A 141 2.58 -39.06 -28.42
C THR A 141 2.19 -39.97 -27.26
N ALA A 142 3.18 -40.69 -26.73
CA ALA A 142 2.99 -41.59 -25.61
C ALA A 142 3.97 -41.24 -24.49
N ALA A 143 3.69 -41.75 -23.30
CA ALA A 143 4.48 -41.46 -22.12
C ALA A 143 4.98 -42.74 -21.47
N LEU A 144 6.21 -42.68 -20.95
CA LEU A 144 6.83 -43.80 -20.25
C LEU A 144 7.71 -43.22 -19.16
N GLY A 145 8.18 -44.07 -18.25
CA GLY A 145 8.96 -43.55 -17.14
C GLY A 145 9.44 -44.65 -16.21
N CYS A 146 10.04 -44.21 -15.10
CA CYS A 146 10.61 -45.10 -14.09
C CYS A 146 10.07 -44.71 -12.73
N LEU A 147 10.11 -45.65 -11.80
CA LEU A 147 9.67 -45.45 -10.43
C LEU A 147 10.81 -45.86 -9.53
N VAL A 148 11.44 -44.90 -8.88
CA VAL A 148 12.57 -45.15 -8.01
C VAL A 148 11.98 -45.28 -6.61
N LYS A 149 11.79 -46.51 -6.13
CA LYS A 149 10.96 -46.74 -4.96
C LYS A 149 11.77 -47.22 -3.76
N ASP A 150 11.46 -46.65 -2.60
CA ASP A 150 11.94 -47.11 -1.29
C ASP A 150 13.42 -46.92 -1.06
N TYR A 151 13.90 -45.68 -0.97
CA TYR A 151 15.32 -45.44 -0.70
C TYR A 151 15.44 -44.41 0.41
N PHE A 152 16.67 -44.30 0.93
CA PHE A 152 16.99 -43.40 2.03
C PHE A 152 18.50 -43.30 2.17
N PRO A 153 19.04 -42.10 2.41
CA PRO A 153 18.26 -40.87 2.39
C PRO A 153 18.31 -40.24 1.02
N GLU A 154 18.18 -38.93 1.00
CA GLU A 154 18.24 -38.22 -0.27
C GLU A 154 19.69 -37.94 -0.63
N PRO A 155 19.98 -37.64 -1.90
CA PRO A 155 19.09 -37.55 -3.06
C PRO A 155 19.25 -38.72 -4.01
N VAL A 156 18.46 -38.75 -5.07
CA VAL A 156 18.73 -39.60 -6.22
C VAL A 156 18.73 -38.71 -7.46
N THR A 157 19.66 -39.00 -8.36
CA THR A 157 19.56 -38.38 -9.66
C THR A 157 19.04 -39.42 -10.64
N VAL A 158 18.45 -38.94 -11.72
CA VAL A 158 17.88 -39.83 -12.73
C VAL A 158 18.09 -39.21 -14.10
N SER A 159 18.93 -39.83 -14.92
CA SER A 159 19.12 -39.40 -16.30
C SER A 159 18.25 -40.26 -17.21
N TRP A 160 18.30 -39.98 -18.51
CA TRP A 160 17.64 -40.83 -19.49
C TRP A 160 18.56 -41.02 -20.69
N ASN A 161 18.88 -42.28 -20.98
CA ASN A 161 19.75 -42.67 -22.09
C ASN A 161 21.13 -42.01 -21.94
N SER A 162 21.62 -41.99 -20.71
CA SER A 162 22.96 -41.50 -20.37
C SER A 162 23.14 -40.01 -20.69
N GLY A 163 22.04 -39.25 -20.68
CA GLY A 163 22.08 -37.83 -20.98
C GLY A 163 21.68 -37.47 -22.38
N ALA A 164 21.45 -38.47 -23.25
CA ALA A 164 21.04 -38.16 -24.61
C ALA A 164 19.57 -37.74 -24.68
N LEU A 165 18.75 -38.21 -23.73
CA LEU A 165 17.36 -37.84 -23.62
C LEU A 165 17.19 -36.77 -22.54
N THR A 166 16.71 -35.60 -22.94
CA THR A 166 16.55 -34.49 -21.99
C THR A 166 15.24 -33.75 -22.22
N SER A 167 14.97 -33.35 -23.46
CA SER A 167 13.74 -32.64 -23.78
C SER A 167 12.53 -33.55 -23.58
N GLY A 168 11.55 -33.07 -22.82
CA GLY A 168 10.36 -33.84 -22.56
C GLY A 168 10.35 -34.61 -21.26
N VAL A 169 11.41 -34.51 -20.46
CA VAL A 169 11.55 -35.30 -19.24
C VAL A 169 10.99 -34.53 -18.06
N HIS A 170 10.45 -35.23 -17.07
CA HIS A 170 10.11 -34.61 -15.79
C HIS A 170 10.48 -35.58 -14.68
N THR A 171 11.47 -35.24 -13.87
CA THR A 171 11.84 -36.07 -12.73
C THR A 171 11.27 -35.43 -11.48
N PHE A 172 10.26 -36.08 -10.89
CA PHE A 172 9.40 -35.44 -9.91
C PHE A 172 10.08 -35.34 -8.55
N PRO A 173 9.73 -34.33 -7.75
CA PRO A 173 10.19 -34.29 -6.36
C PRO A 173 9.87 -35.60 -5.68
N ALA A 174 10.86 -36.14 -4.99
CA ALA A 174 10.57 -37.27 -4.12
C ALA A 174 9.51 -36.88 -3.11
N VAL A 175 8.69 -37.86 -2.74
CA VAL A 175 7.78 -37.77 -1.62
C VAL A 175 8.22 -38.82 -0.62
N LEU A 176 8.22 -38.49 0.66
CA LEU A 176 8.48 -39.49 1.69
C LEU A 176 7.20 -40.26 1.99
N GLN A 177 7.31 -41.58 2.01
CA GLN A 177 6.21 -42.48 2.32
C GLN A 177 6.13 -42.71 3.83
N SER A 178 5.03 -43.33 4.27
CA SER A 178 4.86 -43.58 5.69
C SER A 178 5.92 -44.54 6.22
N SER A 179 6.51 -45.38 5.35
CA SER A 179 7.51 -46.36 5.77
C SER A 179 8.77 -45.70 6.31
N GLY A 180 9.01 -44.44 5.98
CA GLY A 180 10.27 -43.82 6.26
C GLY A 180 11.18 -43.74 5.05
N LEU A 181 10.66 -44.04 3.87
CA LEU A 181 11.48 -44.14 2.68
C LEU A 181 10.95 -43.21 1.61
N TYR A 182 11.85 -42.69 0.80
CA TYR A 182 11.47 -41.80 -0.27
C TYR A 182 11.07 -42.62 -1.48
N SER A 183 10.42 -41.95 -2.43
CA SER A 183 10.15 -42.55 -3.72
C SER A 183 9.80 -41.44 -4.69
N LEU A 184 10.15 -41.64 -5.95
CA LEU A 184 9.82 -40.63 -6.95
C LEU A 184 9.57 -41.31 -8.27
N SER A 185 9.13 -40.52 -9.22
CA SER A 185 8.95 -40.97 -10.59
C SER A 185 9.73 -40.05 -11.51
N SER A 186 10.09 -40.57 -12.68
CA SER A 186 10.69 -39.76 -13.72
C SER A 186 10.05 -40.21 -15.01
N VAL A 187 9.61 -39.28 -15.84
CA VAL A 187 8.83 -39.62 -17.03
C VAL A 187 9.40 -38.86 -18.21
N VAL A 188 8.95 -39.25 -19.41
CA VAL A 188 9.25 -38.53 -20.64
C VAL A 188 8.20 -38.91 -21.67
N THR A 189 7.88 -37.97 -22.56
CA THR A 189 6.88 -38.19 -23.59
C THR A 189 7.59 -38.21 -24.93
N VAL A 190 7.45 -39.32 -25.66
CA VAL A 190 8.12 -39.46 -26.95
C VAL A 190 7.07 -39.58 -28.05
N PRO A 191 7.46 -39.54 -29.33
CA PRO A 191 6.51 -39.91 -30.38
C PRO A 191 6.19 -41.40 -30.31
N SER A 192 4.96 -41.73 -30.72
CA SER A 192 4.53 -43.12 -30.72
C SER A 192 5.39 -43.95 -31.66
N SER A 193 5.48 -43.53 -32.92
CA SER A 193 6.20 -44.30 -33.94
C SER A 193 7.59 -44.70 -33.48
N SER A 194 8.25 -43.87 -32.70
CA SER A 194 9.57 -44.25 -32.21
C SER A 194 9.51 -45.44 -31.26
N LEU A 195 8.33 -45.85 -30.79
CA LEU A 195 8.26 -46.87 -29.76
C LEU A 195 8.79 -48.21 -30.25
N GLY A 196 8.41 -48.64 -31.46
CA GLY A 196 8.94 -49.87 -32.00
C GLY A 196 10.40 -49.84 -32.40
N THR A 197 11.05 -48.67 -32.29
CA THR A 197 12.34 -48.40 -32.94
C THR A 197 13.44 -47.98 -31.99
N GLN A 198 13.13 -47.14 -31.01
CA GLN A 198 14.13 -46.47 -30.18
C GLN A 198 14.18 -47.07 -28.79
N THR A 199 15.39 -47.22 -28.25
CA THR A 199 15.56 -47.77 -26.90
C THR A 199 15.52 -46.65 -25.87
N TYR A 200 14.91 -46.95 -24.71
CA TYR A 200 14.75 -45.98 -23.62
C TYR A 200 15.22 -46.59 -22.31
N ILE A 201 16.37 -46.12 -21.82
CA ILE A 201 16.92 -46.55 -20.55
C ILE A 201 16.99 -45.35 -19.61
N CYS A 202 16.49 -45.52 -18.39
CA CYS A 202 16.71 -44.52 -17.36
C CYS A 202 17.86 -44.96 -16.46
N ASN A 203 18.73 -44.01 -16.17
CA ASN A 203 19.97 -44.24 -15.43
C ASN A 203 19.78 -43.65 -14.05
N VAL A 204 19.43 -44.50 -13.09
CA VAL A 204 19.12 -44.07 -11.74
C VAL A 204 20.39 -44.11 -10.92
N ASN A 205 20.68 -43.03 -10.19
CA ASN A 205 21.87 -42.97 -9.35
C ASN A 205 21.49 -42.51 -7.97
N HIS A 206 22.00 -43.19 -6.96
CA HIS A 206 21.69 -42.86 -5.57
C HIS A 206 23.01 -43.04 -4.81
N LYS A 207 23.80 -41.96 -4.76
CA LYS A 207 25.16 -42.02 -4.25
C LYS A 207 25.25 -42.34 -2.76
N PRO A 208 24.29 -41.98 -1.89
CA PRO A 208 24.44 -42.40 -0.49
C PRO A 208 24.52 -43.90 -0.34
N SER A 209 23.88 -44.64 -1.24
CA SER A 209 23.90 -46.10 -1.22
C SER A 209 25.02 -46.71 -2.05
N ASN A 210 25.62 -45.94 -2.95
CA ASN A 210 26.48 -46.48 -4.00
C ASN A 210 25.70 -47.50 -4.81
N THR A 211 24.60 -47.01 -5.37
CA THR A 211 23.78 -47.72 -6.34
C THR A 211 23.87 -46.92 -7.64
N LYS A 212 24.13 -47.60 -8.75
CA LYS A 212 23.81 -46.93 -10.00
C LYS A 212 23.41 -48.02 -10.97
N VAL A 213 22.28 -47.81 -11.62
CA VAL A 213 21.47 -48.86 -12.21
C VAL A 213 20.82 -48.27 -13.45
N ASP A 214 20.71 -49.08 -14.48
CA ASP A 214 19.93 -48.70 -15.64
C ASP A 214 18.73 -49.63 -15.71
N LYS A 215 17.62 -49.14 -16.24
CA LYS A 215 16.46 -49.98 -16.47
C LYS A 215 15.88 -49.66 -17.83
N LYS A 216 15.89 -50.64 -18.72
CA LYS A 216 15.22 -50.50 -20.00
C LYS A 216 13.72 -50.49 -19.77
N VAL A 217 13.01 -49.67 -20.55
CA VAL A 217 11.56 -49.59 -20.49
C VAL A 217 11.06 -49.87 -21.89
N GLU A 218 10.29 -50.93 -22.05
CA GLU A 218 9.86 -51.43 -23.34
C GLU A 218 8.34 -51.42 -23.42
N PRO A 219 7.78 -51.12 -24.59
CA PRO A 219 6.32 -51.21 -24.75
C PRO A 219 5.88 -52.64 -24.56
N LYS A 220 5.60 -53.06 -23.34
CA LYS A 220 5.47 -54.50 -23.15
C LYS A 220 4.25 -55.05 -23.89
N SER A 221 4.48 -55.67 -25.04
CA SER A 221 3.42 -56.21 -25.89
C SER A 221 3.00 -57.58 -25.38
N CYS A 222 1.70 -57.83 -25.43
CA CYS A 222 1.04 -58.77 -24.56
C CYS A 222 -0.47 -58.80 -24.80
N GLU B 1 15.36 -11.73 18.86
CA GLU B 1 15.83 -11.74 17.48
C GLU B 1 14.89 -10.91 16.64
N ILE B 2 15.32 -10.55 15.44
CA ILE B 2 14.58 -9.65 14.56
C ILE B 2 13.85 -10.49 13.53
N VAL B 3 12.52 -10.51 13.62
CA VAL B 3 11.72 -11.32 12.72
C VAL B 3 11.46 -10.52 11.45
N MET B 4 11.78 -11.11 10.32
CA MET B 4 11.48 -10.54 9.01
C MET B 4 10.35 -11.36 8.40
N THR B 5 9.26 -10.69 8.03
CA THR B 5 8.09 -11.33 7.46
C THR B 5 7.86 -10.79 6.06
N GLN B 6 7.79 -11.68 5.09
CA GLN B 6 7.52 -11.26 3.73
C GLN B 6 6.05 -11.47 3.40
N SER B 7 5.58 -10.72 2.38
CA SER B 7 4.20 -10.80 1.93
C SER B 7 4.12 -10.30 0.51
N PRO B 8 3.28 -10.88 -0.36
CA PRO B 8 2.51 -12.08 0.01
C PRO B 8 3.39 -13.31 -0.11
N ALA B 9 2.87 -14.50 0.22
CA ALA B 9 3.69 -15.70 0.04
C ALA B 9 3.89 -16.00 -1.45
N THR B 10 2.92 -15.62 -2.28
CA THR B 10 2.92 -16.04 -3.67
C THR B 10 2.46 -14.88 -4.55
N LEU B 11 2.95 -14.87 -5.80
CA LEU B 11 2.66 -13.81 -6.76
C LEU B 11 2.82 -14.40 -8.15
N SER B 12 1.73 -14.51 -8.89
CA SER B 12 1.78 -14.88 -10.28
C SER B 12 1.73 -13.60 -11.11
N VAL B 13 2.63 -13.46 -12.08
CA VAL B 13 2.74 -12.22 -12.82
C VAL B 13 2.87 -12.53 -14.30
N SER B 14 2.12 -11.80 -15.11
CA SER B 14 2.27 -11.91 -16.55
C SER B 14 3.65 -11.40 -16.95
N PRO B 15 4.25 -11.95 -18.01
CA PRO B 15 5.54 -11.45 -18.46
C PRO B 15 5.41 -10.01 -18.92
N GLY B 16 6.50 -9.25 -18.78
CA GLY B 16 6.47 -7.82 -19.01
C GLY B 16 5.86 -6.99 -17.90
N GLU B 17 5.16 -7.61 -16.95
CA GLU B 17 4.48 -6.90 -15.88
C GLU B 17 5.40 -6.74 -14.67
N ARG B 18 4.90 -6.03 -13.66
CA ARG B 18 5.65 -5.68 -12.47
C ARG B 18 5.14 -6.49 -11.29
N ALA B 19 6.05 -7.10 -10.55
CA ALA B 19 5.79 -7.69 -9.24
C ALA B 19 6.33 -6.77 -8.16
N THR B 20 5.69 -6.78 -7.00
CA THR B 20 6.11 -5.93 -5.89
C THR B 20 6.14 -6.77 -4.63
N LEU B 21 7.29 -6.83 -3.97
CA LEU B 21 7.49 -7.71 -2.83
C LEU B 21 7.72 -6.90 -1.57
N SER B 22 7.35 -7.47 -0.43
CA SER B 22 7.35 -6.67 0.78
C SER B 22 8.00 -7.42 1.92
N CYS B 23 8.93 -6.75 2.58
CA CYS B 23 9.61 -7.26 3.74
C CYS B 23 9.47 -6.25 4.87
N LYS B 24 9.12 -6.75 6.05
CA LYS B 24 8.71 -5.94 7.19
C LYS B 24 9.51 -6.41 8.40
N ALA B 25 10.39 -5.55 8.91
CA ALA B 25 11.23 -5.95 10.04
C ALA B 25 10.54 -5.62 11.36
N SER B 26 10.70 -6.52 12.34
CA SER B 26 10.08 -6.36 13.63
C SER B 26 10.69 -5.24 14.47
N GLN B 27 11.92 -4.80 14.19
CA GLN B 27 12.44 -3.56 14.76
C GLN B 27 13.29 -2.86 13.71
N ASP B 28 13.62 -1.60 14.00
CA ASP B 28 14.49 -0.80 13.13
C ASP B 28 15.80 -1.52 12.82
N VAL B 29 15.98 -1.83 11.54
CA VAL B 29 17.20 -2.43 11.03
C VAL B 29 17.96 -1.45 10.14
N GLY B 30 17.62 -0.18 10.22
CA GLY B 30 18.33 0.80 9.42
C GLY B 30 18.08 0.60 7.96
N THR B 31 19.16 0.49 7.20
CA THR B 31 19.10 0.14 5.78
C THR B 31 19.97 -1.07 5.54
N SER B 32 20.18 -1.85 6.60
CA SER B 32 20.98 -3.07 6.52
C SER B 32 20.03 -4.24 6.20
N VAL B 33 19.63 -4.29 4.94
CA VAL B 33 18.61 -5.21 4.46
C VAL B 33 19.00 -5.61 3.05
N ALA B 34 19.04 -6.92 2.79
CA ALA B 34 19.45 -7.44 1.49
C ALA B 34 18.37 -8.35 0.91
N TRP B 35 18.35 -8.45 -0.43
CA TRP B 35 17.41 -9.28 -1.15
C TRP B 35 18.13 -10.34 -1.99
N TYR B 36 17.62 -11.57 -1.94
CA TYR B 36 18.24 -12.72 -2.59
C TYR B 36 17.23 -13.48 -3.44
N GLN B 37 17.65 -13.84 -4.64
CA GLN B 37 16.85 -14.65 -5.56
C GLN B 37 17.35 -16.09 -5.49
N GLN B 38 16.47 -17.03 -5.17
CA GLN B 38 16.83 -18.45 -5.13
C GLN B 38 15.97 -19.19 -6.14
N LYS B 39 16.59 -19.56 -7.26
CA LYS B 39 15.94 -20.39 -8.27
C LYS B 39 15.90 -21.85 -7.79
N PRO B 40 14.85 -22.59 -8.10
CA PRO B 40 14.75 -23.98 -7.62
C PRO B 40 15.96 -24.83 -7.99
N GLY B 41 16.53 -25.48 -6.98
CA GLY B 41 17.70 -26.30 -7.16
C GLY B 41 19.00 -25.54 -7.09
N GLN B 42 18.95 -24.22 -6.91
CA GLN B 42 20.11 -23.35 -7.04
C GLN B 42 20.43 -22.71 -5.70
N ALA B 43 21.63 -22.12 -5.64
CA ALA B 43 22.07 -21.30 -4.51
C ALA B 43 21.43 -19.92 -4.59
N PRO B 44 21.25 -19.26 -3.45
CA PRO B 44 20.74 -17.88 -3.46
C PRO B 44 21.71 -16.96 -4.19
N ARG B 45 21.15 -16.04 -4.98
CA ARG B 45 21.92 -15.04 -5.72
C ARG B 45 21.59 -13.65 -5.14
N LEU B 46 22.63 -12.88 -4.83
CA LEU B 46 22.43 -11.58 -4.19
C LEU B 46 21.92 -10.58 -5.20
N LEU B 47 20.86 -9.87 -4.85
CA LEU B 47 20.24 -8.89 -5.74
C LEU B 47 20.45 -7.45 -5.28
N ILE B 48 20.18 -7.19 -4.01
CA ILE B 48 20.19 -5.85 -3.46
C ILE B 48 20.90 -5.93 -2.12
N TYR B 49 21.76 -4.97 -1.86
CA TYR B 49 22.33 -4.78 -0.54
C TYR B 49 22.07 -3.33 -0.16
N TRP B 50 22.21 -3.03 1.14
CA TRP B 50 22.04 -1.68 1.64
C TRP B 50 20.64 -1.14 1.30
N ALA B 51 19.68 -2.06 1.18
CA ALA B 51 18.26 -1.81 0.93
C ALA B 51 17.97 -1.24 -0.44
N SER B 52 18.91 -0.51 -1.04
CA SER B 52 18.66 0.08 -2.35
C SER B 52 19.74 -0.20 -3.36
N ALA B 53 20.95 -0.60 -2.95
CA ALA B 53 22.07 -0.74 -3.87
C ALA B 53 22.01 -2.08 -4.58
N ARG B 54 22.12 -2.03 -5.90
CA ARG B 54 22.04 -3.22 -6.72
C ARG B 54 23.43 -3.81 -6.96
N HIS B 55 23.57 -5.11 -6.66
CA HIS B 55 24.79 -5.85 -6.91
C HIS B 55 25.12 -5.86 -8.39
N THR B 56 26.41 -5.71 -8.71
CA THR B 56 26.82 -5.71 -10.10
C THR B 56 26.39 -7.03 -10.74
N GLY B 57 26.16 -6.99 -12.05
CA GLY B 57 25.61 -8.12 -12.78
C GLY B 57 24.12 -8.31 -12.67
N ILE B 58 23.41 -7.47 -11.95
CA ILE B 58 21.96 -7.59 -11.76
C ILE B 58 21.27 -6.59 -12.68
N PRO B 59 20.27 -7.00 -13.46
CA PRO B 59 19.61 -6.06 -14.37
C PRO B 59 18.90 -4.95 -13.62
N ALA B 60 18.85 -3.77 -14.25
CA ALA B 60 18.26 -2.61 -13.58
C ALA B 60 16.75 -2.73 -13.41
N ARG B 61 16.12 -3.75 -13.99
CA ARG B 61 14.70 -3.98 -13.74
C ARG B 61 14.44 -4.51 -12.34
N PHE B 62 15.49 -4.84 -11.60
CA PHE B 62 15.38 -5.04 -10.17
C PHE B 62 15.71 -3.73 -9.45
N SER B 63 15.08 -3.52 -8.30
CA SER B 63 15.07 -2.22 -7.68
C SER B 63 14.63 -2.37 -6.22
N GLY B 64 15.37 -1.76 -5.31
CA GLY B 64 15.15 -1.98 -3.88
C GLY B 64 14.89 -0.67 -3.19
N SER B 65 13.89 -0.67 -2.31
CA SER B 65 13.42 0.54 -1.64
C SER B 65 13.30 0.27 -0.16
N GLY B 66 13.32 1.34 0.60
CA GLY B 66 13.00 1.21 2.00
C GLY B 66 14.10 1.59 2.97
N SER B 67 13.66 1.81 4.20
CA SER B 67 14.50 2.12 5.34
C SER B 67 13.65 1.91 6.58
N GLY B 68 14.26 1.40 7.65
CA GLY B 68 13.62 1.43 8.95
C GLY B 68 13.04 0.11 9.38
N THR B 69 11.78 -0.15 9.01
CA THR B 69 11.17 -1.47 9.19
C THR B 69 10.41 -1.97 7.97
N GLU B 70 10.28 -1.18 6.90
CA GLU B 70 9.44 -1.52 5.75
C GLU B 70 10.27 -1.48 4.47
N PHE B 71 10.52 -2.65 3.89
CA PHE B 71 11.35 -2.74 2.71
C PHE B 71 10.62 -3.40 1.56
N THR B 72 11.07 -3.08 0.36
CA THR B 72 10.32 -3.36 -0.86
C THR B 72 11.27 -3.67 -1.99
N LEU B 73 11.17 -4.89 -2.52
CA LEU B 73 11.82 -5.24 -3.76
C LEU B 73 10.81 -5.17 -4.90
N THR B 74 11.26 -4.72 -6.07
CA THR B 74 10.40 -4.47 -7.22
C THR B 74 11.05 -5.00 -8.49
N ILE B 75 10.35 -5.88 -9.20
CA ILE B 75 10.79 -6.42 -10.49
C ILE B 75 9.87 -5.84 -11.57
N SER B 76 10.39 -4.89 -12.35
CA SER B 76 9.55 -3.97 -13.12
C SER B 76 9.05 -4.55 -14.43
N SER B 77 9.73 -5.53 -15.02
CA SER B 77 9.14 -6.14 -16.22
C SER B 77 9.58 -7.60 -16.25
N LEU B 78 8.78 -8.44 -15.58
CA LEU B 78 9.17 -9.80 -15.28
C LEU B 78 9.48 -10.58 -16.56
N GLN B 79 10.44 -11.49 -16.45
CA GLN B 79 10.75 -12.43 -17.50
C GLN B 79 10.60 -13.85 -16.96
N SER B 80 10.49 -14.81 -17.89
CA SER B 80 10.35 -16.23 -17.53
C SER B 80 11.44 -16.64 -16.56
N GLU B 81 12.67 -16.16 -16.78
CA GLU B 81 13.83 -16.48 -15.96
C GLU B 81 13.73 -15.92 -14.55
N ASP B 82 12.94 -14.88 -14.32
CA ASP B 82 12.85 -14.30 -12.98
C ASP B 82 12.01 -15.13 -12.03
N PHE B 83 11.53 -16.30 -12.46
CA PHE B 83 10.76 -17.21 -11.60
C PHE B 83 11.69 -17.82 -10.55
N ALA B 84 11.44 -17.48 -9.28
CA ALA B 84 12.23 -18.00 -8.15
C ALA B 84 11.53 -17.64 -6.86
N VAL B 85 12.05 -18.15 -5.74
CA VAL B 85 11.64 -17.67 -4.42
C VAL B 85 12.61 -16.56 -4.01
N TYR B 86 12.07 -15.40 -3.69
CA TYR B 86 12.88 -14.23 -3.35
C TYR B 86 12.91 -14.05 -1.84
N TYR B 87 14.10 -13.79 -1.30
CA TYR B 87 14.32 -13.74 0.13
C TYR B 87 14.86 -12.37 0.53
N CYS B 88 14.34 -11.83 1.64
CA CYS B 88 14.88 -10.63 2.25
C CYS B 88 15.69 -11.05 3.48
N GLN B 89 16.57 -10.14 3.93
CA GLN B 89 17.47 -10.44 5.04
C GLN B 89 17.98 -9.17 5.67
N GLN B 90 17.86 -9.08 7.00
CA GLN B 90 18.44 -7.99 7.77
C GLN B 90 19.79 -8.42 8.31
N TYR B 91 20.75 -7.49 8.27
CA TYR B 91 22.06 -7.66 8.87
C TYR B 91 22.39 -6.49 9.79
N SER B 92 21.37 -5.89 10.40
CA SER B 92 21.62 -4.87 11.41
C SER B 92 22.35 -5.46 12.60
N SER B 93 21.84 -6.58 13.13
CA SER B 93 22.44 -7.19 14.30
C SER B 93 22.35 -8.72 14.19
N TYR B 94 23.09 -9.38 15.08
CA TYR B 94 23.01 -10.83 15.27
C TYR B 94 21.79 -11.16 16.13
N PRO B 95 21.10 -12.28 15.84
CA PRO B 95 21.36 -13.21 14.73
C PRO B 95 20.92 -12.71 13.37
N LEU B 96 21.75 -12.86 12.32
CA LEU B 96 21.31 -12.47 10.99
C LEU B 96 20.07 -13.27 10.65
N THR B 97 19.03 -12.60 10.20
CA THR B 97 17.75 -13.26 10.01
C THR B 97 17.19 -12.97 8.63
N PHE B 98 16.43 -13.96 8.13
CA PHE B 98 15.86 -13.96 6.80
C PHE B 98 14.35 -13.95 6.87
N GLY B 99 13.72 -13.46 5.81
CA GLY B 99 12.29 -13.62 5.65
C GLY B 99 11.94 -15.07 5.37
N GLY B 100 10.63 -15.33 5.30
CA GLY B 100 10.07 -16.59 4.89
C GLY B 100 10.02 -16.76 3.39
N GLY B 101 10.25 -15.70 2.63
CA GLY B 101 10.31 -15.77 1.19
C GLY B 101 8.99 -15.43 0.53
N THR B 102 9.07 -15.11 -0.76
CA THR B 102 7.89 -14.90 -1.58
C THR B 102 8.13 -15.62 -2.90
N LYS B 103 7.31 -16.63 -3.20
CA LYS B 103 7.49 -17.38 -4.44
C LYS B 103 6.77 -16.64 -5.56
N VAL B 104 7.39 -16.61 -6.73
CA VAL B 104 6.88 -15.84 -7.86
C VAL B 104 6.82 -16.75 -9.08
N GLU B 105 5.62 -16.96 -9.59
CA GLU B 105 5.37 -17.78 -10.77
C GLU B 105 5.09 -16.90 -11.98
N ILE B 106 5.47 -17.37 -13.13
CA ILE B 106 5.14 -16.72 -14.39
C ILE B 106 3.74 -17.09 -14.82
N LYS B 107 2.99 -16.08 -15.25
CA LYS B 107 1.63 -16.31 -15.72
C LYS B 107 1.62 -16.54 -17.22
N ARG B 108 0.70 -17.43 -17.65
CA ARG B 108 0.51 -17.76 -19.05
C ARG B 108 -0.92 -18.23 -19.26
N THR B 109 -1.26 -18.42 -20.54
CA THR B 109 -2.57 -18.95 -20.90
C THR B 109 -2.81 -20.31 -20.26
N VAL B 110 -4.08 -20.66 -20.08
CA VAL B 110 -4.43 -21.93 -19.45
C VAL B 110 -4.04 -23.09 -20.37
N ALA B 111 -3.63 -24.22 -19.79
CA ALA B 111 -3.17 -25.36 -20.58
C ALA B 111 -3.68 -26.66 -19.96
N ALA B 112 -4.60 -27.34 -20.65
CA ALA B 112 -5.17 -28.57 -20.11
C ALA B 112 -4.10 -29.65 -20.00
N PRO B 113 -4.08 -30.40 -18.91
CA PRO B 113 -3.07 -31.45 -18.74
C PRO B 113 -3.37 -32.68 -19.59
N SER B 114 -2.29 -33.35 -20.02
CA SER B 114 -2.40 -34.68 -20.63
C SER B 114 -2.24 -35.73 -19.55
N VAL B 115 -3.16 -36.69 -19.53
CA VAL B 115 -3.18 -37.66 -18.44
C VAL B 115 -2.79 -39.03 -18.96
N PHE B 116 -2.10 -39.79 -18.11
CA PHE B 116 -1.67 -41.15 -18.39
C PHE B 116 -1.68 -41.95 -17.09
N ILE B 117 -2.01 -43.22 -17.20
CA ILE B 117 -2.08 -44.12 -16.06
C ILE B 117 -1.11 -45.28 -16.32
N PHE B 118 -0.51 -45.79 -15.25
CA PHE B 118 0.53 -46.82 -15.35
C PHE B 118 0.22 -47.93 -14.36
N PRO B 119 -0.17 -49.11 -14.83
CA PRO B 119 -0.36 -50.24 -13.94
C PRO B 119 0.96 -50.66 -13.34
N PRO B 120 0.96 -51.23 -12.13
CA PRO B 120 2.23 -51.58 -11.49
C PRO B 120 3.00 -52.62 -12.29
N SER B 121 4.31 -52.40 -12.39
CA SER B 121 5.27 -53.33 -12.99
C SER B 121 5.01 -54.76 -12.56
N ASP B 122 5.11 -55.67 -13.54
CA ASP B 122 5.05 -57.10 -13.23
C ASP B 122 6.13 -57.50 -12.21
N GLU B 123 7.29 -56.84 -12.24
CA GLU B 123 8.36 -57.20 -11.31
C GLU B 123 8.10 -56.67 -9.89
N GLN B 124 7.54 -55.46 -9.76
CA GLN B 124 7.19 -55.00 -8.43
C GLN B 124 6.05 -55.82 -7.84
N LEU B 125 5.23 -56.46 -8.68
CA LEU B 125 4.12 -57.25 -8.14
C LEU B 125 4.64 -58.35 -7.22
N LYS B 126 5.71 -59.03 -7.62
CA LYS B 126 6.38 -59.97 -6.71
C LYS B 126 6.75 -59.33 -5.36
N SER B 127 6.98 -58.02 -5.32
CA SER B 127 7.30 -57.38 -4.04
C SER B 127 6.27 -57.66 -2.97
N GLY B 128 5.01 -57.78 -3.36
CA GLY B 128 3.91 -57.81 -2.41
C GLY B 128 3.11 -56.54 -2.36
N THR B 129 3.63 -55.43 -2.90
CA THR B 129 2.89 -54.18 -2.95
C THR B 129 2.80 -53.67 -4.38
N ALA B 130 1.73 -52.92 -4.66
CA ALA B 130 1.45 -52.41 -6.00
C ALA B 130 1.50 -50.88 -6.00
N SER B 131 1.80 -50.32 -7.16
CA SER B 131 1.85 -48.87 -7.29
C SER B 131 1.31 -48.47 -8.66
N VAL B 132 0.11 -47.90 -8.67
CA VAL B 132 -0.43 -47.26 -9.85
C VAL B 132 0.04 -45.82 -9.83
N VAL B 133 0.35 -45.31 -11.01
CA VAL B 133 0.90 -43.98 -11.17
C VAL B 133 0.05 -43.22 -12.18
N CYS B 134 -0.26 -41.96 -11.84
CA CYS B 134 -1.03 -41.08 -12.70
C CYS B 134 -0.19 -39.86 -13.01
N LEU B 135 -0.10 -39.52 -14.30
CA LEU B 135 0.78 -38.46 -14.78
C LEU B 135 -0.09 -37.39 -15.42
N LEU B 136 -0.10 -36.20 -14.80
CA LEU B 136 -0.68 -35.02 -15.42
C LEU B 136 0.47 -34.24 -16.02
N ASN B 137 0.41 -34.00 -17.33
CA ASN B 137 1.55 -33.54 -18.08
C ASN B 137 1.29 -32.15 -18.64
N ASN B 138 2.18 -31.21 -18.26
CA ASN B 138 2.31 -29.88 -18.86
C ASN B 138 0.98 -29.13 -18.85
N PHE B 139 0.58 -28.75 -17.64
CA PHE B 139 -0.63 -27.98 -17.45
C PHE B 139 -0.35 -26.66 -16.73
N TYR B 140 -1.33 -25.77 -16.84
CA TYR B 140 -1.34 -24.49 -16.20
C TYR B 140 -2.80 -24.10 -16.04
N PRO B 141 -3.20 -23.63 -14.85
CA PRO B 141 -2.37 -23.35 -13.69
C PRO B 141 -2.02 -24.59 -12.91
N ARG B 142 -1.39 -24.43 -11.75
CA ARG B 142 -0.81 -25.52 -10.97
C ARG B 142 -1.84 -26.22 -10.08
N GLU B 143 -3.00 -25.65 -9.91
CA GLU B 143 -4.05 -26.32 -9.14
C GLU B 143 -4.68 -27.44 -9.98
N ALA B 144 -4.84 -28.60 -9.37
CA ALA B 144 -5.51 -29.69 -10.07
C ALA B 144 -5.83 -30.77 -9.05
N LYS B 145 -6.90 -31.52 -9.31
CA LYS B 145 -7.32 -32.61 -8.44
C LYS B 145 -7.14 -33.96 -9.13
N VAL B 146 -6.56 -34.90 -8.40
CA VAL B 146 -6.44 -36.28 -8.84
C VAL B 146 -7.15 -37.14 -7.82
N GLN B 147 -8.19 -37.88 -8.25
CA GLN B 147 -8.87 -38.84 -7.41
C GLN B 147 -8.74 -40.25 -7.99
N TRP B 148 -8.52 -41.22 -7.12
CA TRP B 148 -8.37 -42.61 -7.53
C TRP B 148 -9.66 -43.37 -7.30
N LYS B 149 -10.29 -43.78 -8.38
CA LYS B 149 -11.39 -44.74 -8.34
C LYS B 149 -10.83 -46.17 -8.50
N VAL B 150 -11.22 -47.05 -7.58
CA VAL B 150 -10.84 -48.47 -7.58
C VAL B 150 -12.14 -49.29 -7.63
N ASP B 151 -12.54 -49.66 -8.85
CA ASP B 151 -13.85 -50.23 -9.16
C ASP B 151 -14.96 -49.28 -8.73
N ASN B 152 -14.74 -48.02 -9.11
CA ASN B 152 -15.61 -46.87 -8.95
C ASN B 152 -15.78 -46.47 -7.48
N ALA B 153 -15.03 -47.09 -6.58
CA ALA B 153 -14.94 -46.64 -5.20
C ALA B 153 -13.81 -45.63 -5.07
N LEU B 154 -14.10 -44.49 -4.44
CA LEU B 154 -13.13 -43.41 -4.31
C LEU B 154 -12.17 -43.69 -3.17
N GLN B 155 -10.87 -43.54 -3.44
CA GLN B 155 -9.85 -43.85 -2.47
C GLN B 155 -9.61 -42.66 -1.58
N SER B 156 -9.03 -42.92 -0.40
CA SER B 156 -8.70 -41.85 0.54
C SER B 156 -7.62 -42.31 1.51
N GLY B 157 -6.51 -41.58 1.57
CA GLY B 157 -5.45 -41.85 2.52
C GLY B 157 -4.38 -42.79 2.02
N ASN B 158 -4.43 -43.20 0.76
CA ASN B 158 -3.46 -44.12 0.22
C ASN B 158 -2.83 -43.61 -1.07
N SER B 159 -2.84 -42.29 -1.27
CA SER B 159 -2.26 -41.64 -2.44
C SER B 159 -1.16 -40.67 -2.00
N GLN B 160 -0.22 -40.38 -2.92
CA GLN B 160 0.82 -39.38 -2.71
C GLN B 160 1.09 -38.64 -4.00
N GLU B 161 1.11 -37.32 -3.92
CA GLU B 161 1.14 -36.46 -5.09
C GLU B 161 2.48 -35.73 -5.16
N SER B 162 2.88 -35.31 -6.36
CA SER B 162 4.09 -34.51 -6.48
C SER B 162 4.04 -33.72 -7.78
N VAL B 163 4.61 -32.51 -7.72
CA VAL B 163 4.49 -31.49 -8.76
C VAL B 163 5.87 -30.96 -9.10
N THR B 164 6.15 -30.81 -10.40
CA THR B 164 7.41 -30.21 -10.81
C THR B 164 7.42 -28.71 -10.50
N GLU B 165 8.63 -28.15 -10.44
CA GLU B 165 8.77 -26.70 -10.46
C GLU B 165 8.33 -26.15 -11.81
N GLN B 166 7.97 -24.86 -11.83
CA GLN B 166 7.44 -24.29 -13.07
C GLN B 166 8.44 -24.44 -14.20
N ASP B 167 7.94 -24.88 -15.35
CA ASP B 167 8.81 -25.33 -16.41
C ASP B 167 9.44 -24.15 -17.12
N SER B 168 10.73 -24.29 -17.41
CA SER B 168 11.56 -23.22 -17.95
C SER B 168 11.18 -22.79 -19.35
N LYS B 169 10.56 -23.65 -20.15
CA LYS B 169 10.33 -23.33 -21.55
C LYS B 169 8.91 -22.91 -21.84
N ASP B 170 7.91 -23.55 -21.23
CA ASP B 170 6.51 -23.20 -21.46
C ASP B 170 5.75 -22.86 -20.18
N SER B 171 6.45 -22.68 -19.06
CA SER B 171 5.84 -22.25 -17.80
C SER B 171 4.74 -23.18 -17.31
N THR B 172 4.73 -24.44 -17.78
CA THR B 172 3.72 -25.39 -17.33
C THR B 172 4.16 -26.09 -16.05
N TYR B 173 3.27 -26.92 -15.52
CA TYR B 173 3.57 -27.77 -14.40
C TYR B 173 3.19 -29.19 -14.76
N SER B 174 3.66 -30.12 -13.93
CA SER B 174 3.34 -31.52 -14.12
C SER B 174 3.22 -32.19 -12.76
N LEU B 175 2.48 -33.31 -12.74
CA LEU B 175 2.00 -33.95 -11.52
C LEU B 175 2.25 -35.46 -11.59
N SER B 176 2.51 -36.08 -10.42
CA SER B 176 2.61 -37.52 -10.29
C SER B 176 1.82 -37.98 -9.06
N SER B 177 0.78 -38.78 -9.28
CA SER B 177 -0.01 -39.37 -8.21
C SER B 177 0.26 -40.87 -8.17
N THR B 178 0.59 -41.37 -6.97
CA THR B 178 0.98 -42.77 -6.80
C THR B 178 0.15 -43.40 -5.72
N LEU B 179 -0.71 -44.33 -6.13
CA LEU B 179 -1.53 -45.15 -5.26
C LEU B 179 -0.82 -46.47 -5.02
N THR B 180 -0.72 -46.87 -3.76
CA THR B 180 -0.08 -48.12 -3.35
C THR B 180 -1.05 -48.98 -2.55
N LEU B 181 -1.13 -50.26 -2.91
CA LEU B 181 -1.90 -51.24 -2.17
C LEU B 181 -1.05 -52.47 -1.94
N SER B 182 -1.52 -53.30 -1.02
CA SER B 182 -1.14 -54.70 -1.02
C SER B 182 -1.29 -55.25 -2.43
N LYS B 183 -0.28 -55.99 -2.90
CA LYS B 183 -0.53 -56.83 -4.06
C LYS B 183 -1.73 -57.74 -3.80
N ALA B 184 -1.88 -58.20 -2.55
CA ALA B 184 -3.10 -58.89 -2.14
C ALA B 184 -4.33 -58.04 -2.44
N ASP B 185 -4.36 -56.80 -1.94
CA ASP B 185 -5.49 -55.92 -2.20
C ASP B 185 -5.62 -55.60 -3.68
N TYR B 186 -4.50 -55.58 -4.41
CA TYR B 186 -4.54 -55.19 -5.81
C TYR B 186 -5.34 -56.21 -6.66
N GLU B 187 -5.29 -57.49 -6.31
CA GLU B 187 -5.94 -58.50 -7.12
C GLU B 187 -7.37 -58.77 -6.68
N LYS B 188 -7.83 -58.13 -5.61
CA LYS B 188 -9.23 -58.18 -5.23
C LYS B 188 -10.10 -57.21 -6.04
N HIS B 189 -9.49 -56.39 -6.90
CA HIS B 189 -10.22 -55.34 -7.59
C HIS B 189 -9.90 -55.43 -9.09
N LYS B 190 -10.56 -54.61 -9.93
CA LYS B 190 -10.36 -54.86 -11.37
C LYS B 190 -10.22 -53.62 -12.24
N VAL B 191 -11.05 -52.60 -12.02
CA VAL B 191 -10.97 -51.34 -12.75
C VAL B 191 -10.20 -50.32 -11.91
N TYR B 192 -9.03 -49.90 -12.40
CA TYR B 192 -8.21 -48.88 -11.75
C TYR B 192 -8.24 -47.62 -12.60
N ALA B 193 -8.72 -46.54 -11.99
CA ALA B 193 -9.00 -45.31 -12.71
C ALA B 193 -8.39 -44.13 -12.00
N CYS B 194 -7.91 -43.18 -12.80
CA CYS B 194 -7.36 -41.92 -12.34
C CYS B 194 -8.25 -40.82 -12.91
N GLU B 195 -8.85 -40.01 -12.03
CA GLU B 195 -9.81 -39.00 -12.48
C GLU B 195 -9.29 -37.60 -12.17
N VAL B 196 -9.19 -36.77 -13.20
CA VAL B 196 -8.45 -35.51 -13.18
C VAL B 196 -9.42 -34.38 -13.49
N THR B 197 -9.50 -33.40 -12.59
CA THR B 197 -10.22 -32.18 -12.88
C THR B 197 -9.32 -30.93 -12.76
N HIS B 198 -9.46 -30.05 -13.73
CA HIS B 198 -8.55 -28.94 -13.94
C HIS B 198 -9.17 -27.91 -14.87
N GLN B 199 -8.91 -26.63 -14.57
CA GLN B 199 -9.59 -25.52 -15.19
C GLN B 199 -9.53 -25.52 -16.73
N GLY B 200 -8.62 -26.29 -17.31
CA GLY B 200 -8.53 -26.30 -18.76
C GLY B 200 -9.34 -27.37 -19.44
N LEU B 201 -9.97 -28.25 -18.66
CA LEU B 201 -10.86 -29.27 -19.18
C LEU B 201 -12.29 -28.82 -18.99
N SER B 202 -13.09 -28.92 -20.06
CA SER B 202 -14.53 -28.63 -19.99
C SER B 202 -15.19 -29.43 -18.88
N SER B 203 -14.81 -30.69 -18.74
CA SER B 203 -15.27 -31.55 -17.67
C SER B 203 -14.11 -32.44 -17.26
N PRO B 204 -14.19 -33.05 -16.06
CA PRO B 204 -13.19 -34.06 -15.66
C PRO B 204 -12.84 -35.04 -16.77
N VAL B 205 -11.58 -35.43 -16.78
CA VAL B 205 -11.04 -36.45 -17.67
C VAL B 205 -10.65 -37.64 -16.81
N THR B 206 -11.06 -38.84 -17.24
CA THR B 206 -10.71 -40.08 -16.56
C THR B 206 -9.93 -40.97 -17.51
N LYS B 207 -8.93 -41.67 -16.97
CA LYS B 207 -8.19 -42.69 -17.70
C LYS B 207 -8.05 -43.92 -16.81
N SER B 208 -8.11 -45.10 -17.41
CA SER B 208 -8.23 -46.33 -16.64
C SER B 208 -7.62 -47.51 -17.38
N PHE B 209 -7.33 -48.54 -16.60
CA PHE B 209 -6.96 -49.85 -17.14
C PHE B 209 -7.64 -50.94 -16.31
N ASN B 210 -7.91 -52.09 -16.95
CA ASN B 210 -8.40 -53.28 -16.25
C ASN B 210 -7.24 -54.17 -15.85
N ARG B 211 -7.16 -54.53 -14.57
CA ARG B 211 -6.07 -55.39 -14.11
C ARG B 211 -6.11 -56.69 -14.89
N GLY B 212 -4.95 -57.14 -15.34
CA GLY B 212 -4.88 -58.39 -16.09
C GLY B 212 -4.79 -58.21 -17.59
N GLU B 213 -5.48 -57.22 -18.16
CA GLU B 213 -5.26 -56.89 -19.54
C GLU B 213 -4.28 -55.72 -19.65
N CYS B 214 -3.83 -55.50 -20.88
CA CYS B 214 -2.45 -55.18 -21.13
C CYS B 214 -2.21 -54.66 -22.53
N GLU C 1 27.99 14.51 -51.85
CA GLU C 1 26.78 13.79 -51.43
C GLU C 1 26.93 13.26 -50.01
N VAL C 2 26.15 13.80 -49.07
CA VAL C 2 26.17 13.23 -47.73
C VAL C 2 25.60 11.83 -47.78
N GLN C 3 26.23 10.90 -47.08
CA GLN C 3 25.70 9.56 -46.95
C GLN C 3 25.78 9.13 -45.50
N LEU C 4 24.81 8.32 -45.11
CA LEU C 4 24.74 7.75 -43.78
C LEU C 4 24.22 6.34 -43.96
N VAL C 5 24.81 5.38 -43.25
CA VAL C 5 24.43 3.98 -43.40
C VAL C 5 24.39 3.31 -42.03
N GLU C 6 23.20 2.95 -41.59
CA GLU C 6 23.00 2.30 -40.32
C GLU C 6 23.26 0.79 -40.44
N SER C 7 23.63 0.17 -39.31
CA SER C 7 23.83 -1.27 -39.35
C SER C 7 23.67 -1.83 -37.95
N GLY C 8 23.24 -3.09 -37.90
CA GLY C 8 23.17 -3.81 -36.65
C GLY C 8 21.77 -4.04 -36.17
N GLY C 9 20.77 -3.67 -36.96
CA GLY C 9 19.39 -3.97 -36.60
C GLY C 9 19.06 -5.43 -36.81
N GLY C 10 18.21 -5.94 -35.93
CA GLY C 10 17.76 -7.32 -36.04
C GLY C 10 16.76 -7.63 -34.95
N LEU C 11 16.44 -8.92 -34.79
CA LEU C 11 15.54 -9.33 -33.73
C LEU C 11 16.32 -9.58 -32.45
N VAL C 12 15.76 -9.13 -31.34
CA VAL C 12 16.38 -9.25 -30.02
C VAL C 12 15.31 -9.60 -29.00
N GLN C 13 15.70 -10.37 -27.98
CA GLN C 13 14.83 -10.76 -26.88
C GLN C 13 14.67 -9.60 -25.90
N PRO C 14 13.44 -9.36 -25.41
CA PRO C 14 13.26 -8.36 -24.35
C PRO C 14 14.26 -8.59 -23.23
N GLY C 15 14.76 -7.49 -22.67
CA GLY C 15 15.91 -7.55 -21.78
C GLY C 15 17.25 -7.62 -22.48
N GLY C 16 17.28 -7.97 -23.76
CA GLY C 16 18.52 -8.09 -24.49
C GLY C 16 19.16 -6.74 -24.76
N SER C 17 20.32 -6.81 -25.40
CA SER C 17 21.05 -5.62 -25.80
C SER C 17 21.52 -5.78 -27.24
N LEU C 18 21.90 -4.66 -27.84
CA LEU C 18 22.23 -4.59 -29.26
C LEU C 18 22.86 -3.23 -29.53
N ARG C 19 23.81 -3.19 -30.48
CA ARG C 19 24.54 -1.96 -30.81
C ARG C 19 24.39 -1.61 -32.29
N LEU C 20 23.89 -0.41 -32.55
CA LEU C 20 23.72 0.09 -33.90
C LEU C 20 24.94 0.94 -34.31
N SER C 21 25.16 0.99 -35.62
CA SER C 21 26.30 1.60 -36.26
C SER C 21 25.79 2.48 -37.38
N CYS C 22 26.34 3.68 -37.49
CA CYS C 22 26.09 4.57 -38.60
C CYS C 22 27.43 4.87 -39.26
N ALA C 23 27.50 4.80 -40.59
CA ALA C 23 28.76 4.96 -41.32
C ALA C 23 28.65 6.18 -42.21
N ALA C 24 29.41 7.22 -41.87
CA ALA C 24 29.33 8.50 -42.54
C ALA C 24 30.31 8.56 -43.70
N SER C 25 30.08 9.54 -44.58
CA SER C 25 30.79 9.71 -45.84
C SER C 25 30.33 11.00 -46.50
N GLY C 26 31.18 11.60 -47.33
CA GLY C 26 30.78 12.85 -47.98
C GLY C 26 30.89 14.10 -47.14
N PHE C 27 31.22 14.02 -45.85
CA PHE C 27 31.35 15.22 -45.05
C PHE C 27 32.31 14.99 -43.90
N THR C 28 32.74 16.09 -43.28
CA THR C 28 33.74 16.05 -42.21
C THR C 28 33.06 15.66 -40.90
N PHE C 29 32.94 14.34 -40.68
CA PHE C 29 32.09 13.79 -39.63
C PHE C 29 32.41 14.37 -38.25
N SER C 30 33.64 14.83 -38.06
CA SER C 30 34.07 15.35 -36.75
C SER C 30 33.62 16.78 -36.48
N ASP C 31 33.22 17.52 -37.52
CA ASP C 31 32.78 18.91 -37.38
C ASP C 31 31.30 19.00 -37.06
N TYR C 32 30.59 17.87 -37.05
CA TYR C 32 29.14 17.86 -37.02
C TYR C 32 28.58 17.12 -35.81
N TYR C 33 27.44 17.61 -35.35
CA TYR C 33 26.70 17.05 -34.23
C TYR C 33 25.69 16.03 -34.76
N MET C 34 25.40 15.01 -33.97
CA MET C 34 24.78 13.82 -34.52
C MET C 34 23.61 13.37 -33.68
N TYR C 35 22.65 12.73 -34.36
CA TYR C 35 21.40 12.29 -33.74
C TYR C 35 21.07 10.83 -34.03
N TRP C 36 20.24 10.26 -33.15
CA TRP C 36 19.45 9.07 -33.43
C TRP C 36 17.95 9.38 -33.34
N VAL C 37 17.18 8.73 -34.20
CA VAL C 37 15.73 8.93 -34.29
C VAL C 37 15.06 7.59 -34.56
N ARG C 38 13.94 7.34 -33.88
CA ARG C 38 13.24 6.08 -34.12
C ARG C 38 11.80 6.33 -34.54
N GLN C 39 11.27 5.37 -35.30
CA GLN C 39 9.95 5.46 -35.92
C GLN C 39 9.36 4.05 -35.91
N ALA C 40 8.47 3.83 -34.95
CA ALA C 40 7.69 2.60 -34.89
C ALA C 40 6.88 2.42 -36.17
N PRO C 41 6.70 1.17 -36.61
CA PRO C 41 6.08 0.94 -37.92
C PRO C 41 4.74 1.63 -37.98
N GLY C 42 4.52 2.38 -39.06
CA GLY C 42 3.29 3.13 -39.22
C GLY C 42 3.02 4.16 -38.14
N LYS C 43 4.01 4.52 -37.34
CA LYS C 43 3.85 5.60 -36.37
C LYS C 43 4.77 6.76 -36.75
N GLY C 44 4.84 7.77 -35.88
CA GLY C 44 5.63 8.97 -36.11
C GLY C 44 7.09 8.80 -35.71
N LEU C 45 7.73 9.95 -35.47
CA LEU C 45 9.17 10.08 -35.24
C LEU C 45 9.45 10.45 -33.78
N GLU C 46 10.43 9.78 -33.18
CA GLU C 46 10.79 10.00 -31.78
C GLU C 46 12.30 10.21 -31.69
N TRP C 47 12.70 11.38 -31.18
CA TRP C 47 14.12 11.66 -30.95
C TRP C 47 14.68 10.70 -29.92
N VAL C 48 15.86 10.16 -30.18
CA VAL C 48 16.43 9.10 -29.37
C VAL C 48 17.68 9.55 -28.63
N ALA C 49 18.61 10.19 -29.33
CA ALA C 49 19.89 10.51 -28.73
C ALA C 49 20.58 11.62 -29.52
N TYR C 50 21.29 12.47 -28.78
CA TYR C 50 22.03 13.59 -29.32
C TYR C 50 23.43 13.54 -28.75
N ILE C 51 24.43 13.75 -29.59
CA ILE C 51 25.82 13.75 -29.14
C ILE C 51 26.57 14.88 -29.82
N THR C 52 27.52 15.46 -29.09
CA THR C 52 28.33 16.57 -29.60
C THR C 52 29.30 16.08 -30.68
N LYS C 53 30.05 17.02 -31.24
CA LYS C 53 30.96 16.67 -32.33
C LYS C 53 32.20 15.91 -31.86
N GLY C 54 32.45 15.85 -30.56
CA GLY C 54 33.60 15.15 -30.05
C GLY C 54 33.27 14.11 -28.99
N GLY C 55 32.02 14.08 -28.50
CA GLY C 55 31.60 13.07 -27.55
C GLY C 55 31.46 13.51 -26.12
N GLY C 56 31.71 14.80 -25.81
CA GLY C 56 31.77 15.25 -24.44
C GLY C 56 30.43 15.43 -23.75
N SER C 57 29.37 15.65 -24.52
CA SER C 57 28.04 15.77 -23.94
C SER C 57 27.07 14.91 -24.73
N THR C 58 26.17 14.25 -23.99
CA THR C 58 25.11 13.41 -24.54
C THR C 58 23.77 13.79 -23.93
N TYR C 59 22.74 13.81 -24.75
CA TYR C 59 21.40 14.17 -24.28
C TYR C 59 20.42 13.09 -24.75
N TYR C 60 19.49 12.73 -23.86
CA TYR C 60 18.54 11.66 -24.10
C TYR C 60 17.19 12.02 -23.51
N PRO C 61 16.09 11.61 -24.16
CA PRO C 61 14.77 11.70 -23.52
C PRO C 61 14.65 10.72 -22.36
N ASP C 62 13.64 10.94 -21.53
CA ASP C 62 13.49 10.11 -20.34
C ASP C 62 13.11 8.67 -20.70
N SER C 63 12.43 8.46 -21.83
CA SER C 63 11.98 7.12 -22.19
C SER C 63 13.13 6.16 -22.29
N VAL C 64 14.29 6.68 -22.65
CA VAL C 64 15.39 5.89 -23.17
C VAL C 64 16.57 6.04 -22.23
N LYS C 65 16.62 7.19 -21.56
CA LYS C 65 17.70 7.60 -20.67
C LYS C 65 18.16 6.47 -19.77
N GLY C 66 19.49 6.39 -19.59
CA GLY C 66 20.08 5.40 -18.72
C GLY C 66 20.03 3.97 -19.22
N ARG C 67 19.42 3.72 -20.37
CA ARG C 67 19.45 2.42 -21.04
C ARG C 67 20.14 2.46 -22.39
N PHE C 68 19.96 3.52 -23.17
CA PHE C 68 20.72 3.66 -24.41
C PHE C 68 21.92 4.56 -24.16
N THR C 69 23.02 4.29 -24.87
CA THR C 69 24.20 5.16 -24.82
C THR C 69 24.66 5.46 -26.23
N ILE C 70 24.69 6.72 -26.57
CA ILE C 70 25.21 7.18 -27.86
C ILE C 70 26.70 7.49 -27.71
N SER C 71 27.42 7.33 -28.82
CA SER C 71 28.87 7.52 -28.80
C SER C 71 29.33 7.65 -30.25
N ARG C 72 30.59 8.05 -30.41
CA ARG C 72 31.15 8.10 -31.75
C ARG C 72 32.63 7.79 -31.68
N ASP C 73 33.16 7.27 -32.79
CA ASP C 73 34.59 7.14 -33.02
C ASP C 73 34.90 8.01 -34.25
N ASN C 74 35.53 9.15 -34.00
CA ASN C 74 35.73 10.10 -35.09
C ASN C 74 36.75 9.59 -36.08
N ALA C 75 37.57 8.62 -35.69
CA ALA C 75 38.56 8.10 -36.59
C ALA C 75 37.97 7.10 -37.55
N LYS C 76 36.98 6.34 -37.11
CA LYS C 76 36.29 5.40 -37.98
C LYS C 76 35.13 6.02 -38.75
N ASN C 77 34.81 7.30 -38.52
CA ASN C 77 33.67 7.98 -39.17
C ASN C 77 32.35 7.24 -38.91
N THR C 78 32.15 6.80 -37.67
CA THR C 78 30.94 6.07 -37.35
C THR C 78 30.34 6.56 -36.05
N LEU C 79 29.01 6.59 -36.04
CA LEU C 79 28.21 6.82 -34.86
C LEU C 79 27.63 5.49 -34.37
N TYR C 80 27.55 5.31 -33.05
CA TYR C 80 27.06 4.09 -32.41
C TYR C 80 25.93 4.39 -31.45
N LEU C 81 25.01 3.43 -31.33
CA LEU C 81 23.96 3.47 -30.30
C LEU C 81 23.91 2.12 -29.59
N GLN C 82 24.20 2.13 -28.28
CA GLN C 82 24.21 0.93 -27.45
C GLN C 82 22.89 0.84 -26.68
N MET C 83 22.08 -0.19 -27.01
CA MET C 83 20.72 -0.34 -26.49
C MET C 83 20.66 -1.50 -25.49
N ASN C 84 20.83 -1.19 -24.21
CA ASN C 84 20.74 -2.22 -23.18
C ASN C 84 19.31 -2.33 -22.64
N SER C 85 19.07 -3.43 -21.90
CA SER C 85 17.77 -3.82 -21.34
C SER C 85 16.60 -3.35 -22.18
N LEU C 86 16.52 -3.87 -23.41
CA LEU C 86 15.49 -3.47 -24.34
C LEU C 86 14.11 -3.89 -23.85
N ARG C 87 13.10 -3.15 -24.29
CA ARG C 87 11.69 -3.41 -24.02
C ARG C 87 10.97 -3.65 -25.34
N ALA C 88 9.80 -4.28 -25.27
CA ALA C 88 9.02 -4.54 -26.48
C ALA C 88 8.72 -3.26 -27.25
N GLU C 89 8.27 -2.20 -26.56
CA GLU C 89 7.96 -0.93 -27.27
C GLU C 89 9.21 -0.17 -27.73
N ASP C 90 10.39 -0.78 -27.64
CA ASP C 90 11.57 -0.21 -28.29
C ASP C 90 11.65 -0.57 -29.76
N THR C 91 10.63 -1.19 -30.32
CA THR C 91 10.69 -1.66 -31.69
C THR C 91 10.48 -0.50 -32.64
N ALA C 92 11.39 -0.33 -33.60
CA ALA C 92 11.24 0.73 -34.59
C ALA C 92 12.36 0.65 -35.62
N VAL C 93 12.21 1.43 -36.67
CA VAL C 93 13.32 1.77 -37.55
C VAL C 93 14.12 2.85 -36.87
N TYR C 94 15.41 2.61 -36.66
CA TYR C 94 16.28 3.58 -36.02
C TYR C 94 17.05 4.33 -37.09
N TYR C 95 16.97 5.65 -37.05
CA TYR C 95 17.55 6.49 -38.08
C TYR C 95 18.76 7.25 -37.53
N CYS C 96 19.76 7.37 -38.37
CA CYS C 96 20.94 8.16 -38.10
C CYS C 96 20.80 9.50 -38.82
N ALA C 97 21.05 10.61 -38.11
CA ALA C 97 20.90 11.92 -38.71
C ALA C 97 21.92 12.92 -38.17
N ARG C 98 22.36 13.82 -39.05
CA ARG C 98 23.37 14.85 -38.83
C ARG C 98 22.71 16.20 -38.54
N GLN C 99 23.32 17.00 -37.66
CA GLN C 99 22.79 18.29 -37.32
C GLN C 99 23.26 19.34 -38.32
N THR C 100 22.41 20.31 -38.56
CA THR C 100 22.68 21.33 -39.57
C THR C 100 23.80 22.27 -39.11
N ASN C 101 24.65 22.69 -40.06
CA ASN C 101 25.55 23.82 -39.78
C ASN C 101 24.77 25.09 -39.56
N TYR C 102 23.60 25.21 -40.20
CA TYR C 102 22.83 26.45 -40.17
C TYR C 102 22.26 26.72 -38.79
N ASP C 103 21.89 25.66 -38.06
CA ASP C 103 20.84 25.74 -37.05
C ASP C 103 21.05 24.62 -36.03
N PHE C 104 20.02 24.34 -35.25
CA PHE C 104 20.05 23.30 -34.22
C PHE C 104 19.07 22.17 -34.51
N THR C 105 18.84 21.87 -35.78
CA THR C 105 18.03 20.70 -36.11
C THR C 105 18.79 19.74 -37.02
N MET C 106 18.08 19.05 -37.92
CA MET C 106 18.56 17.83 -38.58
C MET C 106 18.41 17.94 -40.08
N ASP C 107 19.53 17.91 -40.80
CA ASP C 107 19.45 18.04 -42.24
C ASP C 107 19.36 16.69 -42.96
N TYR C 108 20.25 15.74 -42.65
CA TYR C 108 20.39 14.53 -43.46
C TYR C 108 20.27 13.26 -42.62
N TRP C 109 19.60 12.27 -43.22
CA TRP C 109 19.25 11.00 -42.56
C TRP C 109 19.77 9.84 -43.38
N GLY C 110 20.26 8.81 -42.71
CA GLY C 110 20.47 7.51 -43.36
C GLY C 110 19.12 6.83 -43.63
N GLN C 111 19.19 5.64 -44.21
CA GLN C 111 17.94 5.01 -44.62
C GLN C 111 17.34 4.08 -43.57
N GLY C 112 17.97 3.98 -42.40
CA GLY C 112 17.44 3.36 -41.21
C GLY C 112 17.82 1.91 -41.11
N THR C 113 17.87 1.41 -39.87
CA THR C 113 18.01 -0.01 -39.62
C THR C 113 16.95 -0.42 -38.62
N LEU C 114 16.24 -1.52 -38.89
CA LEU C 114 15.07 -1.93 -38.13
C LEU C 114 15.44 -2.89 -37.01
N VAL C 115 15.08 -2.53 -35.77
CA VAL C 115 15.32 -3.33 -34.58
C VAL C 115 13.98 -3.83 -34.03
N THR C 116 13.78 -5.16 -34.01
CA THR C 116 12.54 -5.80 -33.53
C THR C 116 12.78 -6.50 -32.19
N VAL C 117 11.88 -6.28 -31.22
CA VAL C 117 12.08 -6.72 -29.84
C VAL C 117 10.89 -7.59 -29.43
N SER C 118 11.06 -8.91 -29.54
CA SER C 118 10.03 -9.87 -29.17
C SER C 118 10.67 -11.20 -28.77
N SER C 119 9.92 -11.99 -28.01
CA SER C 119 10.39 -13.33 -27.68
C SER C 119 10.15 -14.29 -28.81
N ALA C 120 9.19 -14.00 -29.68
CA ALA C 120 8.85 -14.88 -30.78
C ALA C 120 10.09 -15.20 -31.61
N SER C 121 10.17 -16.44 -32.09
CA SER C 121 11.34 -16.89 -32.80
C SER C 121 11.28 -16.51 -34.28
N THR C 122 12.44 -16.53 -34.91
CA THR C 122 12.53 -16.32 -36.34
C THR C 122 11.82 -17.46 -37.05
N LYS C 123 11.21 -17.17 -38.19
CA LYS C 123 10.59 -18.19 -39.01
C LYS C 123 10.53 -17.69 -40.44
N GLY C 124 11.04 -18.49 -41.36
CA GLY C 124 10.99 -18.18 -42.75
C GLY C 124 9.60 -18.36 -43.30
N PRO C 125 9.40 -17.81 -44.48
CA PRO C 125 8.07 -17.86 -45.12
C PRO C 125 7.81 -19.20 -45.80
N SER C 126 6.54 -19.37 -46.20
CA SER C 126 6.16 -20.25 -47.30
C SER C 126 5.64 -19.37 -48.42
N VAL C 127 5.80 -19.81 -49.66
CA VAL C 127 5.55 -18.96 -50.82
C VAL C 127 4.55 -19.64 -51.74
N PHE C 128 3.31 -19.34 -51.57
CA PHE C 128 2.46 -20.08 -52.47
C PHE C 128 2.04 -19.19 -53.64
N PRO C 129 1.69 -19.77 -54.79
CA PRO C 129 1.32 -18.95 -55.95
C PRO C 129 -0.14 -18.52 -55.96
N LEU C 130 -0.35 -17.33 -56.50
CA LEU C 130 -1.71 -16.90 -56.85
C LEU C 130 -1.86 -17.08 -58.35
N ALA C 131 -2.50 -18.18 -58.75
CA ALA C 131 -2.44 -18.65 -60.13
C ALA C 131 -3.48 -17.94 -60.99
N PRO C 132 -3.09 -17.49 -62.20
CA PRO C 132 -4.06 -16.87 -63.10
C PRO C 132 -5.16 -17.84 -63.53
N SER C 133 -6.39 -17.34 -63.54
CA SER C 133 -7.52 -18.13 -64.00
C SER C 133 -7.96 -17.66 -65.38
N SER C 134 -9.26 -17.58 -65.61
CA SER C 134 -9.79 -17.07 -66.88
C SER C 134 -9.36 -15.62 -67.11
N GLY C 140 -7.69 -8.42 -73.08
CA GLY C 140 -7.93 -8.65 -71.66
C GLY C 140 -6.67 -8.71 -70.82
N THR C 141 -6.85 -8.53 -69.51
CA THR C 141 -5.74 -8.50 -68.58
C THR C 141 -5.95 -9.54 -67.50
N ALA C 142 -4.92 -10.32 -67.23
CA ALA C 142 -4.98 -11.33 -66.18
C ALA C 142 -4.03 -10.96 -65.06
N ALA C 143 -4.44 -11.30 -63.84
CA ALA C 143 -3.65 -11.04 -62.65
C ALA C 143 -3.15 -12.35 -62.07
N LEU C 144 -1.85 -12.42 -61.80
CA LEU C 144 -1.21 -13.51 -61.08
C LEU C 144 -0.40 -12.90 -59.93
N GLY C 145 0.20 -13.76 -59.12
CA GLY C 145 0.95 -13.25 -58.00
C GLY C 145 1.48 -14.34 -57.12
N CYS C 146 2.14 -13.91 -56.06
CA CYS C 146 2.72 -14.79 -55.05
C CYS C 146 2.15 -14.44 -53.69
N LEU C 147 2.22 -15.40 -52.77
CA LEU C 147 1.79 -15.19 -51.39
C LEU C 147 2.92 -15.66 -50.49
N VAL C 148 3.32 -14.81 -49.55
CA VAL C 148 4.44 -15.11 -48.67
C VAL C 148 3.89 -15.25 -47.25
N LYS C 149 3.56 -16.47 -46.84
CA LYS C 149 2.77 -16.67 -45.63
C LYS C 149 3.65 -17.11 -44.45
N ASP C 150 3.29 -16.64 -43.26
CA ASP C 150 3.90 -17.00 -41.98
C ASP C 150 5.41 -16.83 -41.92
N TYR C 151 5.91 -15.61 -41.72
CA TYR C 151 7.32 -15.35 -41.52
C TYR C 151 7.52 -14.31 -40.42
N PHE C 152 8.65 -14.40 -39.74
CA PHE C 152 8.95 -13.45 -38.68
C PHE C 152 10.45 -13.30 -38.59
N PRO C 153 10.97 -12.08 -38.34
CA PRO C 153 10.22 -10.82 -38.31
C PRO C 153 10.24 -10.10 -39.65
N GLU C 154 10.24 -8.82 -39.62
CA GLU C 154 10.26 -8.09 -40.87
C GLU C 154 11.70 -7.74 -41.27
N PRO C 155 11.94 -7.42 -42.54
CA PRO C 155 10.98 -7.36 -43.63
C PRO C 155 11.10 -8.54 -44.56
N VAL C 156 10.55 -8.39 -45.75
CA VAL C 156 10.70 -9.34 -46.84
C VAL C 156 10.65 -8.54 -48.12
N THR C 157 11.61 -8.74 -48.99
CA THR C 157 11.54 -8.09 -50.28
C THR C 157 11.09 -9.11 -51.32
N VAL C 158 10.35 -8.63 -52.31
CA VAL C 158 9.82 -9.49 -53.36
C VAL C 158 10.14 -8.84 -54.70
N SER C 159 10.81 -9.57 -55.57
CA SER C 159 11.11 -9.18 -56.94
C SER C 159 10.30 -10.07 -57.87
N TRP C 160 10.20 -9.67 -59.14
CA TRP C 160 9.57 -10.53 -60.13
C TRP C 160 10.51 -10.70 -61.31
N ASN C 161 10.86 -11.97 -61.59
CA ASN C 161 11.74 -12.32 -62.70
C ASN C 161 13.09 -11.63 -62.55
N SER C 162 13.59 -11.59 -61.32
CA SER C 162 14.87 -10.97 -60.96
C SER C 162 14.99 -9.56 -61.53
N GLY C 163 14.06 -8.69 -61.12
CA GLY C 163 14.07 -7.30 -61.51
C GLY C 163 13.58 -7.01 -62.91
N ALA C 164 13.56 -8.01 -63.80
CA ALA C 164 13.08 -7.82 -65.16
C ALA C 164 11.62 -7.40 -65.20
N LEU C 165 10.88 -7.61 -64.13
CA LEU C 165 9.46 -7.32 -64.05
C LEU C 165 9.25 -6.25 -62.98
N THR C 166 9.01 -5.02 -63.44
CA THR C 166 8.60 -3.94 -62.54
C THR C 166 7.23 -3.41 -62.89
N SER C 167 6.93 -3.31 -64.19
CA SER C 167 5.65 -2.78 -64.65
C SER C 167 4.47 -3.52 -64.02
N GLY C 168 3.56 -2.76 -63.41
CA GLY C 168 2.29 -3.30 -62.96
C GLY C 168 2.35 -4.20 -61.75
N VAL C 169 3.44 -4.23 -61.05
CA VAL C 169 3.58 -5.09 -59.88
C VAL C 169 3.13 -4.31 -58.65
N HIS C 170 2.48 -4.99 -57.72
CA HIS C 170 2.08 -4.40 -56.45
C HIS C 170 2.44 -5.37 -55.33
N THR C 171 3.42 -5.01 -54.53
CA THR C 171 3.77 -5.78 -53.34
C THR C 171 3.21 -5.06 -52.12
N PHE C 172 2.44 -5.73 -51.35
CA PHE C 172 1.60 -5.09 -50.36
C PHE C 172 2.27 -4.96 -49.01
N PRO C 173 1.80 -4.04 -48.17
CA PRO C 173 2.17 -4.09 -46.75
C PRO C 173 1.95 -5.47 -46.17
N ALA C 174 2.84 -5.86 -45.28
CA ALA C 174 2.60 -7.06 -44.50
C ALA C 174 1.45 -6.82 -43.53
N VAL C 175 0.74 -7.89 -43.23
CA VAL C 175 -0.29 -7.91 -42.19
C VAL C 175 0.19 -8.83 -41.07
N LEU C 176 -0.02 -8.41 -39.83
CA LEU C 176 0.25 -9.32 -38.71
C LEU C 176 -0.98 -10.19 -38.48
N GLN C 177 -0.85 -11.48 -38.75
CA GLN C 177 -1.90 -12.43 -38.45
C GLN C 177 -2.03 -12.64 -36.95
N SER C 178 -3.18 -13.18 -36.53
CA SER C 178 -3.34 -13.56 -35.14
C SER C 178 -2.30 -14.59 -34.72
N SER C 179 -1.80 -15.37 -35.68
CA SER C 179 -0.80 -16.40 -35.42
C SER C 179 0.46 -15.86 -34.79
N GLY C 180 0.65 -14.53 -34.80
CA GLY C 180 1.88 -13.90 -34.40
C GLY C 180 2.90 -13.72 -35.52
N LEU C 181 2.59 -14.16 -36.73
CA LEU C 181 3.53 -14.10 -37.85
C LEU C 181 2.95 -13.25 -38.96
N TYR C 182 3.81 -12.89 -39.89
CA TYR C 182 3.47 -11.96 -40.94
C TYR C 182 3.11 -12.70 -42.21
N SER C 183 2.37 -12.01 -43.08
CA SER C 183 2.06 -12.50 -44.42
C SER C 183 1.78 -11.29 -45.31
N LEU C 184 2.19 -11.37 -46.57
CA LEU C 184 1.86 -10.35 -47.56
C LEU C 184 1.59 -10.99 -48.90
N SER C 185 1.26 -10.17 -49.89
CA SER C 185 0.98 -10.62 -51.24
C SER C 185 1.74 -9.74 -52.23
N SER C 186 1.95 -10.28 -53.42
CA SER C 186 2.68 -9.58 -54.48
C SER C 186 2.06 -9.98 -55.79
N VAL C 187 1.49 -9.03 -56.52
CA VAL C 187 0.73 -9.40 -57.72
C VAL C 187 1.44 -8.85 -58.93
N VAL C 188 0.89 -9.13 -60.09
CA VAL C 188 1.22 -8.40 -61.31
C VAL C 188 0.13 -8.71 -62.34
N THR C 189 -0.30 -7.66 -63.03
CA THR C 189 -1.25 -7.78 -64.12
C THR C 189 -0.47 -7.83 -65.42
N VAL C 190 -0.91 -8.72 -66.33
CA VAL C 190 -0.19 -8.95 -67.58
C VAL C 190 -1.20 -9.15 -68.70
N PRO C 191 -0.76 -8.96 -69.94
CA PRO C 191 -1.56 -9.43 -71.09
C PRO C 191 -1.89 -10.90 -70.94
N SER C 192 -3.16 -11.25 -71.16
CA SER C 192 -3.54 -12.66 -71.01
C SER C 192 -2.92 -13.50 -72.11
N SER C 193 -2.74 -12.93 -73.29
CA SER C 193 -1.86 -13.48 -74.33
C SER C 193 -0.53 -13.98 -73.77
N SER C 194 0.03 -13.26 -72.81
CA SER C 194 1.32 -13.68 -72.28
C SER C 194 1.25 -15.03 -71.57
N LEU C 195 0.08 -15.36 -71.01
CA LEU C 195 -0.02 -16.47 -70.04
C LEU C 195 0.66 -17.73 -70.53
N GLY C 196 0.55 -18.04 -71.83
CA GLY C 196 1.07 -19.29 -72.35
C GLY C 196 2.51 -19.30 -72.81
N THR C 197 3.13 -18.12 -72.98
CA THR C 197 4.46 -18.05 -73.56
C THR C 197 5.50 -17.44 -72.64
N GLN C 198 5.13 -16.51 -71.77
CA GLN C 198 6.08 -15.92 -70.84
C GLN C 198 6.03 -16.67 -69.51
N THR C 199 7.20 -16.86 -68.92
CA THR C 199 7.33 -17.49 -67.60
C THR C 199 7.37 -16.40 -66.54
N TYR C 200 6.87 -16.74 -65.34
CA TYR C 200 6.74 -15.75 -64.26
C TYR C 200 7.17 -16.34 -62.92
N ILE C 201 8.23 -15.79 -62.34
CA ILE C 201 8.77 -16.25 -61.06
C ILE C 201 8.86 -15.08 -60.10
N CYS C 202 8.30 -15.22 -58.89
CA CYS C 202 8.58 -14.28 -57.83
C CYS C 202 9.82 -14.74 -57.07
N ASN C 203 10.67 -13.78 -56.72
CA ASN C 203 11.91 -14.03 -55.99
C ASN C 203 11.70 -13.41 -54.61
N VAL C 204 11.36 -14.25 -53.65
CA VAL C 204 11.13 -13.81 -52.27
C VAL C 204 12.44 -13.93 -51.48
N ASN C 205 12.73 -12.88 -50.71
CA ASN C 205 13.97 -12.75 -49.97
C ASN C 205 13.59 -12.32 -48.55
N HIS C 206 13.98 -13.11 -47.56
CA HIS C 206 13.70 -12.83 -46.16
C HIS C 206 15.03 -12.95 -45.44
N LYS C 207 15.79 -11.85 -45.39
CA LYS C 207 17.11 -11.90 -44.79
C LYS C 207 17.11 -12.27 -43.31
N PRO C 208 16.13 -11.87 -42.48
CA PRO C 208 16.26 -12.19 -41.05
C PRO C 208 16.43 -13.67 -40.78
N SER C 209 15.99 -14.51 -41.71
CA SER C 209 16.08 -15.95 -41.63
C SER C 209 17.02 -16.54 -42.66
N ASN C 210 17.55 -15.70 -43.55
CA ASN C 210 18.31 -16.12 -44.72
C ASN C 210 17.54 -17.16 -45.53
N THR C 211 16.37 -16.72 -45.99
CA THR C 211 15.58 -17.43 -46.97
C THR C 211 15.60 -16.65 -48.28
N LYS C 212 15.88 -17.33 -49.37
CA LYS C 212 15.60 -16.74 -50.66
C LYS C 212 15.26 -17.89 -51.59
N VAL C 213 13.98 -17.98 -51.96
CA VAL C 213 13.51 -18.97 -52.90
C VAL C 213 12.85 -18.24 -54.06
N ASP C 214 12.75 -18.97 -55.17
CA ASP C 214 11.94 -18.55 -56.30
C ASP C 214 10.76 -19.50 -56.42
N LYS C 215 9.69 -19.03 -57.07
CA LYS C 215 8.51 -19.84 -57.27
C LYS C 215 7.93 -19.52 -58.63
N LYS C 216 7.83 -20.54 -59.48
CA LYS C 216 7.10 -20.37 -60.73
C LYS C 216 5.61 -20.29 -60.46
N VAL C 217 4.92 -19.50 -61.29
CA VAL C 217 3.51 -19.22 -61.14
C VAL C 217 2.94 -19.36 -62.55
N GLU C 218 2.26 -20.47 -62.82
CA GLU C 218 1.77 -20.80 -64.15
C GLU C 218 0.29 -21.13 -64.05
N PRO C 219 -0.45 -21.04 -65.16
CA PRO C 219 -1.87 -21.38 -65.09
C PRO C 219 -2.03 -22.88 -64.93
N LYS C 220 -2.94 -23.29 -64.05
CA LYS C 220 -3.31 -24.70 -63.99
C LYS C 220 -4.06 -25.07 -65.26
N SER C 221 -3.43 -25.94 -66.05
CA SER C 221 -3.98 -26.42 -67.30
C SER C 221 -4.71 -27.72 -67.00
N CYS C 222 -6.03 -27.66 -67.07
CA CYS C 222 -6.92 -28.68 -66.52
C CYS C 222 -8.22 -28.82 -67.28
N GLU D 1 6.37 18.09 -21.50
CA GLU D 1 7.18 18.06 -22.72
C GLU D 1 6.39 18.63 -23.91
N ILE D 2 7.09 19.34 -24.78
CA ILE D 2 6.43 20.20 -25.77
C ILE D 2 5.73 19.33 -26.81
N VAL D 3 4.39 19.29 -26.76
CA VAL D 3 3.59 18.52 -27.69
C VAL D 3 3.28 19.37 -28.92
N MET D 4 3.70 18.88 -30.09
CA MET D 4 3.28 19.46 -31.36
C MET D 4 2.14 18.64 -31.91
N THR D 5 1.11 19.31 -32.43
CA THR D 5 -0.04 18.64 -33.01
C THR D 5 -0.27 19.14 -34.42
N GLN D 6 -0.29 18.23 -35.39
CA GLN D 6 -0.45 18.61 -36.78
C GLN D 6 -1.91 18.51 -37.20
N SER D 7 -2.24 19.21 -38.28
CA SER D 7 -3.64 19.40 -38.64
C SER D 7 -3.78 19.84 -40.09
N PRO D 8 -4.63 19.19 -40.86
CA PRO D 8 -5.32 18.03 -40.32
C PRO D 8 -4.52 16.77 -40.67
N ALA D 9 -5.00 15.60 -40.27
CA ALA D 9 -4.20 14.40 -40.40
C ALA D 9 -4.04 13.98 -41.86
N THR D 10 -5.04 14.26 -42.70
CA THR D 10 -4.94 13.92 -44.11
C THR D 10 -5.44 15.06 -44.97
N LEU D 11 -4.75 15.28 -46.09
CA LEU D 11 -5.16 16.24 -47.11
C LEU D 11 -5.12 15.58 -48.48
N SER D 12 -6.17 15.79 -49.27
CA SER D 12 -6.22 15.34 -50.66
C SER D 12 -6.25 16.60 -51.52
N VAL D 13 -5.31 16.73 -52.46
CA VAL D 13 -5.15 17.97 -53.20
C VAL D 13 -5.02 17.68 -54.68
N SER D 14 -5.84 18.35 -55.47
CA SER D 14 -5.67 18.31 -56.92
C SER D 14 -4.27 18.77 -57.29
N PRO D 15 -3.64 18.15 -58.28
CA PRO D 15 -2.41 18.71 -58.84
C PRO D 15 -2.64 20.16 -59.22
N GLY D 16 -1.61 20.98 -59.01
CA GLY D 16 -1.65 22.41 -59.28
C GLY D 16 -2.18 23.26 -58.14
N GLU D 17 -2.81 22.67 -57.14
CA GLU D 17 -3.45 23.45 -56.09
C GLU D 17 -2.49 23.62 -54.91
N ARG D 18 -2.93 24.41 -53.93
CA ARG D 18 -2.19 24.70 -52.73
C ARG D 18 -2.60 23.74 -51.61
N ALA D 19 -1.63 23.11 -51.00
CA ALA D 19 -1.87 22.39 -49.76
C ALA D 19 -1.37 23.23 -48.59
N THR D 20 -2.16 23.29 -47.52
CA THR D 20 -1.80 24.08 -46.35
C THR D 20 -1.81 23.17 -45.13
N LEU D 21 -0.69 23.12 -44.42
CA LEU D 21 -0.52 22.23 -43.27
C LEU D 21 -0.30 23.01 -42.00
N SER D 22 -0.74 22.46 -40.87
CA SER D 22 -0.76 23.19 -39.60
C SER D 22 0.05 22.47 -38.55
N CYS D 23 0.79 23.25 -37.77
CA CYS D 23 1.55 22.70 -36.64
C CYS D 23 1.41 23.66 -35.46
N LYS D 24 0.98 23.13 -34.31
CA LYS D 24 0.66 23.93 -33.11
C LYS D 24 1.44 23.40 -31.91
N ALA D 25 2.33 24.23 -31.36
CA ALA D 25 3.20 23.79 -30.28
C ALA D 25 2.59 24.08 -28.91
N SER D 26 2.66 23.08 -28.03
CA SER D 26 2.13 23.19 -26.67
C SER D 26 2.56 24.47 -25.98
N GLN D 27 3.82 24.84 -26.12
CA GLN D 27 4.36 26.04 -25.48
C GLN D 27 4.98 26.92 -26.54
N ASP D 28 5.56 28.02 -26.11
CA ASP D 28 6.34 28.86 -27.02
C ASP D 28 7.65 28.16 -27.37
N VAL D 29 7.88 27.97 -28.66
CA VAL D 29 9.10 27.37 -29.20
C VAL D 29 9.87 28.36 -30.08
N GLY D 30 9.55 29.63 -29.99
CA GLY D 30 10.26 30.60 -30.80
C GLY D 30 10.04 30.35 -32.28
N THR D 31 11.13 30.39 -33.04
CA THR D 31 11.12 30.05 -34.45
C THR D 31 12.01 28.85 -34.74
N SER D 32 12.25 28.04 -33.69
CA SER D 32 12.97 26.77 -33.80
C SER D 32 12.00 25.67 -34.20
N VAL D 33 11.62 25.68 -35.47
CA VAL D 33 10.61 24.75 -35.97
C VAL D 33 11.05 24.32 -37.36
N ALA D 34 11.13 23.01 -37.56
CA ALA D 34 11.56 22.47 -38.85
C ALA D 34 10.47 21.60 -39.44
N TRP D 35 10.41 21.57 -40.76
CA TRP D 35 9.49 20.71 -41.49
C TRP D 35 10.26 19.62 -42.24
N TYR D 36 9.72 18.40 -42.21
CA TYR D 36 10.31 17.27 -42.90
C TYR D 36 9.28 16.59 -43.79
N GLN D 37 9.76 16.08 -44.91
CA GLN D 37 8.97 15.33 -45.88
C GLN D 37 9.50 13.90 -45.96
N GLN D 38 8.61 12.94 -45.79
CA GLN D 38 8.96 11.51 -45.73
C GLN D 38 8.05 10.76 -46.70
N LYS D 39 8.58 10.42 -47.86
CA LYS D 39 7.88 9.53 -48.77
C LYS D 39 7.91 8.10 -48.23
N PRO D 40 6.90 7.29 -48.54
CA PRO D 40 6.90 5.90 -48.09
C PRO D 40 8.17 5.17 -48.52
N GLY D 41 8.80 4.51 -47.54
CA GLY D 41 10.00 3.75 -47.78
C GLY D 41 11.28 4.55 -47.71
N GLN D 42 11.19 5.85 -47.44
CA GLN D 42 12.35 6.73 -47.47
C GLN D 42 12.54 7.35 -46.10
N ALA D 43 13.71 7.98 -45.91
CA ALA D 43 14.02 8.72 -44.70
C ALA D 43 13.54 10.17 -44.82
N PRO D 44 13.25 10.82 -43.69
CA PRO D 44 12.88 12.25 -43.72
C PRO D 44 13.83 13.13 -44.52
N ARG D 45 13.26 13.96 -45.39
CA ARG D 45 13.98 15.01 -46.10
C ARG D 45 13.61 16.34 -45.44
N LEU D 46 14.62 17.18 -45.17
CA LEU D 46 14.39 18.48 -44.53
C LEU D 46 13.95 19.48 -45.59
N LEU D 47 12.79 20.11 -45.37
CA LEU D 47 12.30 21.16 -46.24
C LEU D 47 12.56 22.56 -45.71
N ILE D 48 12.20 22.78 -44.45
CA ILE D 48 12.15 24.10 -43.86
C ILE D 48 12.75 24.01 -42.48
N TYR D 49 13.73 24.85 -42.20
CA TYR D 49 14.26 25.04 -40.87
C TYR D 49 14.08 26.51 -40.49
N TRP D 50 14.21 26.77 -39.19
CA TRP D 50 14.02 28.11 -38.65
C TRP D 50 12.63 28.67 -38.94
N ALA D 51 11.64 27.78 -39.03
CA ALA D 51 10.25 28.11 -39.33
C ALA D 51 10.03 28.65 -40.74
N SER D 52 10.96 29.45 -41.27
CA SER D 52 10.70 30.08 -42.56
C SER D 52 11.78 29.79 -43.59
N ALA D 53 12.95 29.33 -43.17
CA ALA D 53 14.10 29.17 -44.07
C ALA D 53 14.03 27.85 -44.83
N ARG D 54 14.10 27.97 -46.16
CA ARG D 54 14.03 26.83 -47.06
C ARG D 54 15.42 26.23 -47.21
N HIS D 55 15.55 24.96 -46.85
CA HIS D 55 16.79 24.22 -47.02
C HIS D 55 17.20 24.23 -48.47
N THR D 56 18.50 24.14 -48.71
CA THR D 56 19.00 24.15 -50.08
C THR D 56 18.50 22.91 -50.81
N GLY D 57 18.14 23.09 -52.08
CA GLY D 57 17.57 22.04 -52.89
C GLY D 57 16.05 21.98 -52.92
N ILE D 58 15.37 22.50 -51.89
CA ILE D 58 13.92 22.41 -51.79
C ILE D 58 13.27 23.44 -52.73
N PRO D 59 12.22 23.08 -53.47
CA PRO D 59 11.61 24.04 -54.41
C PRO D 59 10.97 25.21 -53.68
N ALA D 60 11.05 26.39 -54.31
CA ALA D 60 10.43 27.59 -53.75
C ALA D 60 8.92 27.48 -53.60
N ARG D 61 8.28 26.46 -54.21
CA ARG D 61 6.86 26.25 -53.97
C ARG D 61 6.57 25.71 -52.57
N PHE D 62 7.59 25.26 -51.85
CA PHE D 62 7.42 24.93 -50.45
C PHE D 62 7.67 26.18 -49.62
N SER D 63 6.92 26.31 -48.52
CA SER D 63 6.90 27.57 -47.79
C SER D 63 6.46 27.34 -46.36
N GLY D 64 7.33 27.71 -45.42
CA GLY D 64 7.03 27.66 -44.01
C GLY D 64 6.84 29.05 -43.45
N SER D 65 6.18 29.14 -42.30
CA SER D 65 5.80 30.42 -41.71
C SER D 65 5.41 30.21 -40.28
N GLY D 66 5.54 31.26 -39.48
CA GLY D 66 5.07 31.28 -38.11
C GLY D 66 6.16 31.58 -37.12
N SER D 67 5.73 31.74 -35.87
CA SER D 67 6.53 32.06 -34.71
C SER D 67 5.64 31.89 -33.50
N GLY D 68 6.23 31.50 -32.38
CA GLY D 68 5.45 31.39 -31.16
C GLY D 68 4.79 30.06 -30.88
N THR D 69 3.59 29.83 -31.42
CA THR D 69 2.91 28.55 -31.23
C THR D 69 2.11 28.03 -32.42
N GLU D 70 1.92 28.79 -33.49
CA GLU D 70 1.23 28.31 -34.68
C GLU D 70 2.18 28.40 -35.86
N PHE D 71 2.40 27.26 -36.53
CA PHE D 71 3.27 27.22 -37.69
C PHE D 71 2.56 26.56 -38.85
N THR D 72 2.97 26.94 -40.05
CA THR D 72 2.25 26.63 -41.26
C THR D 72 3.21 26.32 -42.40
N LEU D 73 3.13 25.10 -42.90
CA LEU D 73 3.80 24.69 -44.12
C LEU D 73 2.79 24.79 -45.27
N THR D 74 3.17 25.43 -46.37
CA THR D 74 2.27 25.53 -47.51
C THR D 74 3.00 25.02 -48.75
N ILE D 75 2.36 24.11 -49.48
CA ILE D 75 2.88 23.63 -50.75
C ILE D 75 2.04 24.27 -51.84
N SER D 76 2.62 25.24 -52.54
CA SER D 76 1.81 26.18 -53.32
C SER D 76 1.33 25.62 -54.67
N SER D 77 2.00 24.60 -55.23
CA SER D 77 1.50 24.03 -56.50
C SER D 77 1.83 22.55 -56.49
N LEU D 78 0.88 21.77 -55.98
CA LEU D 78 1.12 20.35 -55.72
C LEU D 78 1.48 19.61 -57.00
N GLN D 79 2.41 18.67 -56.87
CA GLN D 79 2.79 17.77 -57.95
C GLN D 79 2.45 16.34 -57.55
N SER D 80 2.46 15.44 -58.55
CA SER D 80 2.30 14.03 -58.23
C SER D 80 3.40 13.55 -57.30
N GLU D 81 4.60 14.12 -57.45
CA GLU D 81 5.78 13.72 -56.69
C GLU D 81 5.73 14.10 -55.22
N ASP D 82 4.84 15.03 -54.84
CA ASP D 82 4.81 15.50 -53.46
C ASP D 82 4.02 14.59 -52.53
N PHE D 83 3.54 13.46 -53.01
CA PHE D 83 2.80 12.55 -52.16
C PHE D 83 3.73 12.05 -51.03
N ALA D 84 3.51 12.53 -49.80
CA ALA D 84 4.32 12.09 -48.68
C ALA D 84 3.60 12.39 -47.38
N VAL D 85 4.14 11.86 -46.29
CA VAL D 85 3.77 12.30 -44.96
C VAL D 85 4.72 13.41 -44.55
N TYR D 86 4.15 14.51 -44.05
CA TYR D 86 4.91 15.71 -43.76
C TYR D 86 4.93 15.97 -42.25
N TYR D 87 6.13 16.15 -41.69
CA TYR D 87 6.30 16.27 -40.25
C TYR D 87 6.85 17.64 -39.91
N CYS D 88 6.40 18.18 -38.78
CA CYS D 88 6.98 19.35 -38.17
C CYS D 88 7.66 18.93 -36.87
N GLN D 89 8.72 19.64 -36.52
CA GLN D 89 9.52 19.31 -35.36
C GLN D 89 9.98 20.61 -34.74
N GLN D 90 9.83 20.73 -33.42
CA GLN D 90 10.44 21.85 -32.73
C GLN D 90 11.77 21.40 -32.15
N TYR D 91 12.72 22.33 -32.12
CA TYR D 91 14.02 22.12 -31.48
C TYR D 91 14.38 23.27 -30.55
N SER D 92 13.38 23.87 -29.92
CA SER D 92 13.67 24.92 -28.95
C SER D 92 14.16 24.35 -27.63
N SER D 93 13.75 23.14 -27.28
CA SER D 93 13.95 22.61 -25.94
C SER D 93 14.01 21.08 -25.97
N TYR D 94 14.84 20.48 -25.08
CA TYR D 94 14.83 19.03 -24.94
C TYR D 94 13.62 18.61 -24.10
N PRO D 95 12.93 17.50 -24.47
CA PRO D 95 13.25 16.60 -25.60
C PRO D 95 12.79 17.12 -26.95
N LEU D 96 13.64 17.04 -27.99
CA LEU D 96 13.19 17.43 -29.32
C LEU D 96 11.98 16.58 -29.68
N THR D 97 10.93 17.22 -30.22
CA THR D 97 9.66 16.55 -30.42
C THR D 97 9.11 16.80 -31.81
N PHE D 98 8.39 15.81 -32.32
CA PHE D 98 7.80 15.83 -33.65
C PHE D 98 6.28 15.84 -33.60
N GLY D 99 5.69 16.27 -34.71
CA GLY D 99 4.25 16.15 -34.88
C GLY D 99 3.85 14.75 -35.25
N GLY D 100 2.53 14.52 -35.24
CA GLY D 100 1.99 13.28 -35.75
C GLY D 100 2.01 13.20 -37.25
N GLY D 101 2.13 14.34 -37.92
CA GLY D 101 2.31 14.38 -39.36
C GLY D 101 0.99 14.57 -40.10
N THR D 102 1.13 14.79 -41.40
CA THR D 102 0.00 15.03 -42.28
C THR D 102 0.26 14.29 -43.58
N LYS D 103 -0.51 13.24 -43.86
CA LYS D 103 -0.38 12.55 -45.13
C LYS D 103 -1.11 13.37 -46.19
N VAL D 104 -0.37 13.78 -47.20
CA VAL D 104 -0.90 14.51 -48.33
C VAL D 104 -0.99 13.54 -49.49
N GLU D 105 -2.16 13.49 -50.10
CA GLU D 105 -2.39 12.60 -51.22
C GLU D 105 -2.78 13.42 -52.43
N ILE D 106 -2.28 13.04 -53.59
CA ILE D 106 -2.74 13.70 -54.80
C ILE D 106 -4.16 13.22 -55.13
N LYS D 107 -4.92 14.08 -55.77
CA LYS D 107 -6.31 13.81 -56.10
C LYS D 107 -6.40 13.57 -57.59
N ARG D 108 -7.10 12.51 -58.00
CA ARG D 108 -7.29 12.21 -59.40
C ARG D 108 -8.76 11.97 -59.66
N THR D 109 -9.11 11.74 -60.92
CA THR D 109 -10.46 11.33 -61.27
C THR D 109 -10.75 9.94 -60.72
N VAL D 110 -12.03 9.69 -60.41
CA VAL D 110 -12.41 8.40 -59.84
C VAL D 110 -12.10 7.28 -60.83
N ALA D 111 -11.65 6.15 -60.31
CA ALA D 111 -11.26 5.00 -61.14
C ALA D 111 -11.69 3.73 -60.43
N ALA D 112 -12.57 2.93 -61.08
CA ALA D 112 -13.05 1.72 -60.44
C ALA D 112 -11.99 0.63 -60.46
N PRO D 113 -11.86 -0.14 -59.37
CA PRO D 113 -10.92 -1.27 -59.40
C PRO D 113 -11.34 -2.34 -60.39
N SER D 114 -10.36 -3.08 -60.90
CA SER D 114 -10.62 -4.39 -61.48
C SER D 114 -10.38 -5.42 -60.39
N VAL D 115 -11.35 -6.32 -60.18
CA VAL D 115 -11.24 -7.28 -59.10
C VAL D 115 -10.71 -8.60 -59.63
N PHE D 116 -10.05 -9.37 -58.75
CA PHE D 116 -9.56 -10.71 -59.07
C PHE D 116 -9.60 -11.56 -57.82
N ILE D 117 -9.99 -12.83 -57.97
CA ILE D 117 -10.08 -13.75 -56.86
C ILE D 117 -9.17 -14.94 -57.13
N PHE D 118 -8.48 -15.39 -56.08
CA PHE D 118 -7.46 -16.43 -56.19
C PHE D 118 -7.80 -17.56 -55.26
N PRO D 119 -8.17 -18.73 -55.79
CA PRO D 119 -8.32 -19.91 -54.96
C PRO D 119 -7.03 -20.21 -54.21
N PRO D 120 -7.13 -20.88 -53.08
CA PRO D 120 -5.92 -21.18 -52.30
C PRO D 120 -5.01 -22.15 -53.04
N SER D 121 -3.70 -21.97 -52.81
CA SER D 121 -2.67 -22.86 -53.31
C SER D 121 -3.06 -24.30 -53.10
N ASP D 122 -2.64 -25.16 -54.04
CA ASP D 122 -2.70 -26.60 -53.78
C ASP D 122 -1.70 -27.03 -52.69
N GLU D 123 -0.50 -26.43 -52.69
CA GLU D 123 0.52 -26.78 -51.69
C GLU D 123 0.04 -26.46 -50.28
N GLN D 124 -0.33 -25.19 -50.03
CA GLN D 124 -0.88 -24.80 -48.75
C GLN D 124 -2.15 -25.59 -48.43
N LEU D 125 -2.89 -26.06 -49.43
CA LEU D 125 -4.01 -26.92 -49.13
C LEU D 125 -3.55 -28.13 -48.33
N LYS D 126 -2.44 -28.75 -48.75
CA LYS D 126 -1.80 -29.76 -47.91
C LYS D 126 -1.18 -29.20 -46.64
N SER D 127 -0.88 -27.91 -46.55
CA SER D 127 -0.41 -27.37 -45.29
C SER D 127 -1.37 -27.65 -44.13
N GLY D 128 -2.67 -27.67 -44.41
CA GLY D 128 -3.68 -27.74 -43.37
C GLY D 128 -4.50 -26.48 -43.21
N THR D 129 -4.27 -25.45 -44.02
CA THR D 129 -5.04 -24.24 -43.95
C THR D 129 -5.19 -23.68 -45.36
N ALA D 130 -6.18 -22.80 -45.55
CA ALA D 130 -6.40 -22.23 -46.86
C ALA D 130 -6.47 -20.71 -46.75
N SER D 131 -6.10 -20.04 -47.83
CA SER D 131 -6.09 -18.59 -47.90
C SER D 131 -6.68 -18.17 -49.24
N VAL D 132 -7.85 -17.54 -49.21
CA VAL D 132 -8.48 -17.00 -50.39
C VAL D 132 -8.08 -15.55 -50.50
N VAL D 133 -7.56 -15.15 -51.65
CA VAL D 133 -6.99 -13.83 -51.86
C VAL D 133 -7.89 -13.08 -52.83
N CYS D 134 -8.13 -11.79 -52.53
CA CYS D 134 -8.91 -10.91 -53.37
C CYS D 134 -8.08 -9.67 -53.69
N LEU D 135 -8.00 -9.34 -54.97
CA LEU D 135 -7.19 -8.24 -55.46
C LEU D 135 -8.09 -7.15 -56.01
N LEU D 136 -7.88 -5.92 -55.55
CA LEU D 136 -8.48 -4.72 -56.12
C LEU D 136 -7.37 -3.88 -56.72
N ASN D 137 -7.39 -3.76 -58.03
CA ASN D 137 -6.26 -3.24 -58.78
C ASN D 137 -6.60 -1.85 -59.31
N ASN D 138 -5.83 -0.85 -58.85
CA ASN D 138 -5.71 0.46 -59.49
C ASN D 138 -7.05 1.21 -59.48
N PHE D 139 -7.41 1.67 -58.27
CA PHE D 139 -8.61 2.45 -58.09
C PHE D 139 -8.32 3.78 -57.39
N TYR D 140 -9.30 4.69 -57.48
CA TYR D 140 -9.33 5.94 -56.75
C TYR D 140 -10.77 6.36 -56.52
N PRO D 141 -11.16 6.76 -55.30
CA PRO D 141 -10.33 7.02 -54.11
C PRO D 141 -9.90 5.77 -53.35
N ARG D 142 -9.31 5.96 -52.17
CA ARG D 142 -8.74 4.90 -51.35
C ARG D 142 -9.78 4.06 -50.62
N GLU D 143 -11.02 4.54 -50.55
CA GLU D 143 -12.08 3.80 -49.87
C GLU D 143 -12.55 2.61 -50.70
N ALA D 144 -12.85 1.50 -50.03
CA ALA D 144 -13.50 0.36 -50.68
C ALA D 144 -13.87 -0.66 -49.61
N LYS D 145 -14.91 -1.46 -49.88
CA LYS D 145 -15.28 -2.54 -48.98
C LYS D 145 -15.24 -3.90 -49.68
N VAL D 146 -14.38 -4.76 -49.20
CA VAL D 146 -14.35 -6.15 -49.60
C VAL D 146 -15.20 -6.91 -48.60
N GLN D 147 -16.24 -7.57 -49.10
CA GLN D 147 -17.02 -8.51 -48.32
C GLN D 147 -16.70 -9.92 -48.80
N TRP D 148 -16.41 -10.83 -47.87
CA TRP D 148 -16.19 -12.22 -48.20
C TRP D 148 -17.47 -13.03 -47.94
N LYS D 149 -18.04 -13.59 -49.00
CA LYS D 149 -19.17 -14.49 -48.89
C LYS D 149 -18.69 -15.93 -49.11
N VAL D 150 -19.19 -16.86 -48.28
CA VAL D 150 -18.83 -18.27 -48.34
C VAL D 150 -20.12 -19.08 -48.31
N ASP D 151 -20.55 -19.58 -49.47
CA ASP D 151 -21.88 -20.13 -49.65
C ASP D 151 -22.93 -19.07 -49.29
N ASN D 152 -22.61 -17.83 -49.66
CA ASN D 152 -23.49 -16.67 -49.60
C ASN D 152 -23.76 -16.19 -48.18
N ALA D 153 -22.97 -16.62 -47.22
CA ALA D 153 -23.01 -16.04 -45.89
C ALA D 153 -21.96 -14.95 -45.77
N LEU D 154 -22.31 -13.87 -45.08
CA LEU D 154 -21.34 -12.83 -44.78
C LEU D 154 -20.32 -13.37 -43.79
N GLN D 155 -19.07 -13.55 -44.23
CA GLN D 155 -17.99 -13.82 -43.30
C GLN D 155 -17.69 -12.55 -42.52
N SER D 156 -17.24 -12.72 -41.29
CA SER D 156 -16.86 -11.59 -40.46
C SER D 156 -15.87 -12.06 -39.42
N GLY D 157 -14.66 -11.50 -39.46
CA GLY D 157 -13.63 -11.77 -38.49
C GLY D 157 -12.51 -12.69 -38.94
N ASN D 158 -12.51 -13.11 -40.21
CA ASN D 158 -11.49 -14.05 -40.68
C ASN D 158 -10.75 -13.52 -41.91
N SER D 159 -10.73 -12.21 -42.11
CA SER D 159 -10.07 -11.59 -43.25
C SER D 159 -9.23 -10.41 -42.79
N GLN D 160 -8.06 -10.25 -43.41
CA GLN D 160 -7.14 -9.15 -43.13
C GLN D 160 -6.81 -8.40 -44.41
N GLU D 161 -6.77 -7.08 -44.33
CA GLU D 161 -6.68 -6.23 -45.50
C GLU D 161 -5.37 -5.47 -45.53
N SER D 162 -5.00 -5.04 -46.74
CA SER D 162 -3.78 -4.26 -46.93
C SER D 162 -3.90 -3.47 -48.22
N VAL D 163 -3.31 -2.28 -48.20
CA VAL D 163 -3.48 -1.29 -49.25
C VAL D 163 -2.12 -0.68 -49.56
N THR D 164 -1.85 -0.41 -50.83
CA THR D 164 -0.58 0.20 -51.13
C THR D 164 -0.63 1.71 -50.93
N GLU D 165 0.53 2.33 -51.04
CA GLU D 165 0.63 3.77 -51.14
C GLU D 165 0.24 4.23 -52.53
N GLN D 166 -0.05 5.52 -52.66
CA GLN D 166 -0.44 6.07 -53.95
C GLN D 166 0.70 5.92 -54.96
N ASP D 167 0.31 5.80 -56.23
CA ASP D 167 1.05 5.01 -57.20
C ASP D 167 2.17 5.76 -57.92
N SER D 168 2.35 7.05 -57.70
CA SER D 168 3.44 7.78 -58.35
C SER D 168 3.24 7.96 -59.86
N LYS D 169 2.44 7.11 -60.50
CA LYS D 169 2.30 7.20 -61.95
C LYS D 169 0.86 7.31 -62.45
N ASP D 170 -0.11 6.84 -61.67
CA ASP D 170 -1.50 7.12 -62.01
C ASP D 170 -2.30 7.49 -60.77
N SER D 171 -1.63 7.68 -59.63
CA SER D 171 -2.25 8.19 -58.41
C SER D 171 -3.33 7.26 -57.85
N THR D 172 -3.30 5.98 -58.21
CA THR D 172 -4.33 5.05 -57.78
C THR D 172 -3.86 4.24 -56.58
N TYR D 173 -4.74 3.37 -56.11
CA TYR D 173 -4.45 2.52 -54.96
C TYR D 173 -4.71 1.08 -55.36
N SER D 174 -4.33 0.16 -54.46
CA SER D 174 -4.58 -1.25 -54.66
C SER D 174 -4.70 -1.92 -53.29
N LEU D 175 -5.48 -3.01 -53.26
CA LEU D 175 -5.85 -3.68 -52.02
C LEU D 175 -5.71 -5.20 -52.15
N SER D 176 -5.14 -5.82 -51.11
CA SER D 176 -5.15 -7.27 -50.92
C SER D 176 -5.94 -7.60 -49.65
N SER D 177 -6.93 -8.48 -49.82
CA SER D 177 -7.67 -9.04 -48.69
C SER D 177 -7.59 -10.56 -48.75
N THR D 178 -7.41 -11.17 -47.58
CA THR D 178 -7.09 -12.58 -47.47
C THR D 178 -7.93 -13.18 -46.36
N LEU D 179 -8.96 -13.88 -46.77
CA LEU D 179 -9.68 -14.79 -45.90
C LEU D 179 -8.88 -16.08 -45.71
N THR D 180 -8.80 -16.55 -44.47
CA THR D 180 -8.10 -17.78 -44.12
C THR D 180 -9.03 -18.70 -43.34
N LEU D 181 -9.06 -19.99 -43.73
CA LEU D 181 -9.81 -21.02 -43.03
C LEU D 181 -8.91 -22.25 -42.84
N SER D 182 -9.29 -23.09 -41.87
CA SER D 182 -8.67 -24.41 -41.81
C SER D 182 -9.05 -25.21 -43.05
N LYS D 183 -8.13 -26.07 -43.49
CA LYS D 183 -8.36 -26.88 -44.69
C LYS D 183 -9.69 -27.63 -44.61
N ALA D 184 -10.01 -28.19 -43.44
CA ALA D 184 -11.29 -28.89 -43.28
C ALA D 184 -12.46 -27.92 -43.41
N ASP D 185 -12.33 -26.72 -42.83
CA ASP D 185 -13.39 -25.74 -42.97
C ASP D 185 -13.51 -25.27 -44.41
N TYR D 186 -12.41 -25.32 -45.16
CA TYR D 186 -12.48 -24.93 -46.58
C TYR D 186 -13.33 -25.90 -47.40
N GLU D 187 -13.31 -27.20 -47.09
CA GLU D 187 -13.98 -28.18 -47.92
C GLU D 187 -15.43 -28.45 -47.50
N LYS D 188 -15.93 -27.76 -46.47
CA LYS D 188 -17.34 -27.78 -46.12
C LYS D 188 -18.17 -26.80 -46.93
N HIS D 189 -17.56 -26.07 -47.85
CA HIS D 189 -18.28 -25.05 -48.59
C HIS D 189 -17.88 -25.13 -50.06
N LYS D 190 -18.68 -24.50 -50.90
CA LYS D 190 -18.52 -24.68 -52.35
C LYS D 190 -18.32 -23.37 -53.07
N VAL D 191 -19.03 -22.33 -52.66
CA VAL D 191 -18.96 -21.03 -53.31
C VAL D 191 -18.14 -20.09 -52.44
N TYR D 192 -17.07 -19.56 -53.01
CA TYR D 192 -16.25 -18.55 -52.34
C TYR D 192 -16.21 -17.32 -53.21
N ALA D 193 -16.82 -16.24 -52.73
CA ALA D 193 -17.01 -15.02 -53.50
C ALA D 193 -16.38 -13.83 -52.78
N CYS D 194 -15.94 -12.87 -53.58
CA CYS D 194 -15.42 -11.60 -53.10
C CYS D 194 -16.30 -10.51 -53.68
N GLU D 195 -16.94 -9.72 -52.81
CA GLU D 195 -17.85 -8.65 -53.22
C GLU D 195 -17.28 -7.30 -52.81
N VAL D 196 -17.17 -6.40 -53.78
CA VAL D 196 -16.42 -5.14 -53.67
C VAL D 196 -17.35 -3.98 -53.97
N THR D 197 -17.42 -3.03 -53.04
CA THR D 197 -18.14 -1.77 -53.21
C THR D 197 -17.14 -0.63 -53.36
N HIS D 198 -17.23 0.09 -54.47
CA HIS D 198 -16.39 1.24 -54.71
C HIS D 198 -17.19 2.34 -55.38
N GLN D 199 -16.68 3.56 -55.21
CA GLN D 199 -17.41 4.75 -55.63
C GLN D 199 -17.60 4.80 -57.14
N GLY D 200 -16.65 4.27 -57.89
CA GLY D 200 -16.70 4.26 -59.33
C GLY D 200 -17.31 3.01 -59.91
N LEU D 201 -17.93 2.18 -59.08
CA LEU D 201 -18.75 1.04 -59.51
C LEU D 201 -20.23 1.38 -59.31
N SER D 202 -20.99 1.42 -60.42
CA SER D 202 -22.44 1.65 -60.34
C SER D 202 -23.08 0.80 -59.26
N SER D 203 -22.88 -0.49 -59.33
CA SER D 203 -23.36 -1.45 -58.36
C SER D 203 -22.20 -2.32 -57.91
N PRO D 204 -22.26 -2.86 -56.69
CA PRO D 204 -21.26 -3.85 -56.24
C PRO D 204 -20.91 -4.91 -57.29
N VAL D 205 -19.63 -5.25 -57.37
CA VAL D 205 -19.13 -6.27 -58.29
C VAL D 205 -18.65 -7.45 -57.47
N THR D 206 -19.06 -8.65 -57.89
CA THR D 206 -18.69 -9.88 -57.20
C THR D 206 -17.83 -10.72 -58.14
N LYS D 207 -16.76 -11.28 -57.60
CA LYS D 207 -16.01 -12.34 -58.26
C LYS D 207 -15.99 -13.55 -57.35
N SER D 208 -16.18 -14.73 -57.96
CA SER D 208 -16.46 -15.96 -57.23
C SER D 208 -15.76 -17.14 -57.90
N PHE D 209 -15.51 -18.19 -57.12
CA PHE D 209 -15.10 -19.49 -57.68
C PHE D 209 -15.73 -20.64 -56.89
N ASN D 210 -16.08 -21.73 -57.59
CA ASN D 210 -16.56 -22.94 -56.92
C ASN D 210 -15.38 -23.81 -56.52
N ARG D 211 -15.34 -24.21 -55.24
CA ARG D 211 -14.21 -24.94 -54.69
C ARG D 211 -14.00 -26.24 -55.43
N GLY D 212 -13.02 -26.26 -56.33
CA GLY D 212 -12.63 -27.48 -56.97
C GLY D 212 -13.02 -27.62 -58.42
N GLU D 213 -13.44 -26.55 -59.07
CA GLU D 213 -13.63 -26.62 -60.50
C GLU D 213 -12.61 -25.74 -61.21
N CYS D 214 -12.81 -25.54 -62.51
CA CYS D 214 -11.77 -25.04 -63.39
C CYS D 214 -12.27 -23.89 -64.26
N GLU E 1 -17.63 37.05 -13.14
CA GLU E 1 -17.12 36.37 -11.96
C GLU E 1 -15.75 35.75 -12.23
N VAL E 2 -15.03 35.47 -11.15
CA VAL E 2 -13.65 35.00 -11.23
C VAL E 2 -13.62 33.50 -11.17
N GLN E 3 -12.98 32.88 -12.15
CA GLN E 3 -12.56 31.51 -11.95
C GLN E 3 -11.15 31.31 -12.50
N LEU E 4 -10.60 30.17 -12.09
CA LEU E 4 -9.26 29.72 -12.42
C LEU E 4 -9.36 28.23 -12.72
N VAL E 5 -9.00 27.85 -13.94
CA VAL E 5 -9.13 26.47 -14.41
C VAL E 5 -7.73 25.89 -14.57
N GLU E 6 -7.35 24.95 -13.70
CA GLU E 6 -6.09 24.26 -13.89
C GLU E 6 -6.23 23.18 -14.96
N SER E 7 -5.10 22.80 -15.54
CA SER E 7 -5.07 21.75 -16.54
C SER E 7 -3.63 21.31 -16.72
N GLY E 8 -3.47 20.08 -17.19
CA GLY E 8 -2.18 19.55 -17.59
C GLY E 8 -1.72 18.33 -16.83
N GLY E 9 -2.40 17.92 -15.77
CA GLY E 9 -1.92 16.82 -14.96
C GLY E 9 -2.29 15.46 -15.49
N GLY E 10 -1.73 14.44 -14.85
CA GLY E 10 -1.89 13.08 -15.32
C GLY E 10 -0.92 12.18 -14.59
N LEU E 11 -0.34 11.22 -15.31
CA LEU E 11 0.66 10.33 -14.73
C LEU E 11 1.97 10.56 -15.43
N VAL E 12 3.03 10.58 -14.64
CA VAL E 12 4.36 10.88 -15.13
C VAL E 12 5.29 9.90 -14.43
N GLN E 13 6.36 9.48 -15.13
CA GLN E 13 7.21 8.50 -14.49
C GLN E 13 8.19 9.22 -13.58
N PRO E 14 8.55 8.64 -12.43
CA PRO E 14 9.51 9.30 -11.54
C PRO E 14 10.75 9.76 -12.29
N GLY E 15 11.29 10.90 -11.87
CA GLY E 15 12.37 11.57 -12.57
C GLY E 15 11.99 12.23 -13.87
N GLY E 16 10.74 12.09 -14.31
CA GLY E 16 10.26 12.81 -15.48
C GLY E 16 9.74 14.20 -15.16
N SER E 17 9.13 14.81 -16.17
CA SER E 17 8.79 16.23 -16.14
C SER E 17 7.35 16.45 -16.61
N LEU E 18 6.72 17.47 -16.03
CA LEU E 18 5.37 17.81 -16.42
C LEU E 18 5.15 19.29 -16.16
N ARG E 19 4.25 19.91 -16.94
CA ARG E 19 3.92 21.32 -16.78
C ARG E 19 2.42 21.49 -16.62
N LEU E 20 2.02 22.29 -15.64
CA LEU E 20 0.62 22.63 -15.43
C LEU E 20 0.33 24.04 -15.92
N SER E 21 -0.88 24.23 -16.40
CA SER E 21 -1.41 25.53 -16.74
C SER E 21 -2.62 25.84 -15.86
N CYS E 22 -2.88 27.13 -15.69
CA CYS E 22 -4.08 27.60 -15.00
C CYS E 22 -4.58 28.82 -15.75
N ALA E 23 -5.83 28.80 -16.19
CA ALA E 23 -6.39 29.88 -17.00
C ALA E 23 -7.25 30.79 -16.14
N ALA E 24 -7.02 32.08 -16.26
CA ALA E 24 -7.67 33.08 -15.42
C ALA E 24 -8.67 33.86 -16.27
N SER E 25 -9.89 34.05 -15.73
CA SER E 25 -10.83 34.92 -16.40
C SER E 25 -11.76 35.54 -15.38
N GLY E 26 -12.26 36.73 -15.71
CA GLY E 26 -13.11 37.47 -14.79
C GLY E 26 -12.39 38.40 -13.83
N PHE E 27 -11.11 38.69 -14.07
CA PHE E 27 -10.44 39.74 -13.33
C PHE E 27 -9.24 40.18 -14.15
N THR E 28 -8.54 41.19 -13.65
CA THR E 28 -7.33 41.68 -14.30
C THR E 28 -6.17 40.86 -13.74
N PHE E 29 -5.66 39.94 -14.57
CA PHE E 29 -4.74 38.91 -14.10
C PHE E 29 -3.39 39.51 -13.71
N SER E 30 -2.91 40.51 -14.46
CA SER E 30 -1.62 41.12 -14.16
C SER E 30 -1.67 42.03 -12.94
N ASP E 31 -2.81 42.13 -12.25
CA ASP E 31 -2.91 42.88 -11.01
C ASP E 31 -2.93 42.00 -9.77
N TYR E 32 -2.71 40.69 -9.90
CA TYR E 32 -2.86 39.80 -8.76
C TYR E 32 -1.65 38.89 -8.58
N TYR E 33 -1.31 38.67 -7.33
CA TYR E 33 -0.26 37.76 -6.95
C TYR E 33 -0.86 36.36 -6.90
N MET E 34 -0.06 35.36 -7.31
CA MET E 34 -0.55 34.04 -7.64
C MET E 34 0.22 32.96 -6.88
N TYR E 35 -0.50 31.88 -6.53
CA TYR E 35 0.06 30.75 -5.82
C TYR E 35 -0.19 29.44 -6.57
N TRP E 36 0.63 28.45 -6.26
CA TRP E 36 0.30 27.04 -6.49
C TRP E 36 0.32 26.36 -5.13
N VAL E 37 -0.67 25.50 -4.89
CA VAL E 37 -0.75 24.72 -3.66
C VAL E 37 -1.21 23.33 -4.02
N ARG E 38 -0.61 22.32 -3.41
CA ARG E 38 -0.95 20.95 -3.74
C ARG E 38 -1.52 20.28 -2.51
N GLN E 39 -2.23 19.19 -2.76
CA GLN E 39 -2.80 18.35 -1.72
C GLN E 39 -2.66 16.90 -2.15
N ALA E 40 -1.85 16.15 -1.41
CA ALA E 40 -1.78 14.73 -1.65
C ALA E 40 -3.09 14.09 -1.20
N PRO E 41 -3.51 13.02 -1.87
CA PRO E 41 -4.79 12.38 -1.54
C PRO E 41 -4.84 11.96 -0.09
N GLY E 42 -5.87 12.46 0.61
CA GLY E 42 -6.15 12.14 1.99
C GLY E 42 -5.41 12.99 2.99
N LYS E 43 -4.63 13.98 2.52
CA LYS E 43 -3.68 14.70 3.34
C LYS E 43 -4.01 16.21 3.33
N GLY E 44 -3.11 17.00 3.93
CA GLY E 44 -3.33 18.42 4.10
C GLY E 44 -2.99 19.25 2.89
N LEU E 45 -2.83 20.54 3.12
CA LEU E 45 -2.45 21.48 2.07
C LEU E 45 -1.00 21.91 2.27
N GLU E 46 -0.28 22.05 1.16
CA GLU E 46 1.12 22.48 1.22
C GLU E 46 1.32 23.51 0.13
N TRP E 47 1.86 24.66 0.51
CA TRP E 47 2.20 25.66 -0.47
C TRP E 47 3.39 25.15 -1.31
N VAL E 48 3.35 25.38 -2.62
CA VAL E 48 4.49 24.98 -3.44
C VAL E 48 5.14 26.15 -4.17
N ALA E 49 4.38 27.21 -4.51
CA ALA E 49 4.95 28.29 -5.30
C ALA E 49 4.15 29.59 -5.14
N TYR E 50 4.79 30.69 -5.51
CA TYR E 50 4.26 32.03 -5.39
C TYR E 50 4.91 32.84 -6.48
N ILE E 51 4.18 33.82 -7.03
CA ILE E 51 4.76 34.64 -8.08
C ILE E 51 4.11 36.01 -8.03
N THR E 52 4.88 37.04 -8.40
CA THR E 52 4.36 38.38 -8.28
C THR E 52 3.56 38.77 -9.52
N LYS E 53 2.80 39.86 -9.39
CA LYS E 53 1.93 40.33 -10.46
C LYS E 53 2.64 40.34 -11.82
N GLY E 54 3.91 40.68 -11.84
CA GLY E 54 4.60 40.77 -13.11
C GLY E 54 5.58 39.62 -13.30
N GLY E 55 5.78 38.84 -12.25
CA GLY E 55 6.61 37.67 -12.33
C GLY E 55 8.09 37.92 -12.26
N GLY E 56 8.50 39.11 -11.83
CA GLY E 56 9.92 39.34 -11.59
C GLY E 56 10.45 38.67 -10.34
N SER E 57 9.58 38.15 -9.48
CA SER E 57 9.97 37.42 -8.28
C SER E 57 9.19 36.12 -8.16
N THR E 58 9.88 35.07 -7.73
CA THR E 58 9.32 33.74 -7.49
C THR E 58 9.82 33.22 -6.15
N TYR E 59 8.93 32.61 -5.36
CA TYR E 59 9.29 32.06 -4.06
C TYR E 59 8.76 30.63 -3.92
N TYR E 60 9.56 29.76 -3.31
CA TYR E 60 9.24 28.35 -3.16
C TYR E 60 9.55 27.87 -1.75
N PRO E 61 9.04 26.71 -1.35
CA PRO E 61 9.52 26.06 -0.13
C PRO E 61 10.63 25.07 -0.47
N ASP E 62 11.30 24.61 0.59
CA ASP E 62 12.50 23.78 0.39
C ASP E 62 12.18 22.43 -0.24
N SER E 63 10.95 21.95 -0.08
CA SER E 63 10.56 20.65 -0.62
C SER E 63 10.54 20.64 -2.15
N VAL E 64 10.61 21.79 -2.80
CA VAL E 64 10.27 21.84 -4.21
C VAL E 64 11.29 22.66 -4.98
N LYS E 65 12.10 23.45 -4.26
CA LYS E 65 13.01 24.39 -4.90
C LYS E 65 14.05 23.65 -5.74
N GLY E 66 14.51 24.32 -6.79
CA GLY E 66 15.39 23.71 -7.76
C GLY E 66 14.70 22.83 -8.79
N ARG E 67 13.51 22.34 -8.50
CA ARG E 67 12.81 21.42 -9.40
C ARG E 67 11.58 22.01 -10.05
N PHE E 68 10.78 22.80 -9.33
CA PHE E 68 9.59 23.41 -9.92
C PHE E 68 9.88 24.86 -10.31
N THR E 69 9.05 25.38 -11.23
CA THR E 69 9.25 26.72 -11.78
C THR E 69 7.89 27.37 -12.05
N ILE E 70 7.52 28.33 -11.20
CA ILE E 70 6.32 29.13 -11.42
C ILE E 70 6.61 30.19 -12.48
N SER E 71 5.58 30.53 -13.25
CA SER E 71 5.77 31.17 -14.54
C SER E 71 4.41 31.77 -14.90
N ARG E 72 4.42 32.85 -15.69
CA ARG E 72 3.15 33.40 -16.13
C ARG E 72 3.35 34.17 -17.42
N ASP E 73 2.45 33.94 -18.37
CA ASP E 73 2.28 34.84 -19.50
C ASP E 73 1.00 35.63 -19.27
N ASN E 74 1.14 36.90 -18.90
CA ASN E 74 -0.05 37.68 -18.57
C ASN E 74 -0.84 38.04 -19.82
N ALA E 75 -0.15 38.22 -20.95
CA ALA E 75 -0.83 38.56 -22.19
C ALA E 75 -1.85 37.48 -22.58
N LYS E 76 -1.56 36.21 -22.30
CA LYS E 76 -2.48 35.10 -22.53
C LYS E 76 -3.09 34.57 -21.25
N ASN E 77 -2.85 35.24 -20.12
CA ASN E 77 -3.68 35.08 -18.93
C ASN E 77 -3.48 33.73 -18.27
N THR E 78 -2.27 33.21 -18.30
CA THR E 78 -2.07 31.89 -17.74
C THR E 78 -0.94 31.90 -16.71
N LEU E 79 -1.20 31.21 -15.61
CA LEU E 79 -0.19 30.84 -14.63
C LEU E 79 0.25 29.43 -14.96
N TYR E 80 1.56 29.20 -14.96
CA TYR E 80 2.13 27.92 -15.34
C TYR E 80 2.96 27.34 -14.19
N LEU E 81 3.20 26.02 -14.27
CA LEU E 81 4.04 25.35 -13.28
C LEU E 81 4.82 24.23 -13.98
N GLN E 82 6.06 24.53 -14.34
CA GLN E 82 6.94 23.48 -14.84
C GLN E 82 7.43 22.67 -13.64
N MET E 83 7.18 21.37 -13.67
CA MET E 83 7.65 20.41 -12.67
C MET E 83 8.76 19.55 -13.26
N ASN E 84 9.83 19.34 -12.49
CA ASN E 84 11.02 18.66 -12.97
C ASN E 84 11.55 17.72 -11.90
N SER E 85 12.19 16.64 -12.34
CA SER E 85 12.71 15.61 -11.44
C SER E 85 11.63 15.13 -10.45
N LEU E 86 10.45 14.80 -11.00
CA LEU E 86 9.31 14.50 -10.14
C LEU E 86 9.60 13.29 -9.26
N ARG E 87 9.18 13.36 -8.01
CA ARG E 87 9.25 12.21 -7.11
C ARG E 87 7.85 11.71 -6.78
N ALA E 88 7.78 10.50 -6.21
CA ALA E 88 6.47 9.91 -5.93
C ALA E 88 5.68 10.75 -4.95
N GLU E 89 6.36 11.42 -4.03
CA GLU E 89 5.70 12.22 -3.01
C GLU E 89 5.34 13.61 -3.50
N ASP E 90 5.60 13.89 -4.78
CA ASP E 90 4.93 14.98 -5.47
C ASP E 90 3.53 14.60 -5.93
N THR E 91 3.06 13.39 -5.63
CA THR E 91 1.74 13.01 -6.09
C THR E 91 0.71 13.73 -5.26
N ALA E 92 -0.17 14.48 -5.93
CA ALA E 92 -1.10 15.37 -5.24
C ALA E 92 -2.00 16.00 -6.29
N VAL E 93 -3.08 16.59 -5.82
CA VAL E 93 -3.87 17.48 -6.64
C VAL E 93 -3.26 18.86 -6.51
N TYR E 94 -2.99 19.50 -7.64
CA TYR E 94 -2.30 20.78 -7.68
C TYR E 94 -3.31 21.89 -7.92
N TYR E 95 -3.24 22.91 -7.07
CA TYR E 95 -4.25 23.96 -6.95
C TYR E 95 -3.66 25.30 -7.29
N CYS E 96 -4.42 26.08 -8.04
CA CYS E 96 -4.05 27.41 -8.49
C CYS E 96 -4.83 28.41 -7.65
N ALA E 97 -4.16 29.43 -7.12
CA ALA E 97 -4.81 30.34 -6.18
C ALA E 97 -4.42 31.79 -6.39
N ARG E 98 -5.40 32.68 -6.20
CA ARG E 98 -5.26 34.13 -6.34
C ARG E 98 -5.01 34.77 -4.97
N GLN E 99 -4.10 35.75 -4.91
CA GLN E 99 -3.90 36.47 -3.67
C GLN E 99 -4.91 37.60 -3.51
N THR E 100 -5.29 37.84 -2.27
CA THR E 100 -6.24 38.90 -1.97
C THR E 100 -5.65 40.28 -2.26
N ASN E 101 -6.53 41.20 -2.72
CA ASN E 101 -6.18 42.62 -2.85
C ASN E 101 -5.88 43.28 -1.52
N TYR E 102 -6.28 42.64 -0.43
CA TYR E 102 -6.45 43.32 0.84
C TYR E 102 -5.64 42.69 1.95
N ASP E 103 -4.90 41.63 1.64
CA ASP E 103 -4.05 40.92 2.59
C ASP E 103 -3.05 40.10 1.78
N PHE E 104 -2.17 39.38 2.49
CA PHE E 104 -1.15 38.56 1.84
C PHE E 104 -1.49 37.07 1.89
N THR E 105 -2.75 36.75 1.64
CA THR E 105 -3.22 35.38 1.66
C THR E 105 -4.02 35.12 0.39
N MET E 106 -4.49 33.86 0.24
CA MET E 106 -5.23 33.41 -0.93
C MET E 106 -6.72 33.56 -0.73
N ASP E 107 -7.44 33.88 -1.81
CA ASP E 107 -8.89 33.96 -1.73
C ASP E 107 -9.64 33.01 -2.66
N TYR E 108 -9.18 32.82 -3.91
CA TYR E 108 -9.92 31.99 -4.86
C TYR E 108 -9.04 30.91 -5.46
N TRP E 109 -9.66 29.76 -5.74
CA TRP E 109 -8.96 28.57 -6.18
C TRP E 109 -9.69 27.91 -7.34
N GLY E 110 -8.93 27.11 -8.11
CA GLY E 110 -9.49 26.28 -9.16
C GLY E 110 -9.93 24.91 -8.67
N GLN E 111 -10.46 24.12 -9.60
CA GLN E 111 -10.95 22.80 -9.21
C GLN E 111 -9.81 21.88 -8.79
N GLY E 112 -8.60 22.10 -9.31
CA GLY E 112 -7.46 21.25 -9.08
C GLY E 112 -7.04 20.50 -10.34
N THR E 113 -5.90 19.83 -10.24
CA THR E 113 -5.41 18.94 -11.29
C THR E 113 -4.59 17.83 -10.67
N LEU E 114 -4.95 16.58 -11.02
CA LEU E 114 -4.31 15.42 -10.42
C LEU E 114 -2.98 15.10 -11.08
N VAL E 115 -1.96 14.89 -10.27
CA VAL E 115 -0.62 14.59 -10.74
C VAL E 115 -0.16 13.35 -10.00
N THR E 116 0.07 12.27 -10.75
CA THR E 116 0.46 10.98 -10.22
C THR E 116 1.86 10.64 -10.70
N VAL E 117 2.75 10.33 -9.76
CA VAL E 117 4.13 9.98 -10.07
C VAL E 117 4.33 8.53 -9.67
N SER E 118 4.55 7.67 -10.66
CA SER E 118 4.68 6.24 -10.37
C SER E 118 5.13 5.53 -11.62
N SER E 119 5.95 4.49 -11.43
CA SER E 119 6.46 3.73 -12.55
C SER E 119 5.44 2.77 -13.12
N ALA E 120 4.27 2.68 -12.50
CA ALA E 120 3.23 1.73 -12.91
C ALA E 120 2.68 2.06 -14.28
N SER E 121 2.36 1.01 -15.04
CA SER E 121 1.78 1.18 -16.35
C SER E 121 0.28 1.41 -16.23
N THR E 122 -0.29 2.14 -17.17
CA THR E 122 -1.71 2.46 -17.08
C THR E 122 -2.52 1.21 -17.43
N LYS E 123 -3.23 0.68 -16.43
CA LYS E 123 -4.03 -0.54 -16.55
C LYS E 123 -5.51 -0.24 -16.37
N GLY E 124 -6.33 -0.83 -17.25
CA GLY E 124 -7.76 -0.77 -17.12
C GLY E 124 -8.24 -1.78 -16.10
N PRO E 125 -9.39 -1.53 -15.48
CA PRO E 125 -9.86 -2.39 -14.40
C PRO E 125 -10.65 -3.59 -14.90
N SER E 126 -10.75 -4.59 -14.03
CA SER E 126 -11.60 -5.75 -14.24
C SER E 126 -12.79 -5.65 -13.30
N VAL E 127 -13.99 -5.86 -13.83
CA VAL E 127 -15.23 -5.55 -13.12
C VAL E 127 -15.97 -6.86 -12.84
N PHE E 128 -16.03 -7.23 -11.56
CA PHE E 128 -16.62 -8.46 -11.09
C PHE E 128 -17.91 -8.20 -10.33
N PRO E 129 -18.89 -9.09 -10.49
CA PRO E 129 -20.14 -8.92 -9.75
C PRO E 129 -19.97 -9.22 -8.27
N LEU E 130 -20.59 -8.40 -7.45
CA LEU E 130 -20.92 -8.76 -6.08
C LEU E 130 -22.41 -9.08 -6.07
N ALA E 131 -22.75 -10.36 -6.34
CA ALA E 131 -24.11 -10.85 -6.54
C ALA E 131 -24.88 -10.89 -5.21
N PRO E 132 -26.13 -10.44 -5.21
CA PRO E 132 -26.93 -10.47 -3.97
C PRO E 132 -27.30 -11.89 -3.60
N SER E 133 -27.41 -12.16 -2.31
CA SER E 133 -27.76 -13.48 -1.84
C SER E 133 -28.60 -13.36 -0.58
N SER E 134 -28.85 -14.50 0.06
CA SER E 134 -29.67 -14.62 1.26
C SER E 134 -29.23 -13.71 2.39
N GLY E 140 -37.78 -6.63 3.22
CA GLY E 140 -36.45 -6.89 3.71
C GLY E 140 -35.62 -6.32 2.61
N THR E 141 -34.31 -6.27 2.85
CA THR E 141 -33.38 -5.70 1.90
C THR E 141 -32.25 -6.65 1.51
N ALA E 142 -31.83 -6.59 0.23
CA ALA E 142 -30.58 -7.20 -0.24
C ALA E 142 -29.63 -6.14 -0.78
N ALA E 143 -28.35 -6.29 -0.50
CA ALA E 143 -27.34 -5.47 -1.17
C ALA E 143 -26.59 -6.28 -2.23
N LEU E 144 -26.19 -5.58 -3.29
CA LEU E 144 -25.43 -6.12 -4.41
C LEU E 144 -24.47 -5.04 -4.89
N GLY E 145 -23.41 -5.45 -5.55
CA GLY E 145 -22.49 -4.46 -6.04
C GLY E 145 -21.60 -4.93 -7.17
N CYS E 146 -20.62 -4.11 -7.45
CA CYS E 146 -19.61 -4.40 -8.44
C CYS E 146 -18.26 -4.22 -7.79
N LEU E 147 -17.29 -5.04 -8.19
CA LEU E 147 -15.92 -4.89 -7.71
C LEU E 147 -15.08 -4.45 -8.89
N VAL E 148 -14.39 -3.33 -8.74
CA VAL E 148 -13.59 -2.78 -9.82
C VAL E 148 -12.13 -2.93 -9.38
N LYS E 149 -11.42 -3.90 -9.94
CA LYS E 149 -10.12 -4.30 -9.43
C LYS E 149 -9.01 -3.97 -10.41
N ASP E 150 -7.86 -3.58 -9.83
CA ASP E 150 -6.56 -3.39 -10.49
C ASP E 150 -6.64 -2.43 -11.67
N TYR E 151 -6.71 -1.14 -11.36
CA TYR E 151 -6.61 -0.11 -12.38
C TYR E 151 -5.58 0.91 -11.91
N PHE E 152 -5.09 1.70 -12.89
CA PHE E 152 -4.11 2.74 -12.65
C PHE E 152 -4.10 3.70 -13.83
N PRO E 153 -4.02 5.03 -13.58
CA PRO E 153 -4.06 5.60 -12.23
C PRO E 153 -5.49 5.95 -11.85
N GLU E 154 -5.64 6.73 -10.78
CA GLU E 154 -6.92 7.31 -10.48
C GLU E 154 -7.29 8.30 -11.57
N PRO E 155 -8.59 8.67 -11.68
CA PRO E 155 -9.73 8.13 -10.96
C PRO E 155 -10.63 7.32 -11.87
N VAL E 156 -11.65 6.71 -11.30
CA VAL E 156 -12.62 5.95 -12.08
C VAL E 156 -14.02 6.34 -11.61
N THR E 157 -14.95 6.45 -12.56
CA THR E 157 -16.32 6.87 -12.31
C THR E 157 -17.27 5.70 -12.52
N VAL E 158 -18.25 5.56 -11.63
CA VAL E 158 -19.17 4.44 -11.61
C VAL E 158 -20.60 4.98 -11.56
N SER E 159 -21.47 4.43 -12.40
CA SER E 159 -22.89 4.75 -12.37
C SER E 159 -23.68 3.44 -12.47
N TRP E 160 -24.94 3.50 -12.07
CA TRP E 160 -25.80 2.33 -12.07
C TRP E 160 -26.96 2.55 -13.03
N ASN E 161 -27.18 1.56 -13.90
CA ASN E 161 -28.22 1.65 -14.93
C ASN E 161 -28.16 3.00 -15.65
N SER E 162 -26.94 3.47 -15.93
CA SER E 162 -26.70 4.67 -16.72
C SER E 162 -27.20 5.93 -16.01
N GLY E 163 -27.20 5.92 -14.69
CA GLY E 163 -27.66 7.05 -13.93
C GLY E 163 -29.06 6.91 -13.39
N ALA E 164 -29.85 5.97 -13.94
CA ALA E 164 -31.22 5.75 -13.48
C ALA E 164 -31.27 5.33 -12.02
N LEU E 165 -30.23 4.69 -11.51
CA LEU E 165 -30.16 4.29 -10.12
C LEU E 165 -29.19 5.20 -9.38
N THR E 166 -29.67 5.85 -8.30
CA THR E 166 -28.86 6.75 -7.49
C THR E 166 -29.00 6.46 -6.00
N SER E 167 -30.24 6.29 -5.54
CA SER E 167 -30.51 6.09 -4.12
C SER E 167 -29.96 4.74 -3.65
N GLY E 168 -29.39 4.73 -2.45
CA GLY E 168 -28.84 3.52 -1.87
C GLY E 168 -27.42 3.15 -2.29
N VAL E 169 -26.82 3.92 -3.16
CA VAL E 169 -25.50 3.63 -3.71
C VAL E 169 -24.42 4.14 -2.78
N HIS E 170 -23.37 3.33 -2.61
CA HIS E 170 -22.13 3.71 -1.93
C HIS E 170 -20.99 3.30 -2.85
N THR E 171 -20.42 4.26 -3.56
CA THR E 171 -19.18 4.02 -4.26
C THR E 171 -18.04 4.35 -3.29
N PHE E 172 -17.26 3.36 -2.92
CA PHE E 172 -16.27 3.60 -1.89
C PHE E 172 -15.04 4.31 -2.46
N PRO E 173 -14.28 5.01 -1.60
CA PRO E 173 -12.98 5.55 -2.04
C PRO E 173 -12.02 4.41 -2.32
N ALA E 174 -11.38 4.47 -3.49
CA ALA E 174 -10.44 3.42 -3.88
C ALA E 174 -9.36 3.23 -2.81
N VAL E 175 -8.81 2.03 -2.76
CA VAL E 175 -7.61 1.78 -1.99
C VAL E 175 -6.52 1.40 -2.97
N LEU E 176 -5.29 1.50 -2.51
CA LEU E 176 -4.12 1.16 -3.32
C LEU E 176 -3.51 -0.12 -2.76
N GLN E 177 -3.57 -1.18 -3.55
CA GLN E 177 -3.08 -2.49 -3.13
C GLN E 177 -1.54 -2.52 -3.10
N SER E 178 -1.00 -3.46 -2.31
CA SER E 178 0.45 -3.67 -2.28
C SER E 178 1.04 -3.82 -3.68
N SER E 179 0.25 -4.22 -4.66
CA SER E 179 0.73 -4.25 -6.04
C SER E 179 0.97 -2.86 -6.63
N GLY E 180 0.42 -1.80 -6.01
CA GLY E 180 0.45 -0.47 -6.58
C GLY E 180 -0.69 -0.13 -7.51
N LEU E 181 -1.62 -1.06 -7.75
CA LEU E 181 -2.84 -0.81 -8.51
C LEU E 181 -4.00 -0.50 -7.57
N TYR E 182 -4.98 0.27 -8.06
CA TYR E 182 -6.13 0.62 -7.23
C TYR E 182 -7.28 -0.37 -7.41
N SER E 183 -8.07 -0.54 -6.34
CA SER E 183 -9.34 -1.24 -6.43
C SER E 183 -10.41 -0.49 -5.64
N LEU E 184 -11.65 -0.48 -6.15
CA LEU E 184 -12.79 -0.07 -5.35
C LEU E 184 -14.01 -0.94 -5.62
N SER E 185 -14.91 -0.95 -4.64
CA SER E 185 -16.20 -1.60 -4.77
C SER E 185 -17.31 -0.55 -4.75
N SER E 186 -18.36 -0.81 -5.52
CA SER E 186 -19.57 0.03 -5.57
C SER E 186 -20.75 -0.85 -5.18
N VAL E 187 -21.52 -0.42 -4.19
CA VAL E 187 -22.60 -1.23 -3.65
C VAL E 187 -23.88 -0.41 -3.67
N VAL E 188 -24.99 -1.04 -4.03
CA VAL E 188 -26.30 -0.40 -3.94
C VAL E 188 -27.25 -1.33 -3.21
N THR E 189 -28.08 -0.78 -2.34
CA THR E 189 -29.14 -1.53 -1.69
C THR E 189 -30.41 -1.41 -2.52
N VAL E 190 -31.09 -2.53 -2.77
CA VAL E 190 -32.32 -2.53 -3.56
C VAL E 190 -33.30 -3.51 -2.97
N PRO E 191 -34.61 -3.22 -3.10
CA PRO E 191 -35.64 -4.17 -2.63
C PRO E 191 -35.37 -5.60 -3.07
N SER E 192 -35.50 -6.54 -2.12
CA SER E 192 -35.49 -7.95 -2.49
C SER E 192 -36.53 -8.22 -3.56
N SER E 193 -37.68 -7.54 -3.47
CA SER E 193 -38.82 -7.87 -4.32
C SER E 193 -38.48 -7.73 -5.80
N SER E 194 -37.48 -6.91 -6.14
CA SER E 194 -37.23 -6.64 -7.55
C SER E 194 -36.05 -7.41 -8.12
N LEU E 195 -35.43 -8.28 -7.33
CA LEU E 195 -34.27 -9.00 -7.84
C LEU E 195 -34.63 -9.87 -9.02
N GLY E 196 -35.88 -10.33 -9.08
CA GLY E 196 -36.32 -11.13 -10.20
C GLY E 196 -36.88 -10.34 -11.36
N THR E 197 -36.67 -9.03 -11.42
CA THR E 197 -37.43 -8.24 -12.38
C THR E 197 -36.60 -7.14 -13.00
N GLN E 198 -35.86 -6.39 -12.17
CA GLN E 198 -35.08 -5.24 -12.60
C GLN E 198 -33.63 -5.61 -12.91
N THR E 199 -33.12 -5.07 -14.01
CA THR E 199 -31.73 -5.28 -14.40
C THR E 199 -30.82 -4.30 -13.67
N TYR E 200 -29.67 -4.80 -13.21
CA TYR E 200 -28.68 -4.02 -12.49
C TYR E 200 -27.36 -4.10 -13.26
N ILE E 201 -26.88 -2.97 -13.75
CA ILE E 201 -25.68 -2.88 -14.58
C ILE E 201 -24.80 -1.79 -14.00
N CYS E 202 -23.54 -2.08 -13.71
CA CYS E 202 -22.65 -1.00 -13.28
C CYS E 202 -21.79 -0.57 -14.47
N ASN E 203 -21.75 0.76 -14.70
CA ASN E 203 -21.01 1.38 -15.80
C ASN E 203 -19.72 1.91 -15.18
N VAL E 204 -18.67 1.11 -15.28
CA VAL E 204 -17.36 1.55 -14.87
C VAL E 204 -16.70 2.21 -16.07
N ASN E 205 -16.14 3.40 -15.86
CA ASN E 205 -15.48 4.15 -16.92
C ASN E 205 -14.16 4.65 -16.35
N HIS E 206 -13.06 4.25 -16.98
CA HIS E 206 -11.72 4.67 -16.59
C HIS E 206 -11.11 5.34 -17.82
N LYS E 207 -11.22 6.66 -17.89
CA LYS E 207 -10.77 7.29 -19.12
C LYS E 207 -9.25 7.43 -19.28
N PRO E 208 -8.40 7.36 -18.22
CA PRO E 208 -6.96 7.26 -18.50
C PRO E 208 -6.62 6.13 -19.46
N SER E 209 -7.32 5.01 -19.37
CA SER E 209 -7.04 3.84 -20.18
C SER E 209 -8.00 3.70 -21.36
N ASN E 210 -8.98 4.59 -21.50
CA ASN E 210 -10.06 4.46 -22.48
C ASN E 210 -10.82 3.15 -22.26
N THR E 211 -10.97 2.76 -20.99
CA THR E 211 -11.77 1.60 -20.62
C THR E 211 -13.17 2.08 -20.24
N LYS E 212 -14.16 1.59 -20.98
CA LYS E 212 -15.55 1.60 -20.58
C LYS E 212 -15.97 0.14 -20.48
N VAL E 213 -16.80 -0.17 -19.49
CA VAL E 213 -17.26 -1.54 -19.25
C VAL E 213 -18.62 -1.49 -18.58
N ASP E 214 -19.48 -2.44 -18.91
CA ASP E 214 -20.80 -2.55 -18.31
C ASP E 214 -21.01 -3.98 -17.85
N LYS E 215 -21.44 -4.17 -16.60
CA LYS E 215 -21.56 -5.48 -15.99
C LYS E 215 -22.94 -5.67 -15.37
N LYS E 216 -23.70 -6.67 -15.86
CA LYS E 216 -24.97 -7.01 -15.28
C LYS E 216 -24.77 -7.96 -14.10
N VAL E 217 -25.37 -7.62 -12.96
CA VAL E 217 -25.11 -8.30 -11.70
C VAL E 217 -26.33 -9.14 -11.36
N GLU E 218 -26.19 -10.44 -11.42
CA GLU E 218 -27.40 -11.22 -11.34
C GLU E 218 -27.49 -11.98 -10.03
N PRO E 219 -28.69 -12.11 -9.47
CA PRO E 219 -28.85 -12.93 -8.26
C PRO E 219 -28.26 -14.31 -8.51
N LYS E 220 -27.47 -14.80 -7.56
CA LYS E 220 -26.58 -15.94 -7.82
C LYS E 220 -27.35 -17.17 -8.28
N SER E 221 -26.86 -17.79 -9.35
CA SER E 221 -27.44 -19.02 -9.93
C SER E 221 -26.53 -20.19 -9.56
N CYS E 222 -26.88 -20.82 -8.44
CA CYS E 222 -26.05 -21.89 -7.87
C CYS E 222 -26.37 -23.25 -8.48
N GLU F 1 10.62 25.99 10.01
CA GLU F 1 9.30 26.43 9.58
C GLU F 1 8.33 26.54 10.75
N ILE F 2 7.29 27.35 10.58
CA ILE F 2 6.32 27.52 11.65
C ILE F 2 5.27 26.42 11.54
N VAL F 3 5.02 25.73 12.65
CA VAL F 3 4.15 24.57 12.69
C VAL F 3 2.76 25.02 13.15
N MET F 4 1.80 25.00 12.24
CA MET F 4 0.40 25.17 12.60
C MET F 4 -0.18 23.80 12.98
N THR F 5 -0.59 23.66 14.24
CA THR F 5 -1.19 22.42 14.73
C THR F 5 -2.61 22.72 15.21
N GLN F 6 -3.58 21.98 14.66
CA GLN F 6 -5.00 22.31 14.81
C GLN F 6 -5.70 21.43 15.84
N SER F 7 -6.36 22.09 16.81
CA SER F 7 -7.60 21.74 17.53
C SER F 7 -7.64 20.25 17.91
N PRO F 8 -8.80 19.52 17.76
CA PRO F 8 -8.70 18.10 17.40
C PRO F 8 -8.83 17.90 15.90
N ALA F 9 -8.44 16.71 15.42
CA ALA F 9 -8.61 16.47 14.00
C ALA F 9 -10.07 16.37 13.64
N THR F 10 -10.91 15.88 14.57
CA THR F 10 -12.32 15.67 14.29
C THR F 10 -13.19 16.34 15.33
N LEU F 11 -14.20 17.07 14.86
CA LEU F 11 -15.27 17.59 15.71
C LEU F 11 -16.59 16.94 15.32
N SER F 12 -17.22 16.26 16.27
CA SER F 12 -18.54 15.66 16.03
C SER F 12 -19.58 16.53 16.73
N VAL F 13 -20.35 17.27 15.93
CA VAL F 13 -21.25 18.30 16.42
C VAL F 13 -22.66 18.05 15.88
N SER F 14 -23.68 18.20 16.75
CA SER F 14 -25.06 18.17 16.31
C SER F 14 -25.38 19.42 15.50
N PRO F 15 -26.28 19.32 14.52
CA PRO F 15 -26.70 20.53 13.79
C PRO F 15 -27.28 21.57 14.72
N GLY F 16 -26.99 22.85 14.42
CA GLY F 16 -27.42 23.99 15.23
C GLY F 16 -26.55 24.29 16.43
N GLU F 17 -25.59 23.42 16.74
CA GLU F 17 -24.72 23.60 17.89
C GLU F 17 -23.62 24.63 17.60
N ARG F 18 -23.04 25.15 18.68
CA ARG F 18 -21.89 26.04 18.59
C ARG F 18 -20.61 25.22 18.50
N ALA F 19 -19.81 25.49 17.49
CA ALA F 19 -18.53 24.83 17.32
C ALA F 19 -17.42 25.86 17.43
N THR F 20 -16.30 25.45 18.04
CA THR F 20 -15.11 26.31 18.12
C THR F 20 -13.87 25.47 17.85
N LEU F 21 -13.23 25.74 16.72
CA LEU F 21 -12.01 25.07 16.27
C LEU F 21 -10.82 25.86 16.73
N SER F 22 -9.82 25.19 17.29
CA SER F 22 -8.57 25.87 17.63
C SER F 22 -7.49 25.61 16.59
N CYS F 23 -6.38 26.35 16.73
CA CYS F 23 -5.26 26.29 15.80
C CYS F 23 -4.10 27.14 16.30
N LYS F 24 -2.99 26.51 16.70
CA LYS F 24 -1.90 27.22 17.35
C LYS F 24 -0.63 27.14 16.52
N ALA F 25 0.20 28.18 16.68
CA ALA F 25 1.43 28.35 15.93
C ALA F 25 2.62 28.22 16.86
N SER F 26 3.75 27.75 16.30
CA SER F 26 4.96 27.56 17.09
C SER F 26 5.58 28.91 17.48
N GLN F 27 5.54 29.88 16.57
CA GLN F 27 6.13 31.19 16.78
C GLN F 27 5.11 32.26 16.49
N ASP F 28 5.38 33.46 16.98
CA ASP F 28 4.51 34.60 16.71
C ASP F 28 4.28 34.77 15.21
N VAL F 29 3.02 34.96 14.84
CA VAL F 29 2.60 35.12 13.45
C VAL F 29 1.69 36.34 13.40
N GLY F 30 1.62 37.06 14.52
CA GLY F 30 0.79 38.24 14.60
C GLY F 30 -0.66 37.94 14.27
N THR F 31 -1.12 38.41 13.10
CA THR F 31 -2.48 38.18 12.65
C THR F 31 -2.48 37.90 11.15
N SER F 32 -1.37 37.39 10.61
CA SER F 32 -1.34 36.83 9.26
C SER F 32 -1.80 35.36 9.28
N VAL F 33 -3.10 35.18 9.48
CA VAL F 33 -3.72 33.88 9.68
C VAL F 33 -5.02 33.85 8.91
N ALA F 34 -5.20 32.84 8.05
CA ALA F 34 -6.45 32.62 7.34
C ALA F 34 -7.05 31.27 7.70
N TRP F 35 -8.36 31.19 7.55
CA TRP F 35 -9.11 29.95 7.68
C TRP F 35 -9.77 29.64 6.35
N TYR F 36 -9.63 28.39 5.92
CA TYR F 36 -10.23 27.85 4.71
C TYR F 36 -11.17 26.69 5.06
N GLN F 37 -12.26 26.60 4.31
CA GLN F 37 -13.20 25.50 4.44
C GLN F 37 -13.10 24.64 3.17
N GLN F 38 -13.10 23.32 3.35
CA GLN F 38 -12.96 22.40 2.21
C GLN F 38 -13.90 21.22 2.37
N LYS F 39 -14.69 20.93 1.33
CA LYS F 39 -15.57 19.80 1.06
C LYS F 39 -14.91 18.81 0.12
N PRO F 40 -14.99 17.49 0.44
CA PRO F 40 -14.37 16.47 -0.40
C PRO F 40 -14.56 16.67 -1.89
N GLY F 41 -13.46 16.62 -2.63
CA GLY F 41 -13.51 16.79 -4.06
C GLY F 41 -13.66 18.22 -4.52
N GLN F 42 -13.60 19.18 -3.61
CA GLN F 42 -13.77 20.58 -3.95
C GLN F 42 -12.56 21.38 -3.46
N ALA F 43 -12.31 22.50 -4.15
CA ALA F 43 -11.26 23.43 -3.76
C ALA F 43 -11.52 24.01 -2.36
N PRO F 44 -10.49 24.55 -1.72
CA PRO F 44 -10.73 25.31 -0.49
C PRO F 44 -11.35 26.67 -0.77
N ARG F 45 -12.04 27.19 0.23
CA ARG F 45 -12.75 28.46 0.11
C ARG F 45 -12.36 29.31 1.30
N LEU F 46 -12.04 30.57 1.02
CA LEU F 46 -11.55 31.50 2.05
C LEU F 46 -12.69 31.96 2.94
N LEU F 47 -12.53 31.74 4.26
CA LEU F 47 -13.52 32.12 5.26
C LEU F 47 -13.17 33.41 5.97
N ILE F 48 -12.11 33.35 6.77
CA ILE F 48 -11.63 34.44 7.62
C ILE F 48 -10.20 34.77 7.21
N TYR F 49 -9.86 36.07 7.23
CA TYR F 49 -8.47 36.50 7.08
C TYR F 49 -8.16 37.55 8.14
N TRP F 50 -6.86 37.90 8.21
CA TRP F 50 -6.35 38.85 9.21
C TRP F 50 -6.73 38.42 10.62
N ALA F 51 -6.85 37.10 10.82
CA ALA F 51 -7.30 36.49 12.07
C ALA F 51 -8.80 36.71 12.33
N SER F 52 -9.41 37.77 11.79
CA SER F 52 -10.78 38.08 12.22
C SER F 52 -11.66 38.71 11.15
N ALA F 53 -11.09 39.23 10.07
CA ALA F 53 -11.93 39.72 8.98
C ALA F 53 -12.67 38.56 8.31
N ARG F 54 -13.87 38.84 7.82
CA ARG F 54 -14.70 37.82 7.18
C ARG F 54 -14.74 38.06 5.67
N HIS F 55 -14.55 36.99 4.90
CA HIS F 55 -14.51 37.16 3.46
C HIS F 55 -15.89 37.50 2.94
N THR F 56 -15.92 38.20 1.80
CA THR F 56 -17.19 38.61 1.22
C THR F 56 -18.02 37.37 0.87
N GLY F 57 -19.31 37.44 1.18
CA GLY F 57 -20.23 36.34 0.94
C GLY F 57 -20.24 35.24 1.98
N ILE F 58 -19.51 35.37 3.07
CA ILE F 58 -19.44 34.33 4.10
C ILE F 58 -20.41 34.69 5.21
N PRO F 59 -21.26 33.77 5.65
CA PRO F 59 -22.22 34.07 6.72
C PRO F 59 -21.64 34.70 7.97
N ALA F 60 -22.49 35.42 8.69
CA ALA F 60 -22.06 36.02 9.95
C ALA F 60 -21.84 34.99 11.05
N ARG F 61 -22.41 33.79 10.93
CA ARG F 61 -22.25 32.77 11.96
C ARG F 61 -20.82 32.26 12.06
N PHE F 62 -19.94 32.64 11.14
CA PHE F 62 -18.52 32.37 11.26
C PHE F 62 -17.83 33.58 11.85
N SER F 63 -16.99 33.35 12.89
CA SER F 63 -16.26 34.41 13.58
C SER F 63 -14.82 33.95 13.87
N GLY F 64 -13.85 34.73 13.45
CA GLY F 64 -12.43 34.43 13.71
C GLY F 64 -11.84 35.31 14.80
N SER F 65 -11.00 34.70 15.64
CA SER F 65 -10.36 35.43 16.73
C SER F 65 -8.96 34.89 16.96
N GLY F 66 -8.11 35.73 17.52
CA GLY F 66 -6.76 35.34 17.89
C GLY F 66 -5.71 36.37 17.53
N SER F 67 -4.57 36.28 18.21
CA SER F 67 -3.39 37.10 17.95
C SER F 67 -2.17 36.35 18.50
N GLY F 68 -1.03 36.50 17.82
CA GLY F 68 0.20 35.92 18.33
C GLY F 68 0.42 34.45 18.01
N THR F 69 0.11 33.56 18.96
CA THR F 69 0.24 32.13 18.70
C THR F 69 -1.06 31.34 18.81
N GLU F 70 -2.19 31.96 19.11
CA GLU F 70 -3.42 31.22 19.35
C GLU F 70 -4.53 31.82 18.51
N PHE F 71 -5.25 30.96 17.81
CA PHE F 71 -6.29 31.39 16.88
C PHE F 71 -7.42 30.38 16.95
N THR F 72 -8.67 30.87 17.03
CA THR F 72 -9.86 30.03 17.02
C THR F 72 -10.83 30.52 15.96
N LEU F 73 -11.39 29.57 15.21
CA LEU F 73 -12.58 29.80 14.41
C LEU F 73 -13.81 29.38 15.20
N THR F 74 -14.86 30.17 15.11
CA THR F 74 -16.10 29.91 15.84
C THR F 74 -17.25 29.91 14.84
N ILE F 75 -17.99 28.81 14.80
CA ILE F 75 -19.28 28.76 14.13
C ILE F 75 -20.36 28.79 15.21
N SER F 76 -21.15 29.87 15.25
CA SER F 76 -22.13 30.04 16.32
C SER F 76 -23.19 28.95 16.30
N SER F 77 -23.72 28.64 15.11
CA SER F 77 -24.75 27.64 14.93
C SER F 77 -24.42 26.87 13.68
N LEU F 78 -24.12 25.58 13.84
CA LEU F 78 -23.69 24.74 12.75
C LEU F 78 -24.86 24.38 11.83
N GLN F 79 -24.75 24.78 10.57
CA GLN F 79 -25.76 24.53 9.54
C GLN F 79 -25.29 23.43 8.58
N SER F 80 -26.27 22.82 7.90
CA SER F 80 -26.02 21.76 6.93
C SER F 80 -24.73 21.97 6.15
N GLU F 81 -24.62 23.14 5.51
CA GLU F 81 -23.49 23.48 4.65
C GLU F 81 -22.18 23.55 5.41
N ASP F 82 -22.23 23.65 6.74
CA ASP F 82 -21.05 24.03 7.52
C ASP F 82 -20.17 22.84 7.92
N PHE F 83 -20.53 21.63 7.50
CA PHE F 83 -19.80 20.43 7.93
C PHE F 83 -18.71 20.14 6.90
N ALA F 84 -17.47 20.32 7.30
CA ALA F 84 -16.37 20.24 6.36
C ALA F 84 -15.08 20.03 7.12
N VAL F 85 -13.98 19.98 6.36
CA VAL F 85 -12.65 20.14 6.92
C VAL F 85 -12.33 21.63 6.94
N TYR F 86 -11.76 22.11 8.04
CA TYR F 86 -11.38 23.52 8.18
C TYR F 86 -9.89 23.63 8.44
N TYR F 87 -9.16 24.24 7.51
CA TYR F 87 -7.73 24.46 7.64
C TYR F 87 -7.45 25.92 8.03
N CYS F 88 -6.63 26.12 9.06
CA CYS F 88 -5.95 27.38 9.32
C CYS F 88 -4.60 27.41 8.62
N GLN F 89 -4.12 28.63 8.31
CA GLN F 89 -2.92 28.84 7.51
C GLN F 89 -2.26 30.16 7.91
N GLN F 90 -0.93 30.15 8.10
CA GLN F 90 -0.20 31.36 8.43
C GLN F 90 0.39 31.97 7.17
N TYR F 91 0.48 33.31 7.16
CA TYR F 91 1.24 33.95 6.10
C TYR F 91 2.10 35.09 6.64
N SER F 92 2.59 34.95 7.88
CA SER F 92 3.55 35.89 8.42
C SER F 92 4.90 35.79 7.71
N SER F 93 5.40 34.57 7.54
CA SER F 93 6.77 34.34 7.11
C SER F 93 6.84 33.07 6.29
N TYR F 94 7.73 33.05 5.31
CA TYR F 94 7.95 31.84 4.55
C TYR F 94 8.66 30.79 5.41
N PRO F 95 8.46 29.48 5.10
CA PRO F 95 7.45 29.06 4.13
C PRO F 95 6.04 29.17 4.75
N LEU F 96 5.06 29.54 3.91
CA LEU F 96 3.65 29.57 4.30
C LEU F 96 3.23 28.19 4.73
N THR F 97 2.68 28.07 5.92
CA THR F 97 2.34 26.76 6.43
C THR F 97 0.86 26.65 6.82
N PHE F 98 0.29 25.46 6.56
CA PHE F 98 -1.10 25.15 6.90
C PHE F 98 -1.20 24.28 8.15
N GLY F 99 -2.36 24.32 8.76
CA GLY F 99 -2.67 23.37 9.81
C GLY F 99 -3.00 22.02 9.21
N GLY F 100 -3.15 21.04 10.10
CA GLY F 100 -3.40 19.67 9.69
C GLY F 100 -4.86 19.28 9.69
N GLY F 101 -5.74 20.27 9.62
CA GLY F 101 -7.17 20.11 9.43
C GLY F 101 -7.94 19.91 10.72
N THR F 102 -9.18 20.38 10.70
CA THR F 102 -10.21 19.84 11.57
C THR F 102 -11.39 19.50 10.70
N LYS F 103 -11.73 18.21 10.66
CA LYS F 103 -13.00 17.75 10.09
C LYS F 103 -14.08 17.95 11.12
N VAL F 104 -15.06 18.81 10.82
CA VAL F 104 -16.24 18.93 11.66
C VAL F 104 -17.34 18.05 11.09
N GLU F 105 -17.75 17.07 11.89
CA GLU F 105 -18.62 15.96 11.50
C GLU F 105 -20.01 16.13 12.10
N ILE F 106 -21.03 15.66 11.36
CA ILE F 106 -22.39 15.63 11.91
C ILE F 106 -22.46 14.57 13.00
N LYS F 107 -23.04 14.93 14.14
CA LYS F 107 -23.19 13.99 15.22
C LYS F 107 -24.63 13.50 15.28
N ARG F 108 -24.78 12.19 15.43
CA ARG F 108 -25.97 11.46 15.00
C ARG F 108 -26.34 10.44 16.06
N THR F 109 -27.60 10.03 16.06
CA THR F 109 -28.02 8.92 16.90
C THR F 109 -27.19 7.70 16.52
N VAL F 110 -26.84 6.89 17.52
CA VAL F 110 -26.12 5.64 17.26
C VAL F 110 -26.89 4.79 16.26
N ALA F 111 -26.17 4.09 15.39
CA ALA F 111 -26.80 3.28 14.36
C ALA F 111 -25.94 2.05 14.09
N ALA F 112 -26.42 0.88 14.48
CA ALA F 112 -25.67 -0.34 14.23
C ALA F 112 -25.55 -0.56 12.71
N PRO F 113 -24.49 -1.23 12.25
CA PRO F 113 -24.35 -1.48 10.82
C PRO F 113 -25.16 -2.69 10.36
N SER F 114 -25.60 -2.61 9.10
CA SER F 114 -26.07 -3.77 8.39
C SER F 114 -24.85 -4.44 7.76
N VAL F 115 -24.63 -5.70 8.09
CA VAL F 115 -23.43 -6.42 7.68
C VAL F 115 -23.79 -7.44 6.61
N PHE F 116 -22.91 -7.55 5.60
CA PHE F 116 -23.12 -8.41 4.46
C PHE F 116 -21.77 -8.92 3.97
N ILE F 117 -21.75 -10.13 3.40
CA ILE F 117 -20.51 -10.73 2.92
C ILE F 117 -20.70 -11.30 1.51
N PHE F 118 -19.68 -11.11 0.67
CA PHE F 118 -19.73 -11.52 -0.74
C PHE F 118 -18.62 -12.51 -1.04
N PRO F 119 -18.93 -13.72 -1.50
CA PRO F 119 -17.89 -14.61 -1.98
C PRO F 119 -17.34 -14.11 -3.30
N PRO F 120 -16.22 -14.63 -3.74
CA PRO F 120 -15.64 -14.18 -5.01
C PRO F 120 -16.43 -14.65 -6.22
N SER F 121 -16.62 -13.75 -7.17
CA SER F 121 -17.23 -14.08 -8.44
C SER F 121 -16.52 -15.26 -9.07
N ASP F 122 -17.31 -16.18 -9.65
CA ASP F 122 -16.70 -17.24 -10.43
C ASP F 122 -15.77 -16.68 -11.51
N GLU F 123 -16.11 -15.52 -12.08
CA GLU F 123 -15.26 -14.89 -13.09
C GLU F 123 -13.86 -14.61 -12.55
N GLN F 124 -13.77 -13.91 -11.42
CA GLN F 124 -12.46 -13.57 -10.88
C GLN F 124 -11.70 -14.82 -10.48
N LEU F 125 -12.42 -15.85 -10.05
CA LEU F 125 -11.75 -17.08 -9.64
C LEU F 125 -10.93 -17.66 -10.79
N LYS F 126 -11.45 -17.55 -12.01
CA LYS F 126 -10.74 -18.14 -13.14
C LYS F 126 -9.55 -17.29 -13.58
N SER F 127 -9.32 -16.13 -12.95
CA SER F 127 -8.13 -15.32 -13.16
C SER F 127 -6.97 -15.72 -12.25
N GLY F 128 -7.25 -16.48 -11.20
CA GLY F 128 -6.25 -16.86 -10.22
C GLY F 128 -6.40 -16.20 -8.87
N THR F 129 -7.34 -15.26 -8.72
CA THR F 129 -7.47 -14.45 -7.52
C THR F 129 -8.84 -14.62 -6.85
N ALA F 130 -8.84 -14.50 -5.52
CA ALA F 130 -10.06 -14.53 -4.72
C ALA F 130 -10.16 -13.27 -3.87
N SER F 131 -11.16 -12.45 -4.16
CA SER F 131 -11.49 -11.30 -3.30
C SER F 131 -12.84 -11.54 -2.62
N VAL F 132 -12.82 -11.51 -1.29
CA VAL F 132 -14.02 -11.61 -0.47
C VAL F 132 -14.27 -10.25 0.13
N VAL F 133 -15.40 -9.64 -0.23
CA VAL F 133 -15.79 -8.32 0.21
C VAL F 133 -16.75 -8.45 1.39
N CYS F 134 -16.50 -7.67 2.42
CA CYS F 134 -17.40 -7.56 3.55
C CYS F 134 -17.85 -6.10 3.71
N LEU F 135 -19.15 -5.90 3.89
CA LEU F 135 -19.80 -4.60 3.76
C LEU F 135 -20.48 -4.24 5.07
N LEU F 136 -20.09 -3.11 5.65
CA LEU F 136 -20.72 -2.57 6.85
C LEU F 136 -21.53 -1.35 6.41
N ASN F 137 -22.85 -1.50 6.36
CA ASN F 137 -23.70 -0.46 5.79
C ASN F 137 -24.30 0.41 6.88
N ASN F 138 -24.16 1.73 6.70
CA ASN F 138 -24.95 2.79 7.34
C ASN F 138 -24.92 2.70 8.87
N PHE F 139 -23.74 3.01 9.41
CA PHE F 139 -23.53 3.08 10.85
C PHE F 139 -23.11 4.49 11.30
N TYR F 140 -23.23 4.71 12.62
CA TYR F 140 -22.68 5.86 13.31
C TYR F 140 -22.38 5.39 14.72
N PRO F 141 -21.24 5.79 15.31
CA PRO F 141 -20.12 6.60 14.80
C PRO F 141 -19.25 5.87 13.78
N ARG F 142 -18.13 6.45 13.35
CA ARG F 142 -17.35 5.76 12.35
C ARG F 142 -16.45 4.65 12.91
N GLU F 143 -16.21 4.62 14.21
CA GLU F 143 -15.28 3.62 14.74
C GLU F 143 -15.90 2.23 14.67
N ALA F 144 -15.13 1.26 14.15
CA ALA F 144 -15.59 -0.12 13.96
C ALA F 144 -14.41 -1.01 13.58
N LYS F 145 -14.39 -2.24 14.09
CA LYS F 145 -13.36 -3.21 13.75
C LYS F 145 -13.95 -4.34 12.93
N VAL F 146 -13.23 -4.73 11.88
CA VAL F 146 -13.60 -5.81 10.97
C VAL F 146 -12.52 -6.87 11.07
N GLN F 147 -12.88 -8.05 11.53
CA GLN F 147 -11.93 -9.14 11.62
C GLN F 147 -12.37 -10.26 10.70
N TRP F 148 -11.43 -10.73 9.87
CA TRP F 148 -11.63 -11.93 9.08
C TRP F 148 -11.12 -13.14 9.84
N LYS F 149 -11.87 -14.25 9.77
CA LYS F 149 -11.43 -15.55 10.29
C LYS F 149 -11.70 -16.60 9.21
N VAL F 150 -10.64 -17.22 8.70
CA VAL F 150 -10.78 -18.25 7.67
C VAL F 150 -10.56 -19.62 8.31
N ASP F 151 -11.60 -20.44 8.27
CA ASP F 151 -11.72 -21.62 9.12
C ASP F 151 -11.31 -21.27 10.55
N ASN F 152 -11.83 -20.14 11.02
CA ASN F 152 -11.73 -19.69 12.40
C ASN F 152 -10.29 -19.45 12.83
N ALA F 153 -9.43 -19.09 11.90
CA ALA F 153 -8.09 -18.61 12.20
C ALA F 153 -8.04 -17.14 11.82
N LEU F 154 -7.71 -16.28 12.78
CA LEU F 154 -7.72 -14.85 12.51
C LEU F 154 -6.78 -14.52 11.35
N GLN F 155 -7.20 -13.61 10.48
CA GLN F 155 -6.45 -13.23 9.29
C GLN F 155 -5.83 -11.86 9.49
N SER F 156 -4.53 -11.75 9.19
CA SER F 156 -3.74 -10.55 9.37
C SER F 156 -2.94 -10.27 8.10
N GLY F 157 -2.81 -9.00 7.75
CA GLY F 157 -2.02 -8.65 6.60
C GLY F 157 -2.65 -8.90 5.24
N ASN F 158 -3.87 -9.43 5.19
CA ASN F 158 -4.50 -9.87 3.94
C ASN F 158 -5.75 -9.06 3.62
N SER F 159 -6.05 -8.04 4.40
CA SER F 159 -7.31 -7.33 4.27
C SER F 159 -7.00 -5.85 4.10
N GLN F 160 -7.87 -5.17 3.37
CA GLN F 160 -7.88 -3.73 3.28
C GLN F 160 -9.32 -3.30 3.43
N GLU F 161 -9.54 -2.12 4.03
CA GLU F 161 -10.88 -1.57 4.14
C GLU F 161 -10.88 -0.11 3.71
N SER F 162 -12.08 0.43 3.63
CA SER F 162 -12.33 1.72 3.00
C SER F 162 -13.68 2.18 3.54
N VAL F 163 -13.80 3.46 3.81
CA VAL F 163 -15.02 4.00 4.38
C VAL F 163 -15.44 5.21 3.57
N THR F 164 -16.75 5.43 3.45
CA THR F 164 -17.32 6.54 2.70
C THR F 164 -17.32 7.81 3.53
N GLU F 165 -17.34 8.93 2.83
CA GLU F 165 -17.67 10.19 3.49
C GLU F 165 -19.09 10.15 4.04
N GLN F 166 -19.34 10.96 5.07
CA GLN F 166 -20.60 10.91 5.79
C GLN F 166 -21.76 11.19 4.83
N ASP F 167 -22.90 10.54 5.09
CA ASP F 167 -23.99 10.55 4.14
C ASP F 167 -24.77 11.85 4.24
N SER F 168 -24.96 12.50 3.10
CA SER F 168 -25.66 13.78 3.02
C SER F 168 -26.96 13.78 3.84
N LYS F 169 -27.74 12.70 3.76
CA LYS F 169 -29.14 12.69 4.22
C LYS F 169 -29.35 11.98 5.54
N ASP F 170 -28.74 10.82 5.79
CA ASP F 170 -28.90 10.17 7.09
C ASP F 170 -27.64 10.28 7.94
N SER F 171 -26.57 10.89 7.41
CA SER F 171 -25.37 11.20 8.18
C SER F 171 -24.64 9.95 8.67
N THR F 172 -24.69 8.87 7.91
CA THR F 172 -24.05 7.64 8.33
C THR F 172 -22.80 7.36 7.51
N TYR F 173 -22.07 6.35 7.94
CA TYR F 173 -20.91 5.83 7.23
C TYR F 173 -21.19 4.42 6.76
N SER F 174 -20.61 4.06 5.62
CA SER F 174 -20.54 2.66 5.20
C SER F 174 -19.09 2.28 4.95
N LEU F 175 -18.73 1.07 5.34
CA LEU F 175 -17.36 0.60 5.19
C LEU F 175 -17.34 -0.73 4.45
N SER F 176 -16.29 -0.95 3.64
CA SER F 176 -16.09 -2.20 2.93
C SER F 176 -14.68 -2.69 3.21
N SER F 177 -14.57 -3.86 3.82
CA SER F 177 -13.29 -4.53 4.02
C SER F 177 -13.17 -5.67 3.03
N THR F 178 -12.10 -5.66 2.25
CA THR F 178 -11.90 -6.70 1.26
C THR F 178 -10.79 -7.64 1.68
N LEU F 179 -11.00 -8.94 1.50
CA LEU F 179 -10.00 -9.96 1.75
C LEU F 179 -9.59 -10.57 0.42
N THR F 180 -8.29 -10.69 0.19
CA THR F 180 -7.80 -11.23 -1.07
C THR F 180 -6.90 -12.45 -0.85
N LEU F 181 -7.07 -13.45 -1.71
CA LEU F 181 -6.20 -14.62 -1.75
C LEU F 181 -6.11 -15.07 -3.19
N SER F 182 -5.12 -15.91 -3.45
CA SER F 182 -5.08 -16.60 -4.72
C SER F 182 -6.22 -17.59 -4.82
N LYS F 183 -6.56 -17.96 -6.05
CA LYS F 183 -7.45 -19.10 -6.22
C LYS F 183 -6.98 -20.28 -5.39
N ALA F 184 -5.68 -20.56 -5.42
CA ALA F 184 -5.16 -21.72 -4.68
C ALA F 184 -5.55 -21.65 -3.21
N ASP F 185 -5.16 -20.57 -2.52
CA ASP F 185 -5.36 -20.56 -1.07
C ASP F 185 -6.84 -20.55 -0.73
N TYR F 186 -7.67 -20.05 -1.64
CA TYR F 186 -9.10 -19.94 -1.35
C TYR F 186 -9.77 -21.31 -1.31
N GLU F 187 -9.22 -22.28 -2.04
CA GLU F 187 -9.83 -23.58 -2.21
C GLU F 187 -9.34 -24.60 -1.19
N LYS F 188 -8.53 -24.18 -0.24
CA LYS F 188 -8.05 -25.01 0.85
C LYS F 188 -8.80 -24.75 2.14
N HIS F 189 -9.92 -24.00 2.08
CA HIS F 189 -10.60 -23.53 3.28
C HIS F 189 -12.10 -23.49 3.05
N LYS F 190 -12.87 -23.66 4.14
CA LYS F 190 -14.32 -23.87 4.05
C LYS F 190 -15.12 -22.67 4.52
N VAL F 191 -14.93 -22.21 5.75
CA VAL F 191 -15.75 -21.13 6.31
C VAL F 191 -14.99 -19.80 6.25
N TYR F 192 -15.60 -18.83 5.56
CA TYR F 192 -15.09 -17.47 5.43
C TYR F 192 -16.00 -16.56 6.24
N ALA F 193 -15.44 -15.94 7.28
CA ALA F 193 -16.23 -15.23 8.26
C ALA F 193 -15.77 -13.77 8.36
N CYS F 194 -16.77 -12.89 8.42
CA CYS F 194 -16.59 -11.46 8.65
C CYS F 194 -17.16 -11.14 10.03
N GLU F 195 -16.31 -10.71 10.95
CA GLU F 195 -16.76 -10.45 12.31
C GLU F 195 -16.60 -8.97 12.63
N VAL F 196 -17.73 -8.32 12.95
CA VAL F 196 -17.82 -6.87 13.10
C VAL F 196 -18.17 -6.55 14.54
N THR F 197 -17.28 -5.82 15.21
CA THR F 197 -17.60 -5.20 16.48
C THR F 197 -17.84 -3.72 16.29
N HIS F 198 -18.87 -3.21 16.95
CA HIS F 198 -19.26 -1.81 16.88
C HIS F 198 -19.97 -1.45 18.17
N GLN F 199 -20.23 -0.16 18.34
CA GLN F 199 -20.87 0.33 19.54
C GLN F 199 -22.35 0.02 19.59
N GLY F 200 -23.05 0.17 18.46
CA GLY F 200 -24.48 -0.04 18.40
C GLY F 200 -24.91 -1.50 18.40
N LEU F 201 -23.96 -2.39 18.60
CA LEU F 201 -24.18 -3.82 18.64
C LEU F 201 -23.98 -4.31 20.07
N SER F 202 -24.94 -5.09 20.56
CA SER F 202 -24.80 -5.80 21.83
C SER F 202 -23.45 -6.50 21.92
N SER F 203 -23.17 -7.36 20.96
CA SER F 203 -21.95 -8.15 20.91
C SER F 203 -21.55 -8.28 19.45
N PRO F 204 -20.29 -8.62 19.16
CA PRO F 204 -19.85 -8.62 17.76
C PRO F 204 -20.66 -9.60 16.92
N VAL F 205 -21.14 -9.09 15.77
CA VAL F 205 -21.94 -9.79 14.78
C VAL F 205 -20.99 -10.48 13.82
N THR F 206 -21.40 -11.64 13.30
CA THR F 206 -20.54 -12.42 12.39
C THR F 206 -21.32 -12.87 11.17
N LYS F 207 -20.89 -12.45 9.98
CA LYS F 207 -21.46 -12.95 8.73
C LYS F 207 -20.44 -13.88 8.07
N SER F 208 -20.92 -15.03 7.59
CA SER F 208 -20.03 -16.08 7.15
C SER F 208 -20.67 -16.86 6.02
N PHE F 209 -19.84 -17.55 5.23
CA PHE F 209 -20.33 -18.48 4.23
C PHE F 209 -19.35 -19.63 4.06
N ASN F 210 -19.87 -20.76 3.59
CA ASN F 210 -19.10 -21.96 3.31
C ASN F 210 -18.84 -22.04 1.81
N ARG F 211 -17.57 -21.98 1.42
CA ARG F 211 -17.23 -21.81 0.02
C ARG F 211 -17.93 -22.86 -0.84
N GLY F 212 -18.63 -22.40 -1.88
CA GLY F 212 -19.30 -23.33 -2.78
C GLY F 212 -20.62 -23.91 -2.27
N GLU F 213 -21.27 -23.24 -1.32
CA GLU F 213 -22.61 -23.57 -0.84
C GLU F 213 -23.52 -22.39 -1.18
N CYS F 214 -24.83 -22.60 -1.03
CA CYS F 214 -25.74 -21.55 -1.45
C CYS F 214 -27.02 -21.50 -0.62
N MET G 2 49.05 10.86 -5.06
CA MET G 2 50.36 11.33 -4.62
C MET G 2 50.27 12.27 -3.40
N THR G 3 49.76 13.49 -3.60
CA THR G 3 49.97 14.60 -2.65
C THR G 3 48.78 14.77 -1.72
N GLY G 4 49.00 14.52 -0.43
CA GLY G 4 47.95 14.52 0.56
C GLY G 4 48.24 13.48 1.62
N THR G 5 48.05 13.84 2.88
CA THR G 5 48.41 13.00 4.00
C THR G 5 47.18 12.80 4.86
N ILE G 6 47.29 11.93 5.84
CA ILE G 6 46.22 11.64 6.76
C ILE G 6 46.73 11.93 8.15
N GLU G 7 46.05 12.80 8.88
CA GLU G 7 46.40 12.98 10.28
C GLU G 7 45.36 12.32 11.16
N THR G 8 45.79 11.89 12.33
CA THR G 8 44.97 11.02 13.16
C THR G 8 45.14 11.45 14.58
N THR G 9 44.45 10.77 15.48
CA THR G 9 44.62 11.01 16.90
C THR G 9 45.83 10.29 17.48
N GLY G 10 46.59 9.56 16.64
CA GLY G 10 47.88 8.99 17.04
C GLY G 10 47.77 7.71 17.86
N ASN G 11 48.73 7.51 18.76
CA ASN G 11 48.71 6.40 19.70
C ASN G 11 48.14 6.88 21.02
N ILE G 12 47.02 6.30 21.44
CA ILE G 12 46.26 6.79 22.57
C ILE G 12 46.03 5.67 23.57
N SER G 13 45.53 6.03 24.74
CA SER G 13 45.33 5.10 25.83
C SER G 13 44.08 5.47 26.62
N ALA G 14 43.35 4.45 27.10
CA ALA G 14 42.10 4.68 27.81
C ALA G 14 41.84 3.60 28.86
N GLU G 15 41.11 3.98 29.90
CA GLU G 15 40.65 3.05 30.93
C GLU G 15 39.69 2.02 30.33
N LYS G 16 39.61 0.86 30.97
CA LYS G 16 38.61 -0.11 30.56
C LYS G 16 37.22 0.42 30.91
N GLY G 17 36.25 0.15 30.04
CA GLY G 17 34.89 0.55 30.27
C GLY G 17 34.52 1.94 29.81
N GLY G 18 35.48 2.78 29.48
CA GLY G 18 35.20 4.10 28.95
C GLY G 18 35.05 4.09 27.45
N SER G 19 34.90 5.30 26.90
CA SER G 19 34.83 5.50 25.46
C SER G 19 36.08 6.19 24.94
N ILE G 20 36.28 6.08 23.63
CA ILE G 20 37.31 6.79 22.92
C ILE G 20 36.69 7.31 21.62
N ILE G 21 37.26 8.38 21.09
CA ILE G 21 36.93 8.82 19.75
C ILE G 21 38.10 8.46 18.85
N LEU G 22 37.79 7.89 17.70
CA LEU G 22 38.78 7.74 16.65
C LEU G 22 38.47 8.74 15.55
N GLN G 23 39.43 9.58 15.22
CA GLN G 23 39.25 10.61 14.21
C GLN G 23 40.41 10.55 13.24
N CYS G 24 40.10 10.88 11.98
CA CYS G 24 41.07 11.00 10.91
C CYS G 24 40.74 12.24 10.11
N HIS G 25 41.72 12.74 9.35
CA HIS G 25 41.47 13.90 8.51
C HIS G 25 42.35 13.78 7.27
N LEU G 26 41.74 13.48 6.13
CA LEU G 26 42.45 13.60 4.86
C LEU G 26 42.60 15.07 4.52
N SER G 27 43.82 15.45 4.15
CA SER G 27 44.15 16.83 3.85
C SER G 27 45.15 16.87 2.70
N SER G 28 45.26 18.05 2.10
CA SER G 28 46.22 18.37 1.04
C SER G 28 45.81 17.78 -0.31
N THR G 29 44.51 17.62 -0.53
CA THR G 29 44.01 17.13 -1.81
C THR G 29 42.55 17.52 -1.97
N THR G 30 42.15 17.68 -3.22
CA THR G 30 40.79 18.01 -3.60
C THR G 30 40.04 16.80 -4.07
N ALA G 31 40.66 15.63 -4.03
CA ALA G 31 40.01 14.45 -4.55
C ALA G 31 38.83 14.08 -3.66
N GLN G 32 37.74 13.64 -4.31
CA GLN G 32 36.49 13.41 -3.60
C GLN G 32 36.49 12.08 -2.86
N VAL G 33 36.08 12.12 -1.59
CA VAL G 33 35.93 10.92 -0.77
C VAL G 33 34.59 10.24 -1.07
N THR G 34 34.65 9.01 -1.57
CA THR G 34 33.47 8.22 -1.86
C THR G 34 33.11 7.28 -0.70
N GLN G 35 34.12 6.73 -0.02
CA GLN G 35 33.87 5.82 1.07
C GLN G 35 35.02 5.86 2.07
N VAL G 36 34.70 5.60 3.33
CA VAL G 36 35.66 5.49 4.41
C VAL G 36 35.32 4.22 5.16
N ASN G 37 36.30 3.34 5.35
CA ASN G 37 36.11 2.13 6.15
C ASN G 37 36.86 2.27 7.46
N TRP G 38 36.27 1.80 8.53
CA TRP G 38 36.95 1.65 9.80
C TRP G 38 37.17 0.16 10.07
N GLU G 39 38.41 -0.18 10.40
CA GLU G 39 38.83 -1.57 10.56
C GLU G 39 39.70 -1.74 11.81
N GLN G 40 39.59 -2.90 12.43
CA GLN G 40 40.63 -3.36 13.32
C GLN G 40 41.64 -4.18 12.51
N GLN G 41 42.72 -4.58 13.18
CA GLN G 41 43.69 -5.43 12.49
C GLN G 41 43.05 -6.72 11.99
N ASP G 42 41.89 -7.10 12.54
CA ASP G 42 41.21 -8.34 12.22
C ASP G 42 39.76 -8.16 11.77
N GLN G 43 39.11 -7.05 12.12
CA GLN G 43 37.73 -6.92 11.70
C GLN G 43 37.41 -5.50 11.26
N LEU G 44 36.57 -5.42 10.22
CA LEU G 44 36.01 -4.18 9.74
C LEU G 44 34.84 -3.74 10.64
N LEU G 45 34.85 -2.47 11.05
CA LEU G 45 33.88 -1.96 12.02
C LEU G 45 32.79 -1.08 11.43
N ALA G 46 33.06 -0.35 10.36
CA ALA G 46 32.04 0.54 9.83
C ALA G 46 32.38 0.92 8.41
N ILE G 47 31.40 1.49 7.73
CA ILE G 47 31.58 2.03 6.40
C ILE G 47 30.68 3.25 6.28
N CYS G 48 31.25 4.42 6.05
CA CYS G 48 30.45 5.58 5.63
C CYS G 48 30.51 5.62 4.10
N ASN G 49 29.35 5.52 3.46
CA ASN G 49 29.27 5.68 2.02
C ASN G 49 28.81 7.09 1.70
N ALA G 50 29.29 7.59 0.56
CA ALA G 50 28.91 8.95 0.19
C ALA G 50 27.47 9.01 -0.28
N ASP G 51 26.97 7.93 -0.87
CA ASP G 51 25.59 7.94 -1.31
C ASP G 51 24.64 7.45 -0.22
N LEU G 52 24.99 6.35 0.44
CA LEU G 52 24.06 5.56 1.22
C LEU G 52 24.23 5.69 2.73
N GLY G 53 25.37 6.21 3.19
CA GLY G 53 25.53 6.53 4.61
C GLY G 53 26.38 5.59 5.45
N TRP G 54 26.10 5.56 6.76
CA TRP G 54 26.78 4.69 7.70
C TRP G 54 26.10 3.33 7.78
N HIS G 55 26.88 2.28 7.62
CA HIS G 55 26.54 0.96 8.14
C HIS G 55 27.52 0.63 9.25
N ILE G 56 27.04 -0.04 10.28
CA ILE G 56 27.89 -0.50 11.38
C ILE G 56 27.86 -2.02 11.40
N SER G 57 29.04 -2.62 11.32
CA SER G 57 29.15 -4.06 11.41
C SER G 57 28.39 -4.58 12.63
N PRO G 58 27.57 -5.63 12.48
CA PRO G 58 26.77 -6.15 13.61
C PRO G 58 27.60 -6.68 14.74
N SER G 59 28.89 -6.94 14.50
CA SER G 59 29.75 -7.35 15.59
C SER G 59 30.06 -6.21 16.55
N PHE G 60 29.66 -4.98 16.20
CA PHE G 60 29.92 -3.83 17.06
C PHE G 60 28.70 -2.91 17.23
N LYS G 61 27.47 -3.40 17.01
CA LYS G 61 26.31 -2.49 17.04
C LYS G 61 26.04 -1.97 18.45
N ASP G 62 26.25 -2.80 19.47
CA ASP G 62 26.06 -2.35 20.86
C ASP G 62 26.98 -1.19 21.20
N ARG G 63 28.20 -1.18 20.66
CA ARG G 63 29.29 -0.36 21.21
C ARG G 63 29.89 0.66 20.26
N VAL G 64 29.27 0.96 19.12
CA VAL G 64 29.92 1.85 18.16
C VAL G 64 28.88 2.77 17.53
N ALA G 65 28.99 4.08 17.80
CA ALA G 65 28.27 5.16 17.17
C ALA G 65 29.11 5.73 16.02
N PRO G 66 28.50 6.08 14.89
CA PRO G 66 29.25 6.76 13.83
C PRO G 66 29.51 8.22 14.17
N GLY G 67 30.57 8.74 13.57
CA GLY G 67 31.01 10.09 13.83
C GLY G 67 31.68 10.25 15.18
N PRO G 68 31.93 11.50 15.60
CA PRO G 68 31.54 12.73 14.90
C PRO G 68 32.28 12.92 13.60
N GLY G 69 31.61 13.55 12.65
CA GLY G 69 32.13 13.69 11.31
C GLY G 69 32.40 12.33 10.73
N LEU G 70 33.57 12.18 10.12
CA LEU G 70 33.96 10.90 9.53
C LEU G 70 34.61 9.99 10.53
N GLY G 71 34.73 10.39 11.79
CA GLY G 71 35.29 9.52 12.81
C GLY G 71 34.33 8.46 13.30
N LEU G 72 34.51 8.04 14.55
CA LEU G 72 33.87 6.85 15.07
C LEU G 72 34.07 6.86 16.57
N THR G 73 33.05 6.43 17.31
CA THR G 73 33.14 6.43 18.77
C THR G 73 32.92 5.02 19.29
N LEU G 74 33.95 4.49 19.98
CA LEU G 74 33.91 3.21 20.65
C LEU G 74 33.39 3.39 22.07
N GLN G 75 32.48 2.50 22.51
CA GLN G 75 31.71 2.76 23.72
C GLN G 75 32.19 2.00 24.96
N SER G 76 32.41 0.71 24.88
CA SER G 76 32.71 -0.01 26.12
C SER G 76 34.00 -0.77 25.91
N LEU G 77 35.12 -0.07 26.05
CA LEU G 77 36.40 -0.63 25.64
C LEU G 77 36.85 -1.77 26.54
N THR G 78 37.26 -2.86 25.92
CA THR G 78 37.87 -4.01 26.57
C THR G 78 39.35 -4.03 26.24
N VAL G 79 40.15 -4.71 27.08
CA VAL G 79 41.55 -4.86 26.74
C VAL G 79 41.70 -5.56 25.40
N ASN G 80 40.67 -6.30 24.99
CA ASN G 80 40.65 -6.92 23.66
C ASN G 80 40.70 -5.89 22.55
N ASP G 81 40.24 -4.68 22.84
CA ASP G 81 40.30 -3.60 21.88
C ASP G 81 41.70 -3.05 21.62
N THR G 82 42.67 -3.34 22.48
CA THR G 82 44.04 -2.92 22.24
C THR G 82 44.53 -3.39 20.88
N GLY G 83 45.04 -2.48 20.07
CA GLY G 83 45.61 -2.83 18.79
C GLY G 83 45.55 -1.67 17.82
N GLU G 84 45.76 -1.97 16.56
CA GLU G 84 45.74 -0.97 15.50
C GLU G 84 44.32 -0.76 14.95
N TYR G 85 44.05 0.47 14.48
CA TYR G 85 42.81 0.84 13.83
C TYR G 85 43.12 1.61 12.56
N PHE G 86 42.21 1.55 11.61
CA PHE G 86 42.52 2.09 10.28
C PHE G 86 41.31 2.82 9.69
N CYS G 87 41.54 4.03 9.24
CA CYS G 87 40.55 4.72 8.43
C CYS G 87 41.03 4.66 6.99
N ILE G 88 40.28 3.98 6.13
CA ILE G 88 40.69 3.87 4.73
C ILE G 88 39.84 4.79 3.88
N TYR G 89 40.51 5.66 3.12
CA TYR G 89 39.85 6.69 2.32
C TYR G 89 39.83 6.24 0.87
N HIS G 90 38.62 5.99 0.35
CA HIS G 90 38.44 5.67 -1.07
C HIS G 90 38.10 6.95 -1.82
N THR G 91 38.85 7.22 -2.88
CA THR G 91 39.03 8.59 -3.34
C THR G 91 39.10 8.64 -4.86
N TYR G 92 38.72 9.79 -5.41
CA TYR G 92 38.82 10.01 -6.86
C TYR G 92 39.23 11.45 -7.14
N PRO G 93 40.32 11.67 -7.89
CA PRO G 93 41.01 10.58 -8.60
C PRO G 93 42.15 9.86 -7.88
N ASP G 94 42.61 10.33 -6.71
CA ASP G 94 43.88 9.85 -6.18
C ASP G 94 43.87 8.34 -5.97
N GLY G 95 43.01 7.86 -5.07
CA GLY G 95 43.06 6.44 -4.72
C GLY G 95 42.87 6.21 -3.24
N THR G 96 43.39 5.11 -2.71
CA THR G 96 43.12 4.75 -1.33
C THR G 96 44.13 5.42 -0.40
N TYR G 97 43.65 6.31 0.47
CA TYR G 97 44.46 6.89 1.53
C TYR G 97 44.14 6.19 2.85
N THR G 98 45.16 5.98 3.67
CA THR G 98 45.03 5.19 4.88
C THR G 98 45.70 5.88 6.04
N GLY G 99 44.95 6.10 7.11
CA GLY G 99 45.56 6.56 8.34
C GLY G 99 45.44 5.52 9.41
N ARG G 100 46.28 5.58 10.43
CA ARG G 100 46.37 4.49 11.40
C ARG G 100 46.42 5.06 12.80
N ILE G 101 45.83 4.34 13.74
CA ILE G 101 45.78 4.73 15.14
C ILE G 101 46.08 3.50 15.96
N PHE G 102 46.85 3.64 17.03
CA PHE G 102 47.07 2.54 17.94
C PHE G 102 46.39 2.85 19.27
N LEU G 103 45.57 1.92 19.72
CA LEU G 103 44.85 2.09 20.96
C LEU G 103 45.35 1.07 21.97
N GLU G 104 45.51 1.50 23.21
CA GLU G 104 45.86 0.59 24.30
C GLU G 104 44.85 0.82 25.41
N VAL G 105 44.12 -0.22 25.77
CA VAL G 105 43.15 -0.13 26.86
C VAL G 105 43.77 -0.78 28.09
N LEU G 106 43.84 -0.01 29.17
CA LEU G 106 44.53 -0.43 30.38
C LEU G 106 43.52 -0.61 31.50
N GLU G 107 43.99 -1.21 32.60
CA GLU G 107 43.15 -1.44 33.76
C GLU G 107 43.72 -0.79 35.03
N MET H 2 41.51 39.77 -44.56
CA MET H 2 42.62 40.62 -44.14
C MET H 2 42.24 41.66 -43.09
N THR H 3 42.19 42.93 -43.52
CA THR H 3 42.06 44.09 -42.63
C THR H 3 40.85 43.99 -41.73
N GLY H 4 41.03 43.97 -40.42
CA GLY H 4 39.89 43.83 -39.51
C GLY H 4 40.25 43.06 -38.26
N THR H 5 39.64 43.46 -37.15
CA THR H 5 40.12 43.04 -35.83
C THR H 5 38.95 42.74 -34.90
N ILE H 6 39.25 42.03 -33.82
CA ILE H 6 38.23 41.45 -32.95
C ILE H 6 38.52 41.86 -31.52
N GLU H 7 37.80 42.84 -31.01
CA GLU H 7 37.89 43.13 -29.59
C GLU H 7 36.86 42.31 -28.83
N THR H 8 37.17 42.02 -27.57
CA THR H 8 36.32 41.23 -26.70
C THR H 8 36.24 41.90 -25.34
N THR H 9 35.36 41.35 -24.51
CA THR H 9 35.18 41.72 -23.11
C THR H 9 36.23 41.11 -22.21
N GLY H 10 37.18 40.36 -22.77
CA GLY H 10 38.35 39.89 -22.06
C GLY H 10 38.10 38.68 -21.17
N ASN H 11 39.21 38.07 -20.75
CA ASN H 11 39.17 36.88 -19.92
C ASN H 11 38.58 37.17 -18.53
N ILE H 12 37.68 36.28 -18.10
CA ILE H 12 36.88 36.49 -16.90
C ILE H 12 37.37 35.62 -15.76
N SER H 13 37.02 36.05 -14.55
CA SER H 13 36.92 35.19 -13.38
C SER H 13 35.61 35.56 -12.72
N ALA H 14 34.80 34.55 -12.38
CA ALA H 14 33.48 34.80 -11.83
C ALA H 14 33.10 33.66 -10.90
N GLU H 15 32.13 33.91 -10.03
CA GLU H 15 31.70 32.92 -9.06
C GLU H 15 30.60 32.04 -9.63
N LYS H 16 30.43 30.87 -9.01
CA LYS H 16 29.26 30.05 -9.30
C LYS H 16 27.99 30.85 -9.00
N GLY H 17 27.00 30.70 -9.87
CA GLY H 17 25.70 31.30 -9.65
C GLY H 17 25.52 32.65 -10.32
N GLY H 18 26.61 33.42 -10.45
CA GLY H 18 26.54 34.72 -11.08
C GLY H 18 26.25 34.62 -12.57
N SER H 19 25.89 35.78 -13.14
CA SER H 19 25.74 35.96 -14.57
C SER H 19 26.75 36.99 -15.06
N ILE H 20 26.93 37.05 -16.36
CA ILE H 20 28.02 37.82 -16.94
C ILE H 20 27.77 38.03 -18.41
N ILE H 21 28.13 39.20 -18.93
CA ILE H 21 28.00 39.49 -20.35
C ILE H 21 29.28 39.01 -21.03
N LEU H 22 29.10 38.36 -22.17
CA LEU H 22 30.18 38.04 -23.09
C LEU H 22 29.88 38.75 -24.40
N GLN H 23 30.82 39.57 -24.87
CA GLN H 23 30.62 40.27 -26.12
C GLN H 23 31.93 40.41 -26.91
N CYS H 24 31.74 40.57 -28.21
CA CYS H 24 32.80 40.80 -29.16
C CYS H 24 32.38 41.96 -30.05
N HIS H 25 33.36 42.49 -30.78
CA HIS H 25 33.08 43.48 -31.81
C HIS H 25 34.05 43.25 -32.95
N LEU H 26 33.56 43.38 -34.17
CA LEU H 26 34.37 43.29 -35.38
C LEU H 26 34.53 44.70 -35.91
N SER H 27 35.71 45.26 -35.71
CA SER H 27 36.03 46.60 -36.19
C SER H 27 37.04 46.53 -37.32
N SER H 28 37.13 47.64 -38.06
CA SER H 28 38.13 47.84 -39.09
C SER H 28 37.85 47.03 -40.35
N THR H 29 36.60 47.05 -40.84
CA THR H 29 36.28 46.34 -42.08
C THR H 29 34.86 46.63 -42.54
N THR H 30 34.73 46.88 -43.84
CA THR H 30 33.47 47.09 -44.55
C THR H 30 32.54 45.89 -44.54
N ALA H 31 33.04 44.72 -44.14
CA ALA H 31 32.35 43.46 -44.40
C ALA H 31 30.97 43.43 -43.75
N GLN H 32 29.97 43.05 -44.55
CA GLN H 32 28.65 42.75 -44.01
C GLN H 32 28.70 41.47 -43.19
N VAL H 33 28.02 41.45 -42.05
CA VAL H 33 28.04 40.32 -41.13
C VAL H 33 26.78 39.49 -41.34
N THR H 34 26.93 38.28 -41.87
CA THR H 34 25.80 37.43 -42.16
C THR H 34 25.34 36.62 -40.95
N GLN H 35 26.27 36.19 -40.10
CA GLN H 35 25.94 35.29 -39.01
C GLN H 35 27.02 35.45 -37.95
N VAL H 36 26.67 35.06 -36.73
CA VAL H 36 27.64 35.05 -35.63
C VAL H 36 27.33 33.85 -34.76
N ASN H 37 28.34 32.99 -34.57
CA ASN H 37 28.21 31.75 -33.81
C ASN H 37 28.93 31.95 -32.48
N TRP H 38 28.28 31.57 -31.39
CA TRP H 38 28.96 31.47 -30.11
C TRP H 38 29.16 29.98 -29.84
N GLU H 39 30.39 29.54 -30.00
CA GLU H 39 30.84 28.18 -29.75
C GLU H 39 31.60 28.12 -28.44
N GLN H 40 31.73 26.91 -27.89
CA GLN H 40 32.67 26.71 -26.80
C GLN H 40 33.57 25.50 -27.02
N GLN H 41 33.81 25.11 -28.29
CA GLN H 41 34.80 24.10 -28.65
C GLN H 41 34.26 22.71 -28.37
N ASP H 42 33.84 22.45 -27.13
CA ASP H 42 32.96 21.32 -26.86
C ASP H 42 31.68 21.42 -27.68
N GLN H 43 31.08 22.61 -27.73
CA GLN H 43 29.69 22.73 -28.17
C GLN H 43 29.40 24.12 -28.73
N LEU H 44 28.36 24.19 -29.55
CA LEU H 44 27.86 25.44 -30.12
C LEU H 44 26.66 25.93 -29.30
N LEU H 45 26.67 27.21 -28.91
CA LEU H 45 25.68 27.74 -27.98
C LEU H 45 24.60 28.60 -28.61
N ALA H 46 24.88 29.38 -29.65
CA ALA H 46 23.89 30.31 -30.17
C ALA H 46 24.29 30.77 -31.56
N ILE H 47 23.29 31.12 -32.35
CA ILE H 47 23.52 31.63 -33.70
C ILE H 47 22.61 32.84 -33.86
N CYS H 48 23.21 34.04 -33.94
CA CYS H 48 22.51 35.20 -34.49
C CYS H 48 22.73 35.19 -36.00
N ASN H 49 21.65 34.99 -36.74
CA ASN H 49 21.61 35.09 -38.19
C ASN H 49 21.13 36.47 -38.59
N ALA H 50 21.68 36.99 -39.70
CA ALA H 50 21.31 38.34 -40.12
C ALA H 50 19.84 38.41 -40.52
N ASP H 51 19.34 37.38 -41.18
CA ASP H 51 17.95 37.42 -41.66
C ASP H 51 16.98 36.97 -40.58
N LEU H 52 17.28 35.86 -39.90
CA LEU H 52 16.27 35.18 -39.10
C LEU H 52 16.39 35.46 -37.60
N GLY H 53 17.52 35.97 -37.13
CA GLY H 53 17.60 36.33 -35.73
C GLY H 53 18.37 35.40 -34.82
N TRP H 54 18.05 35.44 -33.53
CA TRP H 54 18.72 34.64 -32.52
C TRP H 54 18.07 33.27 -32.38
N HIS H 55 18.91 32.23 -32.34
CA HIS H 55 18.51 30.90 -31.89
C HIS H 55 19.49 30.45 -30.80
N ILE H 56 18.94 29.95 -29.70
CA ILE H 56 19.71 29.40 -28.60
C ILE H 56 19.56 27.89 -28.65
N SER H 57 20.67 27.16 -28.58
CA SER H 57 20.61 25.72 -28.62
C SER H 57 19.90 25.17 -27.37
N PRO H 58 19.19 24.04 -27.52
CA PRO H 58 18.52 23.40 -26.38
C PRO H 58 19.40 23.15 -25.18
N SER H 59 20.70 22.94 -25.39
CA SER H 59 21.60 22.62 -24.30
C SER H 59 21.83 23.80 -23.36
N PHE H 60 21.39 25.00 -23.74
CA PHE H 60 21.67 26.20 -22.95
C PHE H 60 20.43 27.09 -22.81
N LYS H 61 19.23 26.58 -23.03
CA LYS H 61 18.08 27.47 -23.12
C LYS H 61 17.76 28.09 -21.77
N ASP H 62 17.92 27.32 -20.70
CA ASP H 62 17.66 27.87 -19.38
C ASP H 62 18.79 28.73 -18.86
N ARG H 63 19.95 28.72 -19.50
CA ARG H 63 21.16 29.31 -18.94
C ARG H 63 21.76 30.42 -19.79
N VAL H 64 21.20 30.69 -20.97
CA VAL H 64 21.81 31.59 -21.94
C VAL H 64 20.72 32.38 -22.65
N ALA H 65 20.84 33.71 -22.59
CA ALA H 65 19.97 34.65 -23.28
C ALA H 65 20.78 35.45 -24.30
N PRO H 66 20.16 35.86 -25.39
CA PRO H 66 20.89 36.59 -26.43
C PRO H 66 21.12 38.06 -26.08
N GLY H 67 22.20 38.59 -26.62
CA GLY H 67 22.52 39.99 -26.43
C GLY H 67 23.14 40.28 -25.08
N PRO H 68 23.42 41.57 -24.82
CA PRO H 68 23.08 42.71 -25.70
C PRO H 68 23.91 42.73 -26.97
N GLY H 69 23.38 43.38 -28.01
CA GLY H 69 24.07 43.41 -29.29
C GLY H 69 24.37 42.01 -29.79
N LEU H 70 25.56 41.84 -30.35
CA LEU H 70 25.94 40.52 -30.85
C LEU H 70 26.51 39.67 -29.75
N GLY H 71 26.47 40.13 -28.51
CA GLY H 71 26.99 39.35 -27.41
C GLY H 71 25.99 38.34 -26.87
N LEU H 72 26.31 37.85 -25.67
CA LEU H 72 25.56 36.81 -25.01
C LEU H 72 25.58 37.09 -23.53
N THR H 73 24.58 36.58 -22.81
CA THR H 73 24.51 36.71 -21.37
C THR H 73 24.29 35.33 -20.77
N LEU H 74 25.25 34.89 -19.94
CA LEU H 74 25.26 33.57 -19.31
C LEU H 74 24.73 33.68 -17.89
N GLN H 75 23.64 32.97 -17.59
CA GLN H 75 23.04 32.96 -16.26
C GLN H 75 23.45 31.73 -15.47
N SER H 76 23.25 31.83 -14.15
CA SER H 76 23.54 30.76 -13.17
C SER H 76 24.76 29.94 -13.56
N LEU H 77 25.95 30.51 -13.38
CA LEU H 77 27.18 29.85 -13.81
C LEU H 77 27.51 28.66 -12.91
N THR H 78 27.96 27.58 -13.54
CA THR H 78 28.58 26.47 -12.86
C THR H 78 30.07 26.43 -13.19
N VAL H 79 30.82 25.73 -12.33
CA VAL H 79 32.25 25.54 -12.54
C VAL H 79 32.50 24.84 -13.88
N ASN H 80 31.56 24.00 -14.31
CA ASN H 80 31.75 23.30 -15.57
C ASN H 80 31.75 24.24 -16.77
N ASP H 81 31.44 25.51 -16.56
CA ASP H 81 31.53 26.47 -17.65
C ASP H 81 32.95 26.94 -17.93
N THR H 82 33.90 26.68 -17.02
CA THR H 82 35.29 27.10 -17.22
C THR H 82 35.81 26.59 -18.56
N GLY H 83 36.37 27.49 -19.35
CA GLY H 83 36.89 27.14 -20.66
C GLY H 83 36.96 28.33 -21.60
N GLU H 84 37.26 28.02 -22.86
CA GLU H 84 37.32 29.00 -23.94
C GLU H 84 35.96 29.18 -24.60
N TYR H 85 35.61 30.43 -24.93
CA TYR H 85 34.42 30.75 -25.70
C TYR H 85 34.83 31.51 -26.95
N PHE H 86 34.04 31.38 -28.00
CA PHE H 86 34.45 31.83 -29.33
C PHE H 86 33.30 32.53 -30.00
N CYS H 87 33.53 33.73 -30.49
CA CYS H 87 32.56 34.42 -31.33
C CYS H 87 33.08 34.36 -32.75
N ILE H 88 32.40 33.59 -33.58
CA ILE H 88 32.83 33.38 -34.95
C ILE H 88 31.95 34.23 -35.85
N TYR H 89 32.58 35.11 -36.61
CA TYR H 89 31.91 36.16 -37.37
C TYR H 89 31.96 35.79 -38.85
N HIS H 90 30.82 35.38 -39.40
CA HIS H 90 30.72 35.08 -40.83
C HIS H 90 30.39 36.35 -41.59
N THR H 91 31.26 36.71 -42.52
CA THR H 91 31.17 37.99 -43.19
C THR H 91 31.36 37.83 -44.69
N TYR H 92 30.96 38.86 -45.43
CA TYR H 92 31.26 39.01 -46.84
C TYR H 92 31.77 40.42 -47.08
N PRO H 93 32.89 40.60 -47.82
CA PRO H 93 33.66 39.55 -48.50
C PRO H 93 34.83 38.99 -47.70
N ASP H 94 35.14 39.61 -46.55
CA ASP H 94 36.34 39.25 -45.80
C ASP H 94 36.44 37.74 -45.61
N GLY H 95 35.43 37.15 -44.98
CA GLY H 95 35.49 35.75 -44.63
C GLY H 95 35.12 35.56 -43.18
N THR H 96 35.87 34.75 -42.44
CA THR H 96 35.46 34.33 -41.11
C THR H 96 36.43 34.87 -40.07
N TYR H 97 35.92 35.69 -39.17
CA TYR H 97 36.70 36.25 -38.08
C TYR H 97 36.35 35.57 -36.78
N THR H 98 37.34 35.33 -35.94
CA THR H 98 37.13 34.65 -34.67
C THR H 98 37.60 35.54 -33.53
N GLY H 99 36.86 35.52 -32.43
CA GLY H 99 37.33 36.11 -31.18
C GLY H 99 37.29 35.13 -30.03
N ARG H 100 38.09 35.36 -29.01
CA ARG H 100 38.28 34.36 -27.98
C ARG H 100 38.14 34.99 -26.61
N ILE H 101 37.45 34.29 -25.73
CA ILE H 101 37.26 34.72 -24.35
C ILE H 101 37.58 33.52 -23.49
N PHE H 102 38.26 33.72 -22.38
CA PHE H 102 38.47 32.63 -21.44
C PHE H 102 37.71 32.94 -20.16
N LEU H 103 36.73 32.11 -19.85
CA LEU H 103 35.98 32.23 -18.62
C LEU H 103 36.53 31.24 -17.61
N GLU H 104 36.63 31.67 -16.35
CA GLU H 104 36.95 30.77 -15.26
C GLU H 104 35.94 30.99 -14.14
N VAL H 105 35.14 29.99 -13.85
CA VAL H 105 34.16 30.05 -12.77
C VAL H 105 34.76 29.39 -11.54
N LEU H 106 34.51 29.99 -10.38
CA LEU H 106 35.16 29.62 -9.14
C LEU H 106 34.15 29.34 -8.04
N GLU H 107 34.52 28.39 -7.18
CA GLU H 107 33.65 27.89 -6.11
C GLU H 107 33.73 28.75 -4.84
N MET I 2 -11.74 65.52 -5.97
CA MET I 2 -10.61 64.92 -6.67
C MET I 2 -9.36 65.83 -6.62
N THR I 3 -9.42 66.89 -5.81
CA THR I 3 -8.23 67.69 -5.56
C THR I 3 -7.52 67.10 -4.35
N GLY I 4 -6.84 65.97 -4.58
CA GLY I 4 -6.06 65.29 -3.56
C GLY I 4 -4.58 65.32 -3.90
N THR I 5 -3.77 65.76 -2.94
CA THR I 5 -2.33 65.93 -3.09
C THR I 5 -1.61 64.88 -2.26
N ILE I 6 -0.44 64.46 -2.75
CA ILE I 6 0.42 63.53 -2.02
C ILE I 6 1.76 64.22 -1.82
N GLU I 7 2.20 64.32 -0.57
CA GLU I 7 3.56 64.75 -0.28
C GLU I 7 4.35 63.53 0.15
N THR I 8 5.40 63.21 -0.61
CA THR I 8 6.31 62.12 -0.31
C THR I 8 7.57 62.68 0.34
N THR I 9 8.38 61.76 0.87
CA THR I 9 9.61 62.18 1.50
C THR I 9 10.76 62.34 0.51
N GLY I 10 10.50 62.43 -0.80
CA GLY I 10 11.55 62.64 -1.78
C GLY I 10 12.40 61.42 -2.12
N ASN I 11 13.19 61.59 -3.18
CA ASN I 11 14.04 60.54 -3.72
C ASN I 11 15.28 60.34 -2.86
N ILE I 12 15.54 59.12 -2.44
CA ILE I 12 16.59 58.87 -1.46
C ILE I 12 17.89 58.41 -2.11
N SER I 13 18.99 58.79 -1.47
CA SER I 13 20.29 58.19 -1.68
C SER I 13 20.76 57.68 -0.33
N ALA I 14 21.01 56.37 -0.22
CA ALA I 14 21.38 55.79 1.06
C ALA I 14 22.48 54.76 0.86
N GLU I 15 23.08 54.39 1.97
CA GLU I 15 24.19 53.45 1.97
C GLU I 15 23.70 52.04 2.30
N LYS I 16 24.37 51.07 1.70
CA LYS I 16 24.23 49.67 2.09
C LYS I 16 24.39 49.53 3.59
N GLY I 17 23.42 48.89 4.23
CA GLY I 17 23.40 48.71 5.67
C GLY I 17 22.59 49.73 6.43
N GLY I 18 21.91 50.61 5.74
CA GLY I 18 21.21 51.66 6.43
C GLY I 18 19.76 51.33 6.73
N SER I 19 19.14 52.25 7.47
CA SER I 19 17.71 52.33 7.68
C SER I 19 17.20 53.60 7.01
N ILE I 20 16.04 53.52 6.42
CA ILE I 20 15.43 54.66 5.75
C ILE I 20 13.96 54.72 6.13
N ILE I 21 13.45 55.93 6.38
CA ILE I 21 12.03 56.14 6.60
C ILE I 21 11.40 56.65 5.31
N LEU I 22 10.41 55.91 4.79
CA LEU I 22 9.53 56.38 3.73
C LEU I 22 8.26 56.86 4.38
N GLN I 23 7.70 57.94 3.87
CA GLN I 23 6.39 58.31 4.38
C GLN I 23 5.68 59.16 3.36
N CYS I 24 4.38 59.14 3.49
CA CYS I 24 3.53 59.91 2.62
C CYS I 24 2.47 60.51 3.49
N HIS I 25 1.80 61.50 2.93
CA HIS I 25 0.71 62.16 3.61
C HIS I 25 -0.27 62.58 2.52
N LEU I 26 -1.51 62.10 2.62
CA LEU I 26 -2.55 62.55 1.71
C LEU I 26 -3.13 63.88 2.19
N SER I 27 -3.22 64.85 1.29
CA SER I 27 -3.56 66.20 1.69
C SER I 27 -4.66 66.75 0.80
N SER I 28 -5.52 67.55 1.42
CA SER I 28 -6.59 68.28 0.73
C SER I 28 -7.71 67.33 0.28
N THR I 29 -8.14 66.45 1.18
CA THR I 29 -9.37 65.72 0.93
C THR I 29 -10.01 65.34 2.26
N THR I 30 -11.34 65.48 2.32
CA THR I 30 -12.19 65.08 3.43
C THR I 30 -12.35 63.58 3.54
N ALA I 31 -11.81 62.83 2.58
CA ALA I 31 -12.22 61.46 2.33
C ALA I 31 -11.89 60.54 3.50
N GLN I 32 -12.35 59.30 3.38
CA GLN I 32 -12.10 58.25 4.34
C GLN I 32 -11.11 57.29 3.71
N VAL I 33 -10.00 57.03 4.40
CA VAL I 33 -8.87 56.29 3.83
C VAL I 33 -9.11 54.82 4.12
N THR I 34 -9.41 54.05 3.08
CA THR I 34 -9.68 52.64 3.24
C THR I 34 -8.45 51.88 3.74
N GLN I 35 -7.37 51.96 2.99
CA GLN I 35 -6.23 51.07 3.09
C GLN I 35 -5.12 51.66 2.23
N VAL I 36 -3.88 51.59 2.73
CA VAL I 36 -2.73 52.12 2.01
C VAL I 36 -1.81 50.97 1.64
N ASN I 37 -1.31 50.99 0.40
CA ASN I 37 -0.34 50.01 -0.08
C ASN I 37 1.02 50.66 -0.27
N TRP I 38 2.07 50.01 0.22
CA TRP I 38 3.44 50.34 -0.14
C TRP I 38 3.92 49.29 -1.14
N GLU I 39 4.17 49.71 -2.38
CA GLU I 39 4.46 48.82 -3.48
C GLU I 39 5.73 49.23 -4.21
N GLN I 40 6.60 48.25 -4.48
CA GLN I 40 7.44 48.33 -5.67
C GLN I 40 6.57 48.03 -6.90
N GLN I 41 7.05 48.37 -8.09
CA GLN I 41 6.18 48.21 -9.25
C GLN I 41 5.82 46.74 -9.50
N ASP I 42 6.68 45.81 -9.08
CA ASP I 42 6.36 44.39 -9.15
C ASP I 42 6.17 43.73 -7.80
N GLN I 43 6.33 44.43 -6.69
CA GLN I 43 6.11 43.76 -5.42
C GLN I 43 5.29 44.61 -4.46
N LEU I 44 4.70 43.93 -3.49
CA LEU I 44 3.81 44.51 -2.50
C LEU I 44 4.49 44.36 -1.15
N LEU I 45 4.81 45.50 -0.52
CA LEU I 45 5.64 45.47 0.68
C LEU I 45 4.81 45.40 1.97
N ALA I 46 3.77 46.23 2.10
CA ALA I 46 3.04 46.31 3.34
C ALA I 46 1.65 46.89 3.07
N ILE I 47 0.79 46.80 4.09
CA ILE I 47 -0.61 47.20 4.02
C ILE I 47 -1.05 47.57 5.44
N CYS I 48 -1.57 48.79 5.58
CA CYS I 48 -2.19 49.29 6.81
C CYS I 48 -3.69 49.43 6.52
N ASN I 49 -4.47 48.47 7.03
CA ASN I 49 -5.92 48.51 6.92
C ASN I 49 -6.48 49.57 7.85
N ALA I 50 -7.64 50.12 7.46
CA ALA I 50 -8.34 51.02 8.37
C ALA I 50 -8.64 50.32 9.70
N ASP I 51 -9.44 49.26 9.68
CA ASP I 51 -9.82 48.68 10.96
C ASP I 51 -8.77 47.75 11.55
N LEU I 52 -7.95 47.11 10.72
CA LEU I 52 -7.20 45.96 11.21
C LEU I 52 -5.72 46.23 11.49
N GLY I 53 -5.14 47.30 10.96
CA GLY I 53 -3.77 47.61 11.30
C GLY I 53 -2.79 47.33 10.18
N TRP I 54 -1.53 47.07 10.54
CA TRP I 54 -0.47 46.78 9.59
C TRP I 54 -0.36 45.27 9.33
N HIS I 55 0.08 44.93 8.13
CA HIS I 55 0.51 43.60 7.75
C HIS I 55 1.70 43.75 6.83
N ILE I 56 2.79 43.05 7.13
CA ILE I 56 3.99 43.11 6.29
C ILE I 56 4.06 41.84 5.47
N SER I 57 4.08 42.01 4.13
CA SER I 57 4.41 40.94 3.19
C SER I 57 5.44 39.99 3.78
N PRO I 58 5.18 38.68 3.74
CA PRO I 58 6.17 37.72 4.23
C PRO I 58 7.47 37.75 3.45
N SER I 59 7.46 38.38 2.27
CA SER I 59 8.70 38.62 1.54
C SER I 59 9.56 39.67 2.24
N PHE I 60 8.95 40.63 2.94
CA PHE I 60 9.68 41.72 3.57
C PHE I 60 9.65 41.67 5.08
N LYS I 61 9.42 40.50 5.67
CA LYS I 61 9.09 40.47 7.10
C LYS I 61 10.22 41.02 7.96
N ASP I 62 11.46 40.69 7.63
CA ASP I 62 12.53 41.04 8.55
C ASP I 62 13.25 42.34 8.20
N ARG I 63 12.96 42.92 7.03
CA ARG I 63 13.61 44.15 6.62
C ARG I 63 12.69 45.36 6.55
N VAL I 64 11.38 45.21 6.78
CA VAL I 64 10.42 46.32 6.72
C VAL I 64 9.66 46.39 8.04
N ALA I 65 9.80 47.54 8.73
CA ALA I 65 9.03 47.83 9.93
C ALA I 65 8.04 48.95 9.66
N PRO I 66 6.81 48.85 10.19
CA PRO I 66 5.75 49.82 9.84
C PRO I 66 5.89 51.12 10.61
N GLY I 67 5.79 52.24 9.91
CA GLY I 67 5.78 53.54 10.57
C GLY I 67 7.12 54.24 10.60
N PRO I 68 7.17 55.44 11.20
CA PRO I 68 6.08 56.11 11.94
C PRO I 68 4.93 56.56 11.06
N GLY I 69 3.74 56.58 11.64
CA GLY I 69 2.55 56.93 10.88
C GLY I 69 2.19 55.88 9.84
N LEU I 70 1.64 56.36 8.72
CA LEU I 70 1.32 55.50 7.59
C LEU I 70 2.49 55.39 6.65
N GLY I 71 3.67 55.22 7.24
CA GLY I 71 4.91 55.11 6.52
C GLY I 71 5.67 53.87 6.92
N LEU I 72 6.91 53.79 6.48
CA LEU I 72 7.63 52.54 6.48
C LEU I 72 9.09 52.79 6.77
N THR I 73 9.67 51.92 7.59
CA THR I 73 11.10 51.94 7.88
C THR I 73 11.76 50.70 7.24
N LEU I 74 12.71 50.94 6.34
CA LEU I 74 13.44 49.91 5.63
C LEU I 74 14.76 49.63 6.36
N GLN I 75 14.92 48.41 6.88
CA GLN I 75 16.17 48.07 7.54
C GLN I 75 17.10 47.38 6.56
N SER I 76 18.39 47.48 6.87
CA SER I 76 19.47 46.73 6.21
C SER I 76 19.33 46.79 4.69
N LEU I 77 19.59 47.99 4.17
CA LEU I 77 19.40 48.22 2.75
C LEU I 77 20.40 47.41 1.94
N THR I 78 20.04 47.12 0.70
CA THR I 78 20.87 46.37 -0.24
C THR I 78 20.89 47.11 -1.58
N VAL I 79 21.98 46.93 -2.33
CA VAL I 79 22.08 47.55 -3.66
C VAL I 79 20.84 47.28 -4.49
N ASN I 80 20.16 46.15 -4.25
CA ASN I 80 19.03 45.73 -5.07
C ASN I 80 17.70 46.27 -4.57
N ASP I 81 17.68 47.03 -3.49
CA ASP I 81 16.46 47.76 -3.17
C ASP I 81 16.29 48.98 -4.06
N THR I 82 17.33 49.34 -4.80
CA THR I 82 17.28 50.45 -5.73
C THR I 82 16.11 50.29 -6.69
N GLY I 83 15.28 51.31 -6.78
CA GLY I 83 14.14 51.29 -7.67
C GLY I 83 13.04 52.18 -7.14
N GLU I 84 11.95 52.22 -7.90
CA GLU I 84 10.77 53.02 -7.55
C GLU I 84 9.97 52.38 -6.43
N TYR I 85 9.50 53.20 -5.49
CA TYR I 85 8.57 52.78 -4.45
C TYR I 85 7.34 53.68 -4.51
N PHE I 86 6.19 53.16 -4.08
CA PHE I 86 4.92 53.85 -4.26
C PHE I 86 4.14 53.83 -2.97
N CYS I 87 3.49 54.96 -2.61
CA CYS I 87 2.49 55.01 -1.55
C CYS I 87 1.12 55.22 -2.21
N ILE I 88 0.27 54.19 -2.13
CA ILE I 88 -1.02 54.12 -2.79
C ILE I 88 -2.08 54.26 -1.72
N TYR I 89 -2.78 55.39 -1.76
CA TYR I 89 -3.91 55.69 -0.89
C TYR I 89 -5.17 55.28 -1.62
N HIS I 90 -5.85 54.26 -1.10
CA HIS I 90 -7.17 53.88 -1.58
C HIS I 90 -8.19 54.60 -0.72
N THR I 91 -8.89 55.56 -1.33
CA THR I 91 -9.82 56.41 -0.63
C THR I 91 -11.22 55.83 -0.62
N TYR I 92 -12.12 56.56 0.01
CA TYR I 92 -13.51 56.09 0.07
C TYR I 92 -14.33 56.62 -1.10
N PRO I 93 -14.48 57.95 -1.30
CA PRO I 93 -15.19 58.41 -2.51
C PRO I 93 -14.24 58.63 -3.69
N ASP I 94 -13.06 59.23 -3.44
CA ASP I 94 -12.26 59.77 -4.55
C ASP I 94 -11.69 58.65 -5.42
N GLY I 95 -11.23 57.60 -4.77
CA GLY I 95 -10.43 56.56 -5.38
C GLY I 95 -8.96 56.93 -5.44
N THR I 96 -8.11 55.89 -5.31
CA THR I 96 -6.78 55.80 -5.92
C THR I 96 -5.89 57.06 -5.88
N TYR I 97 -5.11 57.28 -4.82
CA TYR I 97 -4.08 58.33 -4.86
C TYR I 97 -2.70 57.68 -4.76
N THR I 98 -1.79 58.06 -5.67
CA THR I 98 -0.51 57.38 -5.83
C THR I 98 0.67 58.35 -5.78
N GLY I 99 1.61 58.07 -4.87
CA GLY I 99 2.82 58.85 -4.70
C GLY I 99 4.06 58.02 -5.00
N ARG I 100 5.13 58.68 -5.42
CA ARG I 100 6.29 58.01 -5.99
C ARG I 100 7.57 58.45 -5.31
N ILE I 101 8.44 57.48 -5.01
CA ILE I 101 9.68 57.72 -4.28
C ILE I 101 10.76 56.87 -4.92
N PHE I 102 11.91 57.45 -5.23
CA PHE I 102 13.00 56.67 -5.76
C PHE I 102 14.07 56.45 -4.71
N LEU I 103 14.40 55.19 -4.46
CA LEU I 103 15.49 54.82 -3.57
C LEU I 103 16.69 54.41 -4.40
N GLU I 104 17.87 54.91 -4.02
CA GLU I 104 19.12 54.49 -4.61
C GLU I 104 20.04 54.03 -3.49
N VAL I 105 20.50 52.78 -3.56
CA VAL I 105 21.37 52.22 -2.55
C VAL I 105 22.72 51.94 -3.18
N LEU I 106 23.77 52.61 -2.67
CA LEU I 106 25.14 52.46 -3.12
C LEU I 106 25.97 51.79 -2.04
N GLU I 107 27.18 51.37 -2.45
CA GLU I 107 28.09 50.65 -1.57
C GLU I 107 29.18 51.56 -1.00
N GLY J 4 -22.93 41.27 41.51
CA GLY J 4 -21.81 40.51 42.04
C GLY J 4 -20.63 40.26 41.11
N THR J 5 -19.40 40.38 41.65
CA THR J 5 -18.20 40.03 40.91
C THR J 5 -17.11 39.59 41.88
N ILE J 6 -16.08 38.97 41.32
CA ILE J 6 -15.02 38.34 42.10
C ILE J 6 -13.69 38.91 41.68
N GLU J 7 -12.89 39.36 42.64
CA GLU J 7 -11.52 39.71 42.35
C GLU J 7 -10.62 38.79 43.15
N THR J 8 -9.49 38.45 42.55
CA THR J 8 -8.65 37.37 43.04
C THR J 8 -7.26 37.89 43.36
N THR J 9 -6.27 37.02 43.28
CA THR J 9 -4.91 37.44 43.52
C THR J 9 -4.14 37.69 42.22
N GLY J 10 -4.78 37.55 41.06
CA GLY J 10 -4.17 37.83 39.76
C GLY J 10 -3.13 36.78 39.32
N ASN J 11 -2.31 37.16 38.33
CA ASN J 11 -1.16 36.36 37.91
C ASN J 11 -0.10 36.42 39.00
N ILE J 12 0.05 35.34 39.75
CA ILE J 12 1.02 35.34 40.82
C ILE J 12 2.04 34.24 40.59
N SER J 13 3.14 34.32 41.34
CA SER J 13 4.19 33.33 41.22
C SER J 13 4.86 33.10 42.56
N ALA J 14 5.35 31.89 42.76
CA ALA J 14 6.35 31.57 43.77
C ALA J 14 7.37 30.67 43.12
N GLU J 15 8.12 29.94 43.93
CA GLU J 15 9.16 29.05 43.43
C GLU J 15 8.99 27.68 44.04
N LYS J 16 9.83 26.75 43.55
CA LYS J 16 9.88 25.39 44.06
C LYS J 16 10.02 25.36 45.59
N GLY J 17 9.27 24.47 46.21
CA GLY J 17 9.38 24.24 47.61
C GLY J 17 8.38 25.00 48.44
N GLY J 18 7.91 26.13 47.93
CA GLY J 18 7.21 27.10 48.72
C GLY J 18 5.77 26.76 49.04
N SER J 19 5.02 27.81 49.34
CA SER J 19 3.60 27.76 49.62
C SER J 19 2.95 28.96 48.97
N ILE J 20 1.67 28.82 48.63
CA ILE J 20 0.94 29.97 48.11
C ILE J 20 -0.45 30.04 48.73
N ILE J 21 -0.95 31.25 48.92
CA ILE J 21 -2.35 31.48 49.24
C ILE J 21 -3.08 31.87 47.96
N LEU J 22 -4.16 31.14 47.67
CA LEU J 22 -5.06 31.43 46.58
C LEU J 22 -6.33 31.99 47.20
N GLN J 23 -6.68 33.22 46.86
CA GLN J 23 -7.86 33.78 47.46
C GLN J 23 -8.70 34.53 46.44
N CYS J 24 -9.99 34.51 46.71
CA CYS J 24 -10.98 35.22 45.93
C CYS J 24 -11.86 35.97 46.91
N HIS J 25 -12.58 36.95 46.38
CA HIS J 25 -13.63 37.57 47.16
C HIS J 25 -14.80 37.76 46.23
N LEU J 26 -16.00 37.42 46.70
CA LEU J 26 -17.24 37.65 45.97
C LEU J 26 -17.88 38.92 46.51
N SER J 27 -17.96 39.95 45.67
CA SER J 27 -18.46 41.28 46.07
C SER J 27 -19.86 41.41 45.49
N SER J 28 -20.86 40.97 46.25
CA SER J 28 -22.21 40.92 45.72
C SER J 28 -23.24 41.60 46.64
N THR J 29 -23.94 40.78 47.42
CA THR J 29 -25.26 41.09 47.98
C THR J 29 -25.34 40.57 49.41
N THR J 30 -26.46 39.96 49.74
CA THR J 30 -26.48 38.75 50.53
C THR J 30 -26.83 37.57 49.64
N ALA J 31 -26.28 37.50 48.42
CA ALA J 31 -26.37 36.25 47.67
C ALA J 31 -25.77 35.19 48.57
N GLN J 32 -26.61 34.25 48.98
CA GLN J 32 -26.24 33.35 50.07
C GLN J 32 -25.31 32.29 49.50
N VAL J 33 -24.00 32.45 49.74
CA VAL J 33 -23.02 31.50 49.26
C VAL J 33 -23.33 30.13 49.86
N THR J 34 -23.58 29.16 48.99
CA THR J 34 -23.87 27.79 49.42
C THR J 34 -22.64 26.90 49.40
N GLN J 35 -21.77 27.10 48.41
CA GLN J 35 -20.66 26.19 48.19
C GLN J 35 -19.60 26.92 47.38
N VAL J 36 -18.33 26.63 47.71
CA VAL J 36 -17.20 27.14 46.95
C VAL J 36 -16.39 25.94 46.46
N ASN J 37 -15.99 26.00 45.19
CA ASN J 37 -15.18 24.97 44.58
C ASN J 37 -13.82 25.55 44.22
N TRP J 38 -12.77 24.91 44.68
CA TRP J 38 -11.39 25.24 44.32
C TRP J 38 -10.86 24.15 43.40
N GLU J 39 -10.57 24.51 42.15
CA GLU J 39 -10.17 23.55 41.13
C GLU J 39 -9.13 24.18 40.21
N GLN J 40 -8.19 23.35 39.72
CA GLN J 40 -7.35 23.71 38.57
C GLN J 40 -8.13 23.47 37.28
N GLN J 41 -7.42 23.42 36.14
CA GLN J 41 -8.10 23.18 34.88
C GLN J 41 -8.57 21.75 34.76
N ASP J 42 -7.80 20.81 35.33
CA ASP J 42 -8.18 19.40 35.25
C ASP J 42 -8.72 18.83 36.56
N GLN J 43 -8.42 19.43 37.70
CA GLN J 43 -8.80 18.74 38.93
C GLN J 43 -9.38 19.70 39.96
N LEU J 44 -10.36 19.20 40.70
CA LEU J 44 -10.81 19.86 41.93
C LEU J 44 -9.78 19.65 43.04
N LEU J 45 -9.48 20.72 43.76
CA LEU J 45 -8.61 20.69 44.93
C LEU J 45 -9.41 20.50 46.22
N ALA J 46 -10.56 21.18 46.33
CA ALA J 46 -11.30 21.29 47.57
C ALA J 46 -12.70 21.82 47.30
N ILE J 47 -13.58 21.60 48.27
CA ILE J 47 -14.96 22.06 48.25
C ILE J 47 -15.28 22.55 49.64
N CYS J 48 -15.80 23.76 49.75
CA CYS J 48 -16.34 24.25 51.01
C CYS J 48 -17.85 24.31 50.89
N ASN J 49 -18.53 23.68 51.83
CA ASN J 49 -19.97 23.62 51.85
C ASN J 49 -20.49 24.50 52.98
N ALA J 50 -21.52 25.30 52.68
CA ALA J 50 -22.11 26.15 53.72
C ALA J 50 -22.56 25.32 54.90
N ASP J 51 -23.22 24.19 54.64
CA ASP J 51 -23.69 23.32 55.70
C ASP J 51 -22.61 22.35 56.20
N LEU J 52 -21.80 21.79 55.31
CA LEU J 52 -20.93 20.67 55.67
C LEU J 52 -19.48 21.05 55.93
N GLY J 53 -18.96 22.09 55.30
CA GLY J 53 -17.59 22.48 55.57
C GLY J 53 -16.62 22.15 54.46
N TRP J 54 -15.38 21.85 54.83
CA TRP J 54 -14.32 21.65 53.85
C TRP J 54 -14.16 20.16 53.55
N HIS J 55 -13.85 19.86 52.28
CA HIS J 55 -13.39 18.55 51.84
C HIS J 55 -12.29 18.77 50.81
N ILE J 56 -11.13 18.14 51.04
CA ILE J 56 -9.98 18.21 50.12
C ILE J 56 -9.92 16.94 49.29
N SER J 57 -9.79 17.10 47.97
CA SER J 57 -9.54 15.98 47.07
C SER J 57 -8.46 15.09 47.66
N PRO J 58 -8.64 13.76 47.65
CA PRO J 58 -7.55 12.87 48.07
C PRO J 58 -6.28 13.08 47.25
N SER J 59 -6.42 13.61 46.02
CA SER J 59 -5.27 14.05 45.24
C SER J 59 -4.36 15.01 45.98
N PHE J 60 -4.90 15.81 46.90
CA PHE J 60 -4.16 16.95 47.44
C PHE J 60 -4.11 16.95 48.96
N LYS J 61 -4.34 15.80 49.60
CA LYS J 61 -4.43 15.79 51.06
C LYS J 61 -3.12 16.18 51.70
N ASP J 62 -2.01 15.70 51.11
CA ASP J 62 -0.68 16.12 51.56
C ASP J 62 -0.54 17.63 51.56
N ARG J 63 -0.88 18.28 50.43
CA ARG J 63 -0.35 19.58 50.04
C ARG J 63 -1.35 20.70 49.97
N VAL J 64 -2.57 20.55 50.48
CA VAL J 64 -3.58 21.60 50.38
C VAL J 64 -4.29 21.73 51.72
N ALA J 65 -4.31 22.95 52.25
CA ALA J 65 -4.85 23.33 53.53
C ALA J 65 -6.00 24.33 53.34
N PRO J 66 -7.09 24.19 54.09
CA PRO J 66 -8.25 25.07 53.85
C PRO J 66 -8.01 26.46 54.43
N GLY J 67 -8.16 27.47 53.59
CA GLY J 67 -8.08 28.83 54.06
C GLY J 67 -6.79 29.57 53.69
N PRO J 68 -6.59 30.76 54.28
CA PRO J 68 -7.51 31.37 55.26
C PRO J 68 -8.80 31.83 54.62
N GLY J 69 -9.86 31.91 55.41
CA GLY J 69 -11.17 32.26 54.88
C GLY J 69 -11.69 31.21 53.94
N LEU J 70 -12.31 31.66 52.84
CA LEU J 70 -12.78 30.76 51.79
C LEU J 70 -11.70 30.41 50.80
N GLY J 71 -10.43 30.66 51.15
CA GLY J 71 -9.34 30.47 50.22
C GLY J 71 -8.56 29.19 50.48
N LEU J 72 -7.37 29.13 49.89
CA LEU J 72 -6.66 27.86 49.84
C LEU J 72 -5.16 28.06 49.88
N THR J 73 -4.49 27.30 50.74
CA THR J 73 -3.03 27.31 50.84
C THR J 73 -2.47 26.02 50.24
N LEU J 74 -1.63 26.19 49.23
CA LEU J 74 -0.89 25.11 48.58
C LEU J 74 0.49 25.01 49.20
N GLN J 75 0.83 23.86 49.77
CA GLN J 75 2.19 23.67 50.27
C GLN J 75 3.00 22.84 49.28
N SER J 76 4.33 22.92 49.43
CA SER J 76 5.30 22.05 48.74
C SER J 76 5.13 22.08 47.22
N LEU J 77 5.30 23.27 46.65
CA LEU J 77 4.99 23.48 45.24
C LEU J 77 6.04 22.82 44.34
N THR J 78 5.57 22.35 43.19
CA THR J 78 6.41 21.86 42.11
C THR J 78 6.03 22.59 40.84
N VAL J 79 6.94 22.58 39.86
CA VAL J 79 6.67 23.29 38.61
C VAL J 79 5.42 22.78 37.92
N ASN J 80 4.99 21.55 38.22
CA ASN J 80 3.78 21.03 37.59
C ASN J 80 2.51 21.66 38.13
N ASP J 81 2.60 22.52 39.13
CA ASP J 81 1.44 23.28 39.62
C ASP J 81 1.25 24.59 38.87
N THR J 82 2.08 24.86 37.87
CA THR J 82 1.94 26.07 37.05
C THR J 82 0.68 26.01 36.19
N GLY J 83 -0.32 26.84 36.51
CA GLY J 83 -1.50 26.90 35.65
C GLY J 83 -2.62 27.73 36.24
N GLU J 84 -3.75 27.74 35.53
CA GLU J 84 -4.92 28.45 36.02
C GLU J 84 -5.56 27.74 37.20
N TYR J 85 -6.02 28.52 38.17
CA TYR J 85 -6.82 28.02 39.27
C TYR J 85 -8.14 28.78 39.31
N PHE J 86 -9.17 28.17 39.88
CA PHE J 86 -10.52 28.68 39.74
C PHE J 86 -11.26 28.62 41.07
N CYS J 87 -11.85 29.73 41.47
CA CYS J 87 -12.85 29.72 42.53
C CYS J 87 -14.23 29.76 41.88
N ILE J 88 -15.11 28.86 42.31
CA ILE J 88 -16.46 28.75 41.75
C ILE J 88 -17.44 28.95 42.89
N TYR J 89 -18.19 30.05 42.82
CA TYR J 89 -19.09 30.45 43.89
C TYR J 89 -20.52 30.03 43.54
N HIS J 90 -21.12 29.21 44.39
CA HIS J 90 -22.50 28.78 44.24
C HIS J 90 -23.33 29.42 45.33
N THR J 91 -24.40 30.12 44.94
CA THR J 91 -25.28 30.83 45.86
C THR J 91 -26.70 30.24 45.80
N TYR J 92 -27.61 30.84 46.59
CA TYR J 92 -28.99 30.40 46.72
C TYR J 92 -29.73 30.69 45.41
N PRO J 93 -31.01 30.30 45.26
CA PRO J 93 -31.42 29.68 44.00
C PRO J 93 -30.28 29.01 43.26
N ASP J 94 -29.86 29.59 42.13
CA ASP J 94 -28.90 28.96 41.24
C ASP J 94 -27.93 30.04 40.74
N GLY J 95 -27.09 30.54 41.64
CA GLY J 95 -26.02 31.45 41.26
C GLY J 95 -24.70 30.70 41.12
N THR J 96 -24.03 30.92 39.99
CA THR J 96 -22.70 30.37 39.75
C THR J 96 -21.78 31.50 39.32
N TYR J 97 -20.79 31.83 40.15
CA TYR J 97 -19.83 32.88 39.88
C TYR J 97 -18.42 32.30 39.87
N THR J 98 -17.59 32.73 38.93
CA THR J 98 -16.29 32.11 38.76
C THR J 98 -15.17 33.14 38.65
N GLY J 99 -14.07 32.89 39.37
CA GLY J 99 -12.88 33.70 39.31
C GLY J 99 -11.64 32.90 38.94
N ARG J 100 -10.64 33.60 38.40
CA ARG J 100 -9.48 32.97 37.78
C ARG J 100 -8.19 33.45 38.43
N ILE J 101 -7.25 32.53 38.59
CA ILE J 101 -5.92 32.84 39.09
C ILE J 101 -4.95 32.07 38.20
N PHE J 102 -3.87 32.71 37.80
CA PHE J 102 -2.79 31.98 37.16
C PHE J 102 -1.61 31.93 38.11
N LEU J 103 -1.17 30.73 38.44
CA LEU J 103 0.07 30.54 39.18
C LEU J 103 1.15 30.14 38.22
N GLU J 104 2.36 30.62 38.51
CA GLU J 104 3.58 30.19 37.85
C GLU J 104 4.56 29.84 38.96
N VAL J 105 5.02 28.58 38.99
CA VAL J 105 6.06 28.16 39.93
C VAL J 105 7.38 28.11 39.21
N LEU J 106 8.39 28.78 39.77
CA LEU J 106 9.67 29.01 39.12
C LEU J 106 10.78 28.25 39.82
N GLU J 107 11.92 28.12 39.14
CA GLU J 107 13.05 27.37 39.71
C GLU J 107 14.31 28.24 39.93
N GLU K 1 -30.87 10.75 30.88
CA GLU K 1 -30.35 10.36 32.19
C GLU K 1 -29.09 9.62 32.11
N VAL K 2 -28.51 9.65 33.31
CA VAL K 2 -27.23 9.05 33.59
C VAL K 2 -27.23 7.60 33.15
N GLN K 3 -26.33 7.29 32.23
CA GLN K 3 -26.17 5.94 31.74
C GLN K 3 -24.69 5.66 31.59
N LEU K 4 -24.20 4.67 32.31
CA LEU K 4 -22.88 4.08 32.08
C LEU K 4 -23.10 2.63 31.70
N VAL K 5 -22.57 2.21 30.56
CA VAL K 5 -22.63 0.81 30.17
C VAL K 5 -21.24 0.33 29.79
N GLU K 6 -20.75 -0.68 30.48
CA GLU K 6 -19.43 -1.23 30.26
C GLU K 6 -19.51 -2.33 29.23
N SER K 7 -18.46 -2.45 28.42
CA SER K 7 -18.43 -3.41 27.33
C SER K 7 -17.06 -4.06 27.26
N GLY K 8 -17.03 -5.26 26.69
CA GLY K 8 -15.80 -5.87 26.22
C GLY K 8 -15.05 -6.74 27.21
N GLY K 9 -15.74 -7.41 28.12
CA GLY K 9 -15.13 -8.38 29.00
C GLY K 9 -15.42 -9.81 28.57
N GLY K 10 -14.99 -10.73 29.40
CA GLY K 10 -15.14 -12.14 29.08
C GLY K 10 -13.97 -12.92 29.63
N LEU K 11 -13.51 -13.88 28.83
CA LEU K 11 -12.44 -14.80 29.23
C LEU K 11 -11.14 -14.43 28.55
N VAL K 12 -10.04 -14.63 29.28
CA VAL K 12 -8.70 -14.24 28.86
C VAL K 12 -7.73 -15.12 29.65
N GLN K 13 -6.64 -15.59 28.96
CA GLN K 13 -5.64 -16.44 29.60
C GLN K 13 -4.66 -15.61 30.42
N PRO K 14 -4.20 -16.12 31.57
CA PRO K 14 -3.26 -15.35 32.39
C PRO K 14 -2.06 -14.86 31.58
N GLY K 15 -1.51 -13.72 31.99
CA GLY K 15 -0.55 -13.00 31.18
C GLY K 15 -1.11 -12.36 29.92
N GLY K 16 -2.35 -12.67 29.53
CA GLY K 16 -2.98 -11.97 28.44
C GLY K 16 -3.42 -10.56 28.83
N SER K 17 -4.07 -9.90 27.88
CA SER K 17 -4.55 -8.53 28.07
C SER K 17 -6.00 -8.41 27.63
N LEU K 18 -6.64 -7.34 28.09
CA LEU K 18 -8.02 -7.06 27.72
C LEU K 18 -8.31 -5.59 27.99
N ARG K 19 -9.16 -4.99 27.17
CA ARG K 19 -9.51 -3.58 27.32
C ARG K 19 -11.00 -3.42 27.55
N LEU K 20 -11.37 -2.90 28.72
CA LEU K 20 -12.76 -2.53 28.90
C LEU K 20 -13.02 -1.18 28.27
N SER K 21 -14.29 -0.93 28.02
CA SER K 21 -14.73 0.30 27.42
C SER K 21 -16.10 0.58 28.01
N CYS K 22 -16.32 1.82 28.47
CA CYS K 22 -17.56 2.19 29.14
C CYS K 22 -18.13 3.44 28.49
N ALA K 23 -19.33 3.31 27.91
CA ALA K 23 -19.98 4.39 27.17
C ALA K 23 -21.02 5.05 28.07
N ALA K 24 -20.90 6.37 28.22
CA ALA K 24 -21.74 7.19 29.10
C ALA K 24 -22.67 8.08 28.29
N SER K 25 -23.89 8.30 28.79
CA SER K 25 -24.92 8.80 27.86
C SER K 25 -25.70 10.03 28.33
N GLY K 26 -26.18 10.06 29.58
CA GLY K 26 -27.13 11.11 29.97
C GLY K 26 -26.61 12.31 30.75
N PHE K 27 -25.43 12.80 30.38
CA PHE K 27 -24.77 13.88 31.09
C PHE K 27 -23.55 14.27 30.28
N THR K 28 -22.97 15.41 30.64
CA THR K 28 -21.79 15.90 29.96
C THR K 28 -20.60 15.16 30.56
N PHE K 29 -20.08 14.19 29.80
CA PHE K 29 -19.04 13.29 30.31
C PHE K 29 -17.69 14.00 30.43
N SER K 30 -17.48 15.06 29.65
CA SER K 30 -16.25 15.82 29.80
C SER K 30 -16.21 16.63 31.10
N ASP K 31 -17.33 16.75 31.82
CA ASP K 31 -17.34 17.47 33.08
C ASP K 31 -17.15 16.57 34.30
N TYR K 32 -16.84 15.29 34.10
CA TYR K 32 -16.94 14.37 35.22
C TYR K 32 -15.66 13.58 35.41
N TYR K 33 -15.29 13.40 36.67
CA TYR K 33 -14.19 12.55 37.03
C TYR K 33 -14.70 11.10 37.07
N MET K 34 -13.86 10.17 36.60
CA MET K 34 -14.34 8.83 36.30
C MET K 34 -13.52 7.79 37.05
N TYR K 35 -14.20 6.72 37.46
CA TYR K 35 -13.57 5.64 38.20
C TYR K 35 -13.68 4.32 37.45
N TRP K 36 -12.88 3.37 37.88
CA TRP K 36 -13.09 1.95 37.63
C TRP K 36 -13.11 1.25 38.98
N VAL K 37 -14.08 0.36 39.19
CA VAL K 37 -14.16 -0.37 40.44
C VAL K 37 -14.45 -1.81 40.08
N ARG K 38 -13.96 -2.74 40.89
CA ARG K 38 -14.14 -4.15 40.59
C ARG K 38 -14.66 -4.89 41.82
N GLN K 39 -15.34 -6.00 41.55
CA GLN K 39 -15.91 -6.84 42.60
C GLN K 39 -15.74 -8.31 42.20
N ALA K 40 -14.85 -9.02 42.90
CA ALA K 40 -14.79 -10.46 42.75
C ALA K 40 -16.12 -11.08 43.17
N PRO K 41 -16.49 -12.22 42.58
CA PRO K 41 -17.78 -12.82 42.90
C PRO K 41 -17.86 -13.21 44.37
N GLY K 42 -18.95 -12.77 45.01
CA GLY K 42 -19.19 -13.06 46.41
C GLY K 42 -18.43 -12.19 47.39
N LYS K 43 -17.67 -11.21 46.91
CA LYS K 43 -16.80 -10.45 47.78
C LYS K 43 -17.05 -8.96 47.64
N GLY K 44 -16.19 -8.15 48.28
CA GLY K 44 -16.41 -6.72 48.40
C GLY K 44 -16.01 -5.94 47.17
N LEU K 45 -15.84 -4.64 47.39
CA LEU K 45 -15.53 -3.69 46.33
C LEU K 45 -14.10 -3.20 46.49
N GLU K 46 -13.40 -3.12 45.36
CA GLU K 46 -12.01 -2.68 45.27
C GLU K 46 -11.95 -1.53 44.27
N TRP K 47 -11.40 -0.40 44.69
CA TRP K 47 -11.14 0.69 43.75
C TRP K 47 -9.99 0.27 42.84
N VAL K 48 -10.10 0.56 41.53
CA VAL K 48 -8.98 0.14 40.70
C VAL K 48 -8.35 1.29 39.92
N ALA K 49 -9.13 2.28 39.52
CA ALA K 49 -8.55 3.39 38.77
C ALA K 49 -9.41 4.63 38.94
N TYR K 50 -8.81 5.77 38.63
CA TYR K 50 -9.43 7.08 38.76
C TYR K 50 -8.84 7.98 37.69
N ILE K 51 -9.66 8.79 37.03
CA ILE K 51 -9.09 9.68 36.03
C ILE K 51 -9.82 11.02 36.06
N THR K 52 -9.08 12.07 35.74
CA THR K 52 -9.61 13.42 35.79
C THR K 52 -10.34 13.73 34.50
N LYS K 53 -11.22 14.74 34.59
CA LYS K 53 -12.15 15.07 33.51
C LYS K 53 -11.47 15.22 32.15
N GLY K 54 -10.18 15.55 32.12
CA GLY K 54 -9.50 15.72 30.86
C GLY K 54 -8.47 14.63 30.66
N GLY K 55 -8.25 13.86 31.71
CA GLY K 55 -7.31 12.77 31.64
C GLY K 55 -5.87 13.12 31.96
N GLY K 56 -5.63 14.32 32.49
CA GLY K 56 -4.26 14.70 32.80
C GLY K 56 -3.65 13.83 33.88
N SER K 57 -4.38 13.63 34.96
CA SER K 57 -3.89 12.88 36.12
C SER K 57 -4.66 11.57 36.27
N THR K 58 -3.93 10.51 36.67
CA THR K 58 -4.47 9.18 36.91
C THR K 58 -3.85 8.61 38.17
N TYR K 59 -4.65 7.95 38.99
CA TYR K 59 -4.18 7.31 40.22
C TYR K 59 -4.71 5.88 40.31
N TYR K 60 -3.86 4.97 40.75
CA TYR K 60 -4.20 3.56 40.90
C TYR K 60 -3.78 3.05 42.27
N PRO K 61 -4.39 1.98 42.76
CA PRO K 61 -3.92 1.36 44.00
C PRO K 61 -2.80 0.38 43.71
N ASP K 62 -2.03 0.07 44.78
CA ASP K 62 -0.81 -0.71 44.61
C ASP K 62 -1.09 -2.01 43.88
N SER K 63 -2.28 -2.58 44.10
CA SER K 63 -2.68 -3.89 43.57
C SER K 63 -2.83 -3.96 42.04
N VAL K 64 -2.39 -2.97 41.30
CA VAL K 64 -2.74 -2.95 39.89
C VAL K 64 -1.80 -2.04 39.10
N LYS K 65 -1.06 -1.17 39.81
CA LYS K 65 -0.25 -0.14 39.16
C LYS K 65 0.79 -0.75 38.23
N GLY K 66 1.06 -0.02 37.14
CA GLY K 66 1.95 -0.50 36.09
C GLY K 66 1.37 -1.60 35.24
N ARG K 67 0.26 -2.19 35.66
CA ARG K 67 -0.40 -3.24 34.89
C ARG K 67 -1.64 -2.73 34.17
N PHE K 68 -2.43 -1.84 34.79
CA PHE K 68 -3.62 -1.28 34.16
C PHE K 68 -3.39 0.19 33.77
N THR K 69 -4.28 0.68 32.91
CA THR K 69 -4.16 2.01 32.31
C THR K 69 -5.56 2.57 32.08
N ILE K 70 -5.92 3.60 32.84
CA ILE K 70 -7.23 4.23 32.70
C ILE K 70 -7.10 5.35 31.69
N SER K 71 -8.00 5.36 30.72
CA SER K 71 -7.88 6.16 29.52
C SER K 71 -9.26 6.71 29.19
N ARG K 72 -9.29 7.80 28.44
CA ARG K 72 -10.58 8.32 28.03
C ARG K 72 -10.46 9.05 26.70
N ASP K 73 -11.60 9.12 26.03
CA ASP K 73 -11.77 9.82 24.76
C ASP K 73 -13.13 10.51 24.89
N ASN K 74 -13.11 11.77 25.32
CA ASN K 74 -14.36 12.47 25.59
C ASN K 74 -15.06 12.92 24.32
N ALA K 75 -14.35 12.96 23.19
CA ALA K 75 -15.04 13.02 21.90
C ALA K 75 -15.98 11.84 21.74
N LYS K 76 -15.45 10.62 21.89
CA LYS K 76 -16.26 9.43 21.74
C LYS K 76 -16.97 9.03 23.03
N ASN K 77 -16.92 9.86 24.06
CA ASN K 77 -17.79 9.71 25.23
C ASN K 77 -17.60 8.40 25.96
N THR K 78 -16.37 7.88 25.97
CA THR K 78 -16.12 6.57 26.55
C THR K 78 -14.88 6.55 27.42
N LEU K 79 -15.04 6.00 28.62
CA LEU K 79 -13.94 5.65 29.49
C LEU K 79 -13.37 4.29 29.08
N TYR K 80 -12.10 4.08 29.39
CA TYR K 80 -11.37 2.89 28.99
C TYR K 80 -10.60 2.31 30.17
N LEU K 81 -10.32 1.01 30.10
CA LEU K 81 -9.44 0.35 31.06
C LEU K 81 -8.59 -0.65 30.30
N GLN K 82 -7.30 -0.35 30.17
CA GLN K 82 -6.34 -1.23 29.52
C GLN K 82 -5.71 -2.13 30.57
N MET K 83 -6.04 -3.42 30.50
CA MET K 83 -5.57 -4.39 31.47
C MET K 83 -4.51 -5.25 30.81
N ASN K 84 -3.31 -5.24 31.37
CA ASN K 84 -2.19 -6.01 30.87
C ASN K 84 -1.71 -6.94 31.97
N SER K 85 -1.00 -8.00 31.54
CA SER K 85 -0.34 -8.91 32.47
C SER K 85 -1.34 -9.48 33.47
N LEU K 86 -2.49 -9.89 32.93
CA LEU K 86 -3.63 -10.26 33.75
C LEU K 86 -3.31 -11.45 34.65
N ARG K 87 -4.07 -11.56 35.74
CA ARG K 87 -3.85 -12.57 36.75
C ARG K 87 -5.16 -13.24 37.14
N ALA K 88 -5.01 -14.38 37.81
CA ALA K 88 -6.07 -15.01 38.58
C ALA K 88 -6.91 -13.98 39.30
N GLU K 89 -6.35 -13.34 40.33
CA GLU K 89 -7.11 -12.43 41.16
C GLU K 89 -7.69 -11.24 40.40
N ASP K 90 -7.36 -11.05 39.13
CA ASP K 90 -8.00 -9.94 38.43
C ASP K 90 -9.42 -10.28 38.02
N THR K 91 -9.91 -11.45 38.40
CA THR K 91 -11.23 -11.91 38.01
C THR K 91 -12.25 -11.24 38.92
N ALA K 92 -13.22 -10.55 38.32
CA ALA K 92 -14.17 -9.71 39.04
C ALA K 92 -15.10 -9.10 38.02
N VAL K 93 -16.25 -8.64 38.51
CA VAL K 93 -17.05 -7.73 37.70
C VAL K 93 -16.44 -6.33 37.83
N TYR K 94 -16.17 -5.71 36.68
CA TYR K 94 -15.55 -4.41 36.63
C TYR K 94 -16.59 -3.34 36.37
N TYR K 95 -16.58 -2.33 37.23
CA TYR K 95 -17.58 -1.28 37.28
C TYR K 95 -17.00 0.06 36.83
N CYS K 96 -17.82 0.77 36.09
CA CYS K 96 -17.61 2.15 35.65
C CYS K 96 -18.33 3.06 36.64
N ALA K 97 -17.71 4.17 37.01
CA ALA K 97 -18.35 5.04 37.98
C ALA K 97 -18.03 6.51 37.71
N ARG K 98 -19.03 7.34 38.02
CA ARG K 98 -19.01 8.79 37.83
C ARG K 98 -18.70 9.46 39.16
N GLN K 99 -17.89 10.52 39.15
CA GLN K 99 -17.65 11.27 40.38
C GLN K 99 -18.69 12.35 40.55
N THR K 100 -19.13 12.53 41.79
CA THR K 100 -20.04 13.59 42.15
C THR K 100 -19.50 14.99 41.80
N ASN K 101 -20.42 15.87 41.38
CA ASN K 101 -20.16 17.32 41.29
C ASN K 101 -19.84 17.92 42.64
N TYR K 102 -20.28 17.29 43.71
CA TYR K 102 -20.44 17.92 45.00
C TYR K 102 -19.50 17.36 46.05
N ASP K 103 -18.66 16.40 45.67
CA ASP K 103 -17.76 15.73 46.59
C ASP K 103 -16.71 14.95 45.80
N PHE K 104 -16.00 14.02 46.46
CA PHE K 104 -15.05 13.20 45.74
C PHE K 104 -15.37 11.72 45.90
N THR K 105 -16.63 11.38 45.67
CA THR K 105 -17.08 9.99 45.58
C THR K 105 -17.78 9.71 44.27
N MET K 106 -18.48 8.59 44.24
CA MET K 106 -19.17 8.04 43.08
C MET K 106 -20.66 8.11 43.33
N ASP K 107 -21.41 8.68 42.38
CA ASP K 107 -22.86 8.65 42.51
C ASP K 107 -23.55 7.68 41.58
N TYR K 108 -23.06 7.47 40.35
CA TYR K 108 -23.72 6.51 39.48
C TYR K 108 -22.73 5.48 38.94
N TRP K 109 -23.16 4.21 38.92
CA TRP K 109 -22.38 3.09 38.45
C TRP K 109 -23.08 2.41 37.28
N GLY K 110 -22.30 2.00 36.29
CA GLY K 110 -22.81 1.19 35.20
C GLY K 110 -23.22 -0.22 35.64
N GLN K 111 -23.65 -1.02 34.66
CA GLN K 111 -24.12 -2.36 34.99
C GLN K 111 -22.97 -3.29 35.33
N GLY K 112 -21.84 -3.16 34.67
CA GLY K 112 -20.68 -3.97 34.96
C GLY K 112 -20.37 -4.95 33.85
N THR K 113 -19.11 -5.39 33.81
CA THR K 113 -18.66 -6.37 32.83
C THR K 113 -17.85 -7.43 33.54
N LEU K 114 -18.23 -8.69 33.31
CA LEU K 114 -17.51 -9.84 33.85
C LEU K 114 -16.23 -10.07 33.06
N VAL K 115 -15.11 -10.11 33.78
CA VAL K 115 -13.80 -10.43 33.23
C VAL K 115 -13.28 -11.66 33.96
N THR K 116 -13.03 -12.74 33.20
CA THR K 116 -12.60 -14.03 33.74
C THR K 116 -11.21 -14.39 33.24
N VAL K 117 -10.23 -14.38 34.13
CA VAL K 117 -8.85 -14.71 33.78
C VAL K 117 -8.58 -16.14 34.23
N SER K 118 -8.45 -17.07 33.29
CA SER K 118 -8.22 -18.46 33.65
C SER K 118 -7.68 -19.21 32.45
N SER K 119 -6.93 -20.28 32.73
CA SER K 119 -6.34 -21.11 31.67
C SER K 119 -7.38 -21.98 30.97
N ALA K 120 -8.46 -22.33 31.67
CA ALA K 120 -9.45 -23.26 31.14
C ALA K 120 -10.06 -22.74 29.85
N SER K 121 -10.33 -23.68 28.93
CA SER K 121 -10.92 -23.36 27.65
C SER K 121 -12.44 -23.18 27.79
N THR K 122 -13.05 -22.63 26.75
CA THR K 122 -14.48 -22.40 26.74
C THR K 122 -15.21 -23.70 26.47
N LYS K 123 -16.20 -24.01 27.32
CA LYS K 123 -16.99 -25.22 27.21
C LYS K 123 -18.43 -24.94 27.58
N GLY K 124 -19.37 -25.30 26.68
CA GLY K 124 -20.77 -25.26 27.00
C GLY K 124 -21.14 -26.36 27.99
N PRO K 125 -22.42 -26.38 28.36
CA PRO K 125 -22.84 -27.26 29.47
C PRO K 125 -23.59 -28.49 28.98
N SER K 126 -23.74 -29.50 29.84
CA SER K 126 -24.57 -30.66 29.54
C SER K 126 -25.81 -30.62 30.44
N VAL K 127 -26.99 -30.74 29.84
CA VAL K 127 -28.24 -30.53 30.57
C VAL K 127 -28.93 -31.88 30.79
N PHE K 128 -29.11 -32.23 32.06
CA PHE K 128 -29.71 -33.46 32.53
C PHE K 128 -30.97 -33.13 33.30
N PRO K 129 -31.97 -34.02 33.28
CA PRO K 129 -33.21 -33.74 33.99
C PRO K 129 -33.18 -34.22 35.43
N LEU K 130 -33.83 -33.43 36.28
CA LEU K 130 -34.18 -33.81 37.65
C LEU K 130 -35.65 -34.21 37.60
N ALA K 131 -35.88 -35.49 37.30
CA ALA K 131 -37.22 -36.01 37.08
C ALA K 131 -38.04 -35.97 38.36
N PRO K 132 -39.31 -35.59 38.29
CA PRO K 132 -40.14 -35.58 39.50
C PRO K 132 -40.50 -36.99 39.91
N SER K 133 -40.72 -37.12 41.21
CA SER K 133 -41.00 -38.41 41.82
C SER K 133 -41.72 -38.14 43.13
N SER K 134 -42.00 -39.21 43.86
CA SER K 134 -42.56 -39.09 45.20
C SER K 134 -41.57 -38.34 46.06
N GLY K 140 -51.03 -31.85 46.76
CA GLY K 140 -49.59 -31.89 46.89
C GLY K 140 -48.97 -31.32 45.64
N THR K 141 -47.68 -31.00 45.74
CA THR K 141 -46.88 -30.67 44.59
C THR K 141 -45.68 -31.59 44.52
N ALA K 142 -45.02 -31.58 43.36
CA ALA K 142 -43.72 -32.24 43.22
C ALA K 142 -42.71 -31.27 42.61
N ALA K 143 -41.44 -31.50 42.94
CA ALA K 143 -40.35 -30.71 42.41
C ALA K 143 -39.71 -31.41 41.22
N LEU K 144 -39.36 -30.63 40.21
CA LEU K 144 -38.61 -31.15 39.07
C LEU K 144 -37.63 -30.08 38.60
N GLY K 145 -36.50 -30.51 38.08
CA GLY K 145 -35.50 -29.52 37.76
C GLY K 145 -34.60 -29.80 36.58
N CYS K 146 -33.47 -29.10 36.56
CA CYS K 146 -32.49 -29.26 35.50
C CYS K 146 -31.10 -29.15 36.09
N LEU K 147 -30.28 -30.17 35.83
CA LEU K 147 -28.86 -30.10 36.17
C LEU K 147 -28.13 -29.61 34.94
N VAL K 148 -27.50 -28.45 35.07
CA VAL K 148 -26.68 -27.86 34.04
C VAL K 148 -25.23 -28.06 34.49
N LYS K 149 -24.56 -29.05 33.92
CA LYS K 149 -23.28 -29.52 34.43
C LYS K 149 -22.15 -29.17 33.46
N ASP K 150 -21.03 -28.70 34.03
CA ASP K 150 -19.73 -28.51 33.40
C ASP K 150 -19.76 -27.51 32.25
N TYR K 151 -19.70 -26.23 32.59
CA TYR K 151 -19.54 -25.16 31.61
C TYR K 151 -18.54 -24.15 32.15
N PHE K 152 -17.95 -23.39 31.23
CA PHE K 152 -16.96 -22.38 31.57
C PHE K 152 -16.84 -21.35 30.45
N PRO K 153 -16.82 -20.05 30.77
CA PRO K 153 -16.90 -19.57 32.14
C PRO K 153 -18.35 -19.27 32.49
N GLU K 154 -18.59 -18.47 33.54
CA GLU K 154 -19.91 -17.91 33.77
C GLU K 154 -20.31 -17.02 32.59
N PRO K 155 -21.61 -16.72 32.43
CA PRO K 155 -22.79 -17.24 33.12
C PRO K 155 -23.73 -18.03 32.20
N VAL K 156 -24.56 -18.87 32.80
CA VAL K 156 -25.72 -19.44 32.10
C VAL K 156 -26.96 -18.69 32.55
N THR K 157 -27.89 -18.48 31.62
CA THR K 157 -29.24 -18.04 31.93
C THR K 157 -30.18 -19.22 31.69
N VAL K 158 -31.06 -19.49 32.65
CA VAL K 158 -32.01 -20.59 32.58
C VAL K 158 -33.43 -20.05 32.78
N SER K 159 -34.32 -20.37 31.84
CA SER K 159 -35.75 -20.16 31.91
C SER K 159 -36.48 -21.49 31.82
N TRP K 160 -37.77 -21.46 32.08
CA TRP K 160 -38.63 -22.63 31.93
C TRP K 160 -39.75 -22.31 30.95
N ASN K 161 -40.07 -23.27 30.08
CA ASN K 161 -41.19 -23.15 29.14
C ASN K 161 -41.18 -21.80 28.41
N SER K 162 -40.00 -21.43 27.90
CA SER K 162 -39.79 -20.17 27.19
C SER K 162 -40.29 -18.97 27.99
N GLY K 163 -40.07 -19.01 29.30
CA GLY K 163 -40.46 -17.94 30.19
C GLY K 163 -41.94 -17.90 30.54
N ALA K 164 -42.73 -18.86 30.07
CA ALA K 164 -44.14 -18.91 30.45
C ALA K 164 -44.34 -19.47 31.85
N LEU K 165 -43.26 -19.86 32.54
CA LEU K 165 -43.32 -20.44 33.88
C LEU K 165 -42.29 -19.74 34.76
N THR K 166 -42.75 -18.99 35.75
CA THR K 166 -41.84 -18.15 36.52
C THR K 166 -41.96 -18.40 38.02
N SER K 167 -43.14 -18.72 38.50
CA SER K 167 -43.39 -18.71 39.93
C SER K 167 -42.98 -20.05 40.54
N GLY K 168 -42.24 -20.01 41.64
CA GLY K 168 -41.81 -21.23 42.31
C GLY K 168 -40.52 -21.82 41.76
N VAL K 169 -39.88 -21.15 40.85
CA VAL K 169 -38.57 -21.55 40.37
C VAL K 169 -37.50 -21.06 41.34
N HIS K 170 -36.42 -21.82 41.45
CA HIS K 170 -35.18 -21.40 42.11
C HIS K 170 -34.07 -21.83 41.16
N THR K 171 -33.50 -20.88 40.43
CA THR K 171 -32.28 -21.15 39.70
C THR K 171 -31.12 -20.88 40.64
N PHE K 172 -30.48 -21.95 41.12
CA PHE K 172 -29.49 -21.79 42.17
C PHE K 172 -28.21 -21.11 41.61
N PRO K 173 -27.41 -20.51 42.49
CA PRO K 173 -26.15 -19.92 42.03
C PRO K 173 -25.16 -21.01 41.69
N ALA K 174 -24.48 -20.86 40.56
CA ALA K 174 -23.53 -21.86 40.09
C ALA K 174 -22.43 -22.07 41.12
N VAL K 175 -21.88 -23.26 41.15
CA VAL K 175 -20.73 -23.51 42.01
C VAL K 175 -19.56 -23.98 41.15
N LEU K 176 -18.35 -23.76 41.65
CA LEU K 176 -17.12 -24.07 40.93
C LEU K 176 -16.61 -25.42 41.39
N GLN K 177 -16.57 -26.38 40.47
CA GLN K 177 -16.14 -27.73 40.79
C GLN K 177 -14.61 -27.81 40.78
N SER K 178 -14.09 -28.82 41.50
CA SER K 178 -12.68 -29.19 41.39
C SER K 178 -12.26 -29.27 39.94
N SER K 179 -13.15 -29.74 39.08
CA SER K 179 -13.05 -29.62 37.63
C SER K 179 -12.46 -28.28 37.18
N GLY K 180 -12.75 -27.22 37.95
CA GLY K 180 -12.59 -25.89 37.42
C GLY K 180 -13.64 -25.54 36.40
N LEU K 181 -14.77 -26.26 36.39
CA LEU K 181 -15.92 -25.88 35.60
C LEU K 181 -17.10 -25.67 36.53
N TYR K 182 -18.06 -24.90 36.05
CA TYR K 182 -19.23 -24.51 36.83
C TYR K 182 -20.39 -25.45 36.59
N SER K 183 -21.24 -25.59 37.60
CA SER K 183 -22.45 -26.39 37.51
C SER K 183 -23.51 -25.73 38.39
N LEU K 184 -24.77 -25.78 37.95
CA LEU K 184 -25.87 -25.35 38.81
C LEU K 184 -27.12 -26.20 38.57
N SER K 185 -28.07 -26.07 39.50
CA SER K 185 -29.39 -26.66 39.35
C SER K 185 -30.46 -25.57 39.34
N SER K 186 -31.37 -25.67 38.39
CA SER K 186 -32.62 -24.93 38.39
C SER K 186 -33.76 -25.90 38.68
N VAL K 187 -34.64 -25.55 39.62
CA VAL K 187 -35.74 -26.43 40.01
C VAL K 187 -37.02 -25.61 40.15
N VAL K 188 -38.16 -26.29 39.96
CA VAL K 188 -39.47 -25.67 40.13
C VAL K 188 -40.42 -26.68 40.74
N THR K 189 -41.14 -26.28 41.78
CA THR K 189 -42.24 -27.10 42.29
C THR K 189 -43.52 -26.73 41.53
N VAL K 190 -44.21 -27.73 41.01
CA VAL K 190 -45.48 -27.55 40.31
C VAL K 190 -46.48 -28.54 40.88
N PRO K 191 -47.78 -28.33 40.61
CA PRO K 191 -48.80 -29.30 41.03
C PRO K 191 -48.57 -30.67 40.41
N SER K 192 -48.66 -31.72 41.25
CA SER K 192 -48.50 -33.09 40.77
C SER K 192 -49.46 -33.41 39.62
N SER K 193 -50.73 -32.97 39.74
CA SER K 193 -51.74 -33.26 38.73
C SER K 193 -51.39 -32.70 37.35
N SER K 194 -50.40 -31.84 37.23
CA SER K 194 -49.96 -31.38 35.92
C SER K 194 -49.03 -32.37 35.21
N LEU K 195 -48.41 -33.28 35.95
CA LEU K 195 -47.30 -34.07 35.39
C LEU K 195 -47.72 -34.86 34.16
N GLY K 196 -48.96 -35.38 34.15
CA GLY K 196 -49.44 -36.12 32.99
C GLY K 196 -49.77 -35.26 31.79
N THR K 197 -50.23 -34.04 32.03
CA THR K 197 -50.73 -33.21 30.93
C THR K 197 -49.79 -32.09 30.49
N GLN K 198 -49.11 -31.41 31.42
CA GLN K 198 -48.32 -30.22 31.11
C GLN K 198 -46.86 -30.58 30.83
N THR K 199 -46.38 -30.19 29.66
CA THR K 199 -44.98 -30.42 29.30
C THR K 199 -44.07 -29.38 29.96
N TYR K 200 -42.93 -29.84 30.47
CA TYR K 200 -41.95 -28.98 31.12
C TYR K 200 -40.61 -29.05 30.41
N ILE K 201 -40.08 -27.90 30.05
CA ILE K 201 -38.83 -27.79 29.32
C ILE K 201 -38.00 -26.70 29.98
N CYS K 202 -36.76 -27.01 30.35
CA CYS K 202 -35.87 -25.96 30.79
C CYS K 202 -35.00 -25.52 29.62
N ASN K 203 -34.95 -24.21 29.39
CA ASN K 203 -34.15 -23.63 28.31
C ASN K 203 -32.87 -23.08 28.92
N VAL K 204 -31.78 -23.80 28.75
CA VAL K 204 -30.48 -23.34 29.23
C VAL K 204 -29.83 -22.54 28.12
N ASN K 205 -29.07 -21.54 28.50
CA ASN K 205 -28.44 -20.66 27.55
C ASN K 205 -27.02 -20.37 28.01
N HIS K 206 -26.08 -20.38 27.07
CA HIS K 206 -24.68 -20.10 27.40
C HIS K 206 -24.07 -19.37 26.20
N LYS K 207 -24.11 -18.06 26.25
CA LYS K 207 -23.60 -17.24 25.16
C LYS K 207 -22.09 -17.36 24.94
N PRO K 208 -21.24 -17.51 25.96
CA PRO K 208 -19.80 -17.68 25.69
C PRO K 208 -19.49 -18.89 24.81
N SER K 209 -20.44 -19.82 24.64
CA SER K 209 -20.22 -21.01 23.83
C SER K 209 -21.19 -21.09 22.66
N ASN K 210 -22.06 -20.11 22.48
CA ASN K 210 -23.16 -20.18 21.51
C ASN K 210 -23.98 -21.46 21.67
N THR K 211 -24.14 -21.91 22.91
CA THR K 211 -24.98 -23.06 23.21
C THR K 211 -26.22 -22.61 23.96
N LYS K 212 -27.37 -23.10 23.50
CA LYS K 212 -28.61 -23.06 24.26
C LYS K 212 -29.30 -24.39 24.06
N VAL K 213 -29.74 -25.01 25.16
CA VAL K 213 -30.28 -26.36 25.14
C VAL K 213 -31.72 -26.33 25.65
N ASP K 214 -32.55 -27.19 25.07
CA ASP K 214 -33.89 -27.47 25.58
C ASP K 214 -33.98 -28.93 25.99
N LYS K 215 -34.39 -29.19 27.23
CA LYS K 215 -34.50 -30.54 27.76
C LYS K 215 -35.89 -30.71 28.35
N LYS K 216 -36.67 -31.66 27.82
CA LYS K 216 -37.97 -31.95 28.39
C LYS K 216 -37.80 -32.86 29.61
N VAL K 217 -38.36 -32.43 30.74
CA VAL K 217 -38.25 -33.19 31.99
C VAL K 217 -39.56 -33.98 32.20
N GLU K 218 -39.45 -35.31 32.21
CA GLU K 218 -40.60 -36.19 32.26
C GLU K 218 -40.62 -37.04 33.52
N PRO K 219 -41.81 -37.35 34.03
CA PRO K 219 -41.91 -38.22 35.22
C PRO K 219 -41.32 -39.59 34.94
N LYS K 220 -40.64 -40.14 35.96
CA LYS K 220 -39.82 -41.35 35.84
C LYS K 220 -40.62 -42.50 35.25
N SER K 221 -39.90 -43.44 34.63
CA SER K 221 -40.47 -44.68 34.15
C SER K 221 -40.19 -45.84 35.12
N CYS K 222 -40.74 -47.00 34.81
CA CYS K 222 -40.42 -48.26 35.53
C CYS K 222 -41.01 -49.47 34.79
N GLU L 1 -2.84 1.79 54.01
CA GLU L 1 -4.24 2.03 53.67
C GLU L 1 -5.13 2.05 54.89
N ILE L 2 -6.25 2.75 54.79
CA ILE L 2 -7.22 2.77 55.88
C ILE L 2 -8.20 1.62 55.70
N VAL L 3 -8.39 0.86 56.76
CA VAL L 3 -9.24 -0.32 56.75
C VAL L 3 -10.60 0.07 57.30
N MET L 4 -11.62 0.00 56.44
CA MET L 4 -13.00 0.20 56.86
C MET L 4 -13.58 -1.16 57.27
N THR L 5 -14.25 -1.18 58.43
CA THR L 5 -14.68 -2.41 59.08
C THR L 5 -16.13 -2.25 59.54
N GLN L 6 -17.00 -3.13 59.05
CA GLN L 6 -18.43 -2.98 59.26
C GLN L 6 -18.93 -4.06 60.21
N SER L 7 -19.70 -3.65 61.21
CA SER L 7 -20.34 -4.50 62.18
C SER L 7 -21.85 -4.32 62.13
N PRO L 8 -22.62 -5.43 62.19
CA PRO L 8 -22.02 -6.75 62.07
C PRO L 8 -22.04 -7.14 60.60
N ALA L 9 -21.60 -8.35 60.25
CA ALA L 9 -21.68 -8.78 58.86
C ALA L 9 -23.13 -8.88 58.42
N THR L 10 -23.99 -9.41 59.28
CA THR L 10 -25.37 -9.70 58.93
C THR L 10 -26.30 -9.11 59.97
N LEU L 11 -27.39 -8.52 59.50
CA LEU L 11 -28.42 -7.96 60.37
C LEU L 11 -29.76 -8.50 59.91
N SER L 12 -30.50 -9.12 60.82
CA SER L 12 -31.77 -9.76 60.49
C SER L 12 -32.88 -8.96 61.17
N VAL L 13 -33.62 -8.19 60.39
CA VAL L 13 -34.58 -7.23 60.93
C VAL L 13 -35.97 -7.51 60.36
N SER L 14 -37.04 -7.22 61.19
CA SER L 14 -38.41 -7.29 60.66
C SER L 14 -38.70 -6.09 59.77
N PRO L 15 -39.56 -6.26 58.76
CA PRO L 15 -40.01 -5.10 57.96
C PRO L 15 -40.63 -4.03 58.85
N GLY L 16 -40.33 -2.77 58.54
CA GLY L 16 -40.75 -1.66 59.38
C GLY L 16 -39.86 -1.36 60.57
N GLU L 17 -38.93 -2.24 60.91
CA GLU L 17 -38.09 -2.00 62.07
C GLU L 17 -36.99 -0.97 61.78
N ARG L 18 -36.52 -0.32 62.85
CA ARG L 18 -35.38 0.57 62.77
C ARG L 18 -34.07 -0.21 62.86
N ALA L 19 -33.11 0.16 62.02
CA ALA L 19 -31.82 -0.52 62.00
C ALA L 19 -30.71 0.50 61.83
N THR L 20 -29.52 0.13 62.33
CA THR L 20 -28.33 0.97 62.21
C THR L 20 -27.14 0.10 61.85
N LEU L 21 -26.57 0.35 60.67
CA LEU L 21 -25.34 -0.28 60.23
C LEU L 21 -24.15 0.61 60.59
N SER L 22 -23.05 0.00 61.01
CA SER L 22 -21.99 0.78 61.61
C SER L 22 -20.63 0.39 61.07
N CYS L 23 -19.81 1.39 60.80
CA CYS L 23 -18.61 1.30 59.98
C CYS L 23 -17.52 2.17 60.57
N LYS L 24 -16.36 1.56 60.77
CA LYS L 24 -15.27 2.15 61.52
C LYS L 24 -14.02 2.18 60.65
N ALA L 25 -13.29 3.29 60.76
CA ALA L 25 -12.03 3.49 60.08
C ALA L 25 -10.87 3.36 61.08
N SER L 26 -9.73 2.86 60.59
CA SER L 26 -8.54 2.64 61.40
C SER L 26 -7.70 3.91 61.56
N GLN L 27 -7.89 4.89 60.68
CA GLN L 27 -7.30 6.21 60.80
C GLN L 27 -8.40 7.25 60.67
N ASP L 28 -8.09 8.47 61.12
CA ASP L 28 -9.01 9.58 60.95
C ASP L 28 -9.33 9.78 59.48
N VAL L 29 -10.61 9.89 59.16
CA VAL L 29 -11.04 10.16 57.79
C VAL L 29 -11.94 11.38 57.73
N GLY L 30 -11.98 12.17 58.80
CA GLY L 30 -12.80 13.36 58.83
C GLY L 30 -14.26 13.05 58.56
N THR L 31 -14.76 13.49 57.40
CA THR L 31 -16.13 13.18 57.00
C THR L 31 -16.20 12.73 55.54
N SER L 32 -15.08 12.29 54.98
CA SER L 32 -15.08 11.75 53.62
C SER L 32 -15.48 10.27 53.63
N VAL L 33 -16.76 10.04 53.92
CA VAL L 33 -17.32 8.70 54.03
C VAL L 33 -18.63 8.69 53.26
N ALA L 34 -18.71 7.84 52.25
CA ALA L 34 -19.95 7.60 51.53
C ALA L 34 -20.53 6.25 51.93
N TRP L 35 -21.85 6.11 51.79
CA TRP L 35 -22.54 4.84 52.01
C TRP L 35 -23.24 4.42 50.74
N TYR L 36 -23.13 3.13 50.41
CA TYR L 36 -23.69 2.57 49.19
C TYR L 36 -24.55 1.34 49.47
N GLN L 37 -25.65 1.18 48.74
CA GLN L 37 -26.51 0.01 48.82
C GLN L 37 -26.33 -0.83 47.55
N GLN L 38 -26.26 -2.15 47.72
CA GLN L 38 -26.17 -3.06 46.58
C GLN L 38 -27.04 -4.27 46.81
N LYS L 39 -27.85 -4.57 45.80
CA LYS L 39 -28.68 -5.76 45.75
C LYS L 39 -28.10 -6.73 44.72
N PRO L 40 -28.14 -8.04 44.97
CA PRO L 40 -27.29 -8.97 44.20
C PRO L 40 -27.60 -8.92 42.71
N GLY L 41 -26.53 -8.88 41.90
CA GLY L 41 -26.63 -8.79 40.45
C GLY L 41 -26.85 -7.40 39.88
N GLN L 42 -26.79 -6.35 40.70
CA GLN L 42 -26.95 -4.99 40.21
C GLN L 42 -25.85 -4.09 40.76
N ALA L 43 -25.67 -2.97 40.06
CA ALA L 43 -24.64 -2.00 40.42
C ALA L 43 -24.95 -1.37 41.78
N PRO L 44 -23.94 -0.90 42.48
CA PRO L 44 -24.20 -0.16 43.73
C PRO L 44 -24.84 1.19 43.47
N ARG L 45 -25.64 1.62 44.42
CA ARG L 45 -26.32 2.91 44.34
C ARG L 45 -25.85 3.77 45.52
N LEU L 46 -25.49 5.02 45.22
CA LEU L 46 -25.07 5.91 46.29
C LEU L 46 -26.26 6.38 47.11
N LEU L 47 -26.11 6.27 48.43
CA LEU L 47 -27.09 6.71 49.41
C LEU L 47 -26.67 7.99 50.11
N ILE L 48 -25.46 8.00 50.66
CA ILE L 48 -24.98 9.08 51.51
C ILE L 48 -23.55 9.42 51.12
N TYR L 49 -23.25 10.71 51.04
CA TYR L 49 -21.89 11.21 50.89
C TYR L 49 -21.65 12.25 51.97
N TRP L 50 -20.39 12.62 52.17
CA TRP L 50 -20.01 13.57 53.20
C TRP L 50 -20.43 13.11 54.60
N ALA L 51 -20.60 11.80 54.77
CA ALA L 51 -21.07 11.15 55.99
C ALA L 51 -22.57 11.32 56.23
N SER L 52 -23.11 12.53 55.96
CA SER L 52 -24.48 12.83 56.36
C SER L 52 -25.35 13.44 55.26
N ALA L 53 -24.81 13.84 54.12
CA ALA L 53 -25.66 14.34 53.04
C ALA L 53 -26.36 13.19 52.33
N ARG L 54 -27.63 13.39 52.00
CA ARG L 54 -28.42 12.37 51.32
C ARG L 54 -28.42 12.62 49.81
N HIS L 55 -28.03 11.61 49.04
CA HIS L 55 -28.08 11.69 47.59
C HIS L 55 -29.51 12.03 47.16
N THR L 56 -29.62 12.70 46.02
CA THR L 56 -30.96 12.99 45.50
C THR L 56 -31.68 11.66 45.20
N GLY L 57 -33.01 11.71 45.26
CA GLY L 57 -33.81 10.53 45.01
C GLY L 57 -33.93 9.56 46.17
N ILE L 58 -33.18 9.77 47.26
CA ILE L 58 -33.08 8.77 48.32
C ILE L 58 -34.12 9.03 49.40
N PRO L 59 -34.88 8.02 49.83
CA PRO L 59 -35.89 8.26 50.87
C PRO L 59 -35.30 8.81 52.15
N ALA L 60 -36.08 9.64 52.83
CA ALA L 60 -35.60 10.30 54.03
C ALA L 60 -35.51 9.37 55.23
N ARG L 61 -36.03 8.14 55.14
CA ARG L 61 -35.77 7.18 56.20
C ARG L 61 -34.31 6.78 56.27
N PHE L 62 -33.49 7.23 55.33
CA PHE L 62 -32.07 6.95 55.30
C PHE L 62 -31.30 8.13 55.92
N SER L 63 -30.70 7.91 57.08
CA SER L 63 -29.93 8.91 57.80
C SER L 63 -28.47 8.50 57.89
N GLY L 64 -27.57 9.45 57.69
CA GLY L 64 -26.14 9.22 57.86
C GLY L 64 -25.58 10.06 58.99
N SER L 65 -24.73 9.45 59.81
CA SER L 65 -24.16 10.13 60.98
C SER L 65 -22.70 9.72 61.14
N GLY L 66 -21.94 10.56 61.84
CA GLY L 66 -20.56 10.24 62.16
C GLY L 66 -19.47 11.15 61.63
N SER L 67 -18.36 11.21 62.37
CA SER L 67 -17.16 11.90 61.93
C SER L 67 -15.97 11.28 62.64
N GLY L 68 -14.80 11.43 62.02
CA GLY L 68 -13.54 10.98 62.62
C GLY L 68 -13.23 9.53 62.25
N THR L 69 -13.42 8.63 63.21
CA THR L 69 -13.13 7.21 63.02
C THR L 69 -14.38 6.34 62.90
N GLU L 70 -15.55 6.85 63.26
CA GLU L 70 -16.71 6.01 63.56
C GLU L 70 -17.96 6.60 62.94
N PHE L 71 -18.58 5.85 62.05
CA PHE L 71 -19.76 6.33 61.33
C PHE L 71 -20.86 5.29 61.45
N THR L 72 -22.10 5.75 61.26
CA THR L 72 -23.28 4.89 61.28
C THR L 72 -24.23 5.32 60.18
N LEU L 73 -24.95 4.33 59.64
CA LEU L 73 -26.05 4.57 58.70
C LEU L 73 -27.32 4.08 59.34
N THR L 74 -28.40 4.86 59.20
CA THR L 74 -29.65 4.52 59.87
C THR L 74 -30.79 4.47 58.86
N ILE L 75 -31.60 3.41 58.97
CA ILE L 75 -32.83 3.22 58.21
C ILE L 75 -33.96 3.29 59.22
N SER L 76 -34.75 4.38 59.21
CA SER L 76 -35.73 4.54 60.28
C SER L 76 -36.85 3.52 60.18
N SER L 77 -37.05 2.91 59.01
CA SER L 77 -38.18 2.00 58.85
C SER L 77 -37.85 1.12 57.67
N LEU L 78 -37.47 -0.10 57.95
CA LEU L 78 -36.97 -1.02 56.93
C LEU L 78 -38.10 -1.47 56.01
N GLN L 79 -38.10 -0.96 54.77
CA GLN L 79 -39.06 -1.29 53.75
C GLN L 79 -38.54 -2.43 52.87
N SER L 80 -39.45 -3.03 52.07
CA SER L 80 -39.17 -4.28 51.36
C SER L 80 -37.85 -4.21 50.61
N GLU L 81 -37.65 -3.12 49.84
CA GLU L 81 -36.50 -2.96 48.98
C GLU L 81 -35.32 -2.32 49.68
N ASP L 82 -35.39 -2.16 51.01
CA ASP L 82 -34.22 -1.72 51.75
C ASP L 82 -33.32 -2.89 52.16
N PHE L 83 -33.77 -4.12 51.91
CA PHE L 83 -32.99 -5.29 52.22
C PHE L 83 -31.97 -5.53 51.12
N ALA L 84 -30.69 -5.48 51.51
CA ALA L 84 -29.57 -5.48 50.59
C ALA L 84 -28.31 -5.59 51.42
N VAL L 85 -27.17 -5.38 50.76
CA VAL L 85 -25.89 -5.23 51.43
C VAL L 85 -25.45 -3.79 51.26
N TYR L 86 -25.07 -3.15 52.37
CA TYR L 86 -24.69 -1.74 52.41
C TYR L 86 -23.20 -1.64 52.73
N TYR L 87 -22.43 -1.06 51.81
CA TYR L 87 -21.02 -0.78 52.00
C TYR L 87 -20.77 0.69 52.33
N CYS L 88 -19.90 0.95 53.31
CA CYS L 88 -19.32 2.28 53.48
C CYS L 88 -18.00 2.37 52.71
N GLN L 89 -17.64 3.60 52.31
CA GLN L 89 -16.39 3.86 51.60
C GLN L 89 -15.75 5.13 52.12
N GLN L 90 -14.42 5.15 52.15
CA GLN L 90 -13.68 6.35 52.50
C GLN L 90 -13.00 6.92 51.26
N TYR L 91 -12.99 8.26 51.15
CA TYR L 91 -12.25 8.93 50.08
C TYR L 91 -11.40 10.08 50.62
N SER L 92 -11.10 10.08 51.92
CA SER L 92 -10.21 11.07 52.51
C SER L 92 -8.81 11.03 51.87
N SER L 93 -8.34 9.84 51.49
CA SER L 93 -6.98 9.69 50.96
C SER L 93 -6.86 8.35 50.23
N TYR L 94 -5.82 8.25 49.40
CA TYR L 94 -5.53 7.08 48.60
C TYR L 94 -4.78 6.03 49.41
N PRO L 95 -4.98 4.73 49.09
CA PRO L 95 -5.97 4.28 48.10
C PRO L 95 -7.38 4.30 48.69
N LEU L 96 -8.39 4.66 47.89
CA LEU L 96 -9.78 4.67 48.36
C LEU L 96 -10.19 3.27 48.80
N THR L 97 -10.68 3.15 50.04
CA THR L 97 -11.02 1.84 50.56
C THR L 97 -12.48 1.74 51.00
N PHE L 98 -13.05 0.55 50.81
CA PHE L 98 -14.43 0.23 51.16
C PHE L 98 -14.49 -0.63 52.43
N GLY L 99 -15.71 -0.74 52.96
CA GLY L 99 -15.99 -1.73 53.99
C GLY L 99 -16.25 -3.12 53.40
N GLY L 100 -16.28 -4.12 54.29
CA GLY L 100 -16.57 -5.45 53.81
C GLY L 100 -18.03 -5.76 53.64
N GLY L 101 -18.90 -4.78 53.85
CA GLY L 101 -20.34 -4.88 53.69
C GLY L 101 -21.03 -5.36 54.95
N THR L 102 -22.30 -4.99 55.07
CA THR L 102 -23.20 -5.61 56.02
C THR L 102 -24.45 -5.96 55.24
N LYS L 103 -24.75 -7.26 55.15
CA LYS L 103 -26.04 -7.66 54.62
C LYS L 103 -27.11 -7.50 55.69
N VAL L 104 -28.19 -6.83 55.35
CA VAL L 104 -29.34 -6.74 56.23
C VAL L 104 -30.47 -7.55 55.60
N GLU L 105 -31.04 -8.43 56.39
CA GLU L 105 -31.86 -9.54 55.92
C GLU L 105 -33.21 -9.48 56.61
N ILE L 106 -34.25 -10.01 55.92
CA ILE L 106 -35.61 -10.03 56.45
C ILE L 106 -35.72 -11.07 57.54
N LYS L 107 -36.34 -10.73 58.64
CA LYS L 107 -36.57 -11.67 59.72
C LYS L 107 -38.02 -12.12 59.65
N ARG L 108 -38.24 -13.41 59.40
CA ARG L 108 -39.56 -13.99 59.39
C ARG L 108 -39.60 -15.12 60.42
N THR L 109 -40.75 -15.78 60.54
CA THR L 109 -40.83 -16.89 61.46
C THR L 109 -40.14 -18.11 60.88
N VAL L 110 -39.75 -19.00 61.78
CA VAL L 110 -39.10 -20.25 61.40
C VAL L 110 -40.00 -21.05 60.46
N ALA L 111 -39.37 -21.67 59.46
CA ALA L 111 -40.03 -22.50 58.46
C ALA L 111 -39.14 -23.70 58.16
N ALA L 112 -39.55 -24.90 58.56
CA ALA L 112 -38.80 -26.10 58.23
C ALA L 112 -38.77 -26.29 56.71
N PRO L 113 -37.72 -26.91 56.17
CA PRO L 113 -37.66 -27.12 54.72
C PRO L 113 -38.48 -28.32 54.28
N SER L 114 -38.98 -28.23 53.06
CA SER L 114 -39.49 -29.40 52.39
C SER L 114 -38.33 -30.00 51.61
N VAL L 115 -38.06 -31.28 51.83
CA VAL L 115 -36.84 -31.94 51.35
C VAL L 115 -37.18 -32.89 50.22
N PHE L 116 -36.30 -32.92 49.21
CA PHE L 116 -36.49 -33.75 48.03
C PHE L 116 -35.14 -34.18 47.51
N ILE L 117 -35.04 -35.43 47.08
CA ILE L 117 -33.78 -35.95 46.58
C ILE L 117 -34.00 -36.50 45.18
N PHE L 118 -32.98 -36.37 44.32
CA PHE L 118 -33.02 -36.80 42.93
C PHE L 118 -31.86 -37.76 42.61
N PRO L 119 -32.11 -38.99 42.17
CA PRO L 119 -31.04 -39.83 41.63
C PRO L 119 -30.56 -39.27 40.30
N PRO L 120 -29.46 -39.77 39.78
CA PRO L 120 -28.94 -39.20 38.52
C PRO L 120 -29.73 -39.67 37.32
N SER L 121 -29.85 -38.78 36.34
CA SER L 121 -30.48 -39.15 35.09
C SER L 121 -29.77 -40.35 34.48
N ASP L 122 -30.54 -41.19 33.80
CA ASP L 122 -29.89 -42.29 33.12
C ASP L 122 -28.98 -41.77 32.02
N GLU L 123 -29.36 -40.65 31.39
CA GLU L 123 -28.50 -40.06 30.37
C GLU L 123 -27.17 -39.60 30.95
N GLN L 124 -27.16 -39.17 32.21
CA GLN L 124 -25.90 -38.74 32.80
C GLN L 124 -24.99 -39.93 33.10
N LEU L 125 -25.58 -41.03 33.57
CA LEU L 125 -24.78 -42.22 33.88
C LEU L 125 -24.08 -42.74 32.64
N LYS L 126 -24.69 -42.55 31.47
CA LYS L 126 -24.08 -42.98 30.22
C LYS L 126 -22.80 -42.24 29.93
N SER L 127 -22.53 -41.14 30.64
CA SER L 127 -21.33 -40.34 30.45
C SER L 127 -20.18 -40.83 31.31
N GLY L 128 -20.46 -41.55 32.39
CA GLY L 128 -19.48 -41.99 33.36
C GLY L 128 -19.64 -41.38 34.74
N THR L 129 -20.39 -40.30 34.85
CA THR L 129 -20.54 -39.58 36.11
C THR L 129 -21.94 -39.75 36.68
N ALA L 130 -22.03 -39.73 38.02
CA ALA L 130 -23.29 -39.69 38.76
C ALA L 130 -23.31 -38.48 39.68
N SER L 131 -24.27 -37.58 39.47
CA SER L 131 -24.59 -36.53 40.42
C SER L 131 -25.94 -36.81 41.07
N VAL L 132 -26.02 -36.59 42.38
CA VAL L 132 -27.23 -36.84 43.15
C VAL L 132 -27.61 -35.57 43.89
N VAL L 133 -28.75 -34.97 43.53
CA VAL L 133 -29.17 -33.68 44.05
C VAL L 133 -30.10 -33.88 45.24
N CYS L 134 -29.86 -33.11 46.29
CA CYS L 134 -30.76 -33.02 47.43
C CYS L 134 -31.20 -31.56 47.57
N LEU L 135 -32.51 -31.35 47.66
CA LEU L 135 -33.10 -30.01 47.54
C LEU L 135 -33.82 -29.68 48.83
N LEU L 136 -33.36 -28.64 49.51
CA LEU L 136 -34.03 -28.10 50.68
C LEU L 136 -34.79 -26.86 50.21
N ASN L 137 -36.11 -26.90 50.28
CA ASN L 137 -36.91 -25.86 49.65
C ASN L 137 -37.62 -25.02 50.69
N ASN L 138 -37.40 -23.69 50.60
CA ASN L 138 -38.17 -22.63 51.25
C ASN L 138 -38.19 -22.76 52.77
N PHE L 139 -37.03 -22.47 53.37
CA PHE L 139 -36.89 -22.51 54.82
C PHE L 139 -36.42 -21.16 55.37
N TYR L 140 -36.49 -21.05 56.70
CA TYR L 140 -35.95 -19.92 57.42
C TYR L 140 -35.68 -20.39 58.83
N PRO L 141 -34.56 -19.98 59.46
CA PRO L 141 -33.46 -19.15 58.92
C PRO L 141 -32.50 -19.87 57.95
N ARG L 142 -31.53 -19.11 57.41
CA ARG L 142 -30.63 -19.59 56.37
C ARG L 142 -29.81 -20.79 56.79
N GLU L 143 -29.63 -21.02 58.09
CA GLU L 143 -28.72 -22.03 58.58
C GLU L 143 -29.31 -23.42 58.38
N ALA L 144 -28.64 -24.23 57.56
CA ALA L 144 -29.02 -25.63 57.36
C ALA L 144 -27.76 -26.47 57.23
N LYS L 145 -27.89 -27.75 57.55
CA LYS L 145 -26.81 -28.71 57.39
C LYS L 145 -27.35 -29.96 56.72
N VAL L 146 -26.76 -30.33 55.59
CA VAL L 146 -27.11 -31.55 54.88
C VAL L 146 -25.96 -32.53 55.02
N GLN L 147 -26.30 -33.81 55.18
CA GLN L 147 -25.35 -34.89 55.31
C GLN L 147 -25.65 -35.97 54.28
N TRP L 148 -24.65 -36.36 53.51
CA TRP L 148 -24.80 -37.47 52.59
C TRP L 148 -24.33 -38.75 53.24
N LYS L 149 -25.17 -39.79 53.24
CA LYS L 149 -24.82 -41.12 53.70
C LYS L 149 -25.09 -42.11 52.57
N VAL L 150 -24.04 -42.79 52.11
CA VAL L 150 -24.20 -43.86 51.13
C VAL L 150 -24.03 -45.20 51.86
N ASP L 151 -25.07 -46.03 51.81
CA ASP L 151 -25.16 -47.22 52.67
C ASP L 151 -24.75 -46.89 54.10
N ASN L 152 -25.21 -45.72 54.57
CA ASN L 152 -24.99 -45.19 55.92
C ASN L 152 -23.51 -44.94 56.23
N ALA L 153 -22.72 -44.66 55.20
CA ALA L 153 -21.37 -44.12 55.37
C ALA L 153 -21.42 -42.64 55.00
N LEU L 154 -21.05 -41.79 55.96
CA LEU L 154 -21.29 -40.35 55.86
C LEU L 154 -20.29 -39.68 54.94
N GLN L 155 -20.66 -39.53 53.67
CA GLN L 155 -19.77 -38.95 52.66
C GLN L 155 -19.28 -37.57 53.08
N SER L 156 -18.09 -37.24 52.58
CA SER L 156 -17.37 -36.02 52.89
C SER L 156 -16.46 -35.70 51.71
N GLY L 157 -16.28 -34.43 51.41
CA GLY L 157 -15.42 -34.06 50.31
C GLY L 157 -15.94 -34.36 48.92
N ASN L 158 -17.13 -34.94 48.78
CA ASN L 158 -17.67 -35.23 47.47
C ASN L 158 -19.03 -34.56 47.25
N SER L 159 -19.35 -33.55 48.04
CA SER L 159 -20.61 -32.81 47.93
C SER L 159 -20.29 -31.33 47.83
N GLN L 160 -21.22 -30.58 47.20
CA GLN L 160 -21.10 -29.14 47.10
C GLN L 160 -22.48 -28.52 47.23
N GLU L 161 -22.56 -27.39 47.94
CA GLU L 161 -23.81 -26.73 48.31
C GLU L 161 -23.98 -25.40 47.60
N SER L 162 -25.24 -25.02 47.40
CA SER L 162 -25.64 -23.75 46.84
C SER L 162 -26.89 -23.29 47.56
N VAL L 163 -26.99 -21.98 47.79
CA VAL L 163 -28.13 -21.36 48.47
C VAL L 163 -28.62 -20.19 47.64
N THR L 164 -29.93 -20.03 47.55
CA THR L 164 -30.54 -18.95 46.80
C THR L 164 -30.55 -17.69 47.64
N GLU L 165 -30.52 -16.55 46.98
CA GLU L 165 -30.81 -15.32 47.69
C GLU L 165 -32.20 -15.40 48.33
N GLN L 166 -32.40 -14.66 49.42
CA GLN L 166 -33.68 -14.70 50.12
C GLN L 166 -34.82 -14.35 49.16
N ASP L 167 -35.90 -15.13 49.22
CA ASP L 167 -36.94 -15.01 48.21
C ASP L 167 -37.76 -13.74 48.42
N SER L 168 -38.02 -13.06 47.31
CA SER L 168 -38.73 -11.79 47.32
C SER L 168 -40.06 -11.89 48.06
N LYS L 169 -40.94 -12.78 47.61
CA LYS L 169 -42.34 -12.74 48.02
C LYS L 169 -42.59 -13.42 49.37
N ASP L 170 -41.84 -14.45 49.75
CA ASP L 170 -42.10 -15.18 50.99
C ASP L 170 -40.90 -15.21 51.92
N SER L 171 -39.79 -14.61 51.50
CA SER L 171 -38.59 -14.43 52.32
C SER L 171 -37.94 -15.74 52.72
N THR L 172 -38.07 -16.79 51.89
CA THR L 172 -37.49 -18.08 52.25
C THR L 172 -36.11 -18.27 51.62
N TYR L 173 -35.35 -19.19 52.19
CA TYR L 173 -34.13 -19.67 51.56
C TYR L 173 -34.36 -21.09 51.07
N SER L 174 -33.58 -21.47 50.06
CA SER L 174 -33.55 -22.82 49.54
C SER L 174 -32.10 -23.19 49.22
N LEU L 175 -31.80 -24.49 49.31
CA LEU L 175 -30.44 -24.99 49.14
C LEU L 175 -30.45 -26.21 48.24
N SER L 176 -29.39 -26.39 47.46
CA SER L 176 -29.19 -27.59 46.65
C SER L 176 -27.80 -28.14 46.91
N SER L 177 -27.72 -29.32 47.52
CA SER L 177 -26.48 -30.05 47.73
C SER L 177 -26.34 -31.17 46.71
N THR L 178 -25.26 -31.16 45.95
CA THR L 178 -25.04 -32.13 44.90
C THR L 178 -23.92 -33.07 45.30
N LEU L 179 -24.14 -34.37 45.08
CA LEU L 179 -23.17 -35.41 45.43
C LEU L 179 -22.75 -36.14 44.18
N THR L 180 -21.44 -36.24 43.95
CA THR L 180 -20.90 -36.72 42.68
C THR L 180 -19.95 -37.91 42.88
N LEU L 181 -20.24 -39.00 42.17
CA LEU L 181 -19.40 -40.19 42.14
C LEU L 181 -19.26 -40.62 40.69
N SER L 182 -18.36 -41.59 40.47
CA SER L 182 -18.30 -42.29 39.19
C SER L 182 -19.62 -43.02 38.94
N LYS L 183 -19.93 -43.23 37.67
CA LYS L 183 -20.81 -44.34 37.35
C LYS L 183 -20.42 -45.54 38.19
N ALA L 184 -19.18 -45.98 38.00
CA ALA L 184 -18.65 -47.13 38.74
C ALA L 184 -18.94 -47.02 40.23
N ASP L 185 -18.51 -45.92 40.84
CA ASP L 185 -18.73 -45.75 42.28
C ASP L 185 -20.21 -45.82 42.61
N TYR L 186 -21.05 -45.29 41.72
CA TYR L 186 -22.47 -45.22 42.00
C TYR L 186 -23.13 -46.59 41.96
N GLU L 187 -22.58 -47.53 41.17
CA GLU L 187 -23.23 -48.82 41.01
C GLU L 187 -22.75 -49.85 42.02
N LYS L 188 -21.90 -49.45 42.97
CA LYS L 188 -21.40 -50.32 44.02
C LYS L 188 -22.09 -50.06 45.36
N HIS L 189 -23.25 -49.40 45.37
CA HIS L 189 -23.90 -49.02 46.60
C HIS L 189 -25.40 -48.98 46.39
N LYS L 190 -26.16 -49.23 47.46
CA LYS L 190 -27.61 -49.40 47.32
C LYS L 190 -28.41 -48.18 47.73
N VAL L 191 -28.33 -47.77 49.00
CA VAL L 191 -29.14 -46.68 49.54
C VAL L 191 -28.34 -45.38 49.54
N TYR L 192 -28.92 -44.34 48.91
CA TYR L 192 -28.40 -42.98 48.95
C TYR L 192 -29.37 -42.16 49.79
N ALA L 193 -28.90 -41.70 50.94
CA ALA L 193 -29.70 -40.91 51.84
C ALA L 193 -29.21 -39.47 51.86
N CYS L 194 -30.13 -38.57 52.15
CA CYS L 194 -29.84 -37.15 52.39
C CYS L 194 -30.41 -36.79 53.74
N GLU L 195 -29.57 -36.40 54.67
CA GLU L 195 -30.01 -36.11 56.03
C GLU L 195 -29.83 -34.63 56.34
N VAL L 196 -30.88 -34.03 56.89
CA VAL L 196 -31.02 -32.58 57.01
C VAL L 196 -31.32 -32.23 58.46
N THR L 197 -30.52 -31.32 59.00
CA THR L 197 -30.78 -30.71 60.30
C THR L 197 -31.19 -29.27 60.09
N HIS L 198 -32.26 -28.85 60.77
CA HIS L 198 -32.70 -27.46 60.68
C HIS L 198 -33.44 -27.09 61.95
N GLN L 199 -33.52 -25.79 62.21
CA GLN L 199 -34.17 -25.34 63.43
C GLN L 199 -35.66 -25.65 63.40
N GLY L 200 -36.33 -25.41 62.26
CA GLY L 200 -37.75 -25.67 62.11
C GLY L 200 -38.15 -27.15 62.08
N LEU L 201 -37.18 -28.07 62.05
CA LEU L 201 -37.44 -29.49 62.17
C LEU L 201 -37.27 -29.93 63.62
N SER L 202 -38.21 -30.74 64.08
CA SER L 202 -38.14 -31.41 65.37
C SER L 202 -36.84 -32.20 65.46
N SER L 203 -36.77 -33.27 64.68
CA SER L 203 -35.61 -34.13 64.53
C SER L 203 -35.17 -34.10 63.07
N PRO L 204 -33.91 -34.43 62.79
CA PRO L 204 -33.43 -34.33 61.41
C PRO L 204 -34.20 -35.25 60.48
N VAL L 205 -34.46 -34.74 59.27
CA VAL L 205 -35.26 -35.41 58.26
C VAL L 205 -34.34 -36.04 57.24
N THR L 206 -34.66 -37.27 56.82
CA THR L 206 -33.85 -37.98 55.84
C THR L 206 -34.70 -38.36 54.64
N LYS L 207 -34.21 -38.03 53.44
CA LYS L 207 -34.77 -38.54 52.19
C LYS L 207 -33.77 -39.51 51.56
N SER L 208 -34.28 -40.58 50.96
CA SER L 208 -33.40 -41.65 50.52
C SER L 208 -34.08 -42.46 49.43
N PHE L 209 -33.29 -42.92 48.47
CA PHE L 209 -33.75 -43.86 47.44
C PHE L 209 -32.76 -45.02 47.33
N ASN L 210 -33.24 -46.10 46.72
CA ASN L 210 -32.45 -47.29 46.42
C ASN L 210 -32.17 -47.34 44.93
N ARG L 211 -30.89 -47.47 44.57
CA ARG L 211 -30.47 -47.28 43.18
C ARG L 211 -31.19 -48.25 42.25
N GLY L 212 -31.74 -47.73 41.15
CA GLY L 212 -32.47 -48.53 40.18
C GLY L 212 -33.86 -48.98 40.60
N GLU L 213 -34.23 -48.82 41.88
CA GLU L 213 -35.54 -49.19 42.39
C GLU L 213 -36.50 -48.00 42.25
N CYS L 214 -37.78 -48.32 42.05
CA CYS L 214 -38.79 -47.29 41.77
C CYS L 214 -39.68 -46.97 43.00
#